data_4LI4
# 
_entry.id   4LI4 
# 
_audit_conform.dict_name       mmcif_pdbx.dic 
_audit_conform.dict_version    5.381 
_audit_conform.dict_location   http://mmcif.pdb.org/dictionaries/ascii/mmcif_pdbx.dic 
# 
loop_
_database_2.database_id 
_database_2.database_code 
_database_2.pdbx_database_accession 
_database_2.pdbx_DOI 
PDB   4LI4         pdb_00004li4 10.2210/pdb4li4/pdb 
RCSB  RCSB080658   ?            ?                   
WWPDB D_1000080658 ?            ?                   
# 
_pdbx_database_status.status_code                     REL 
_pdbx_database_status.entry_id                        4LI4 
_pdbx_database_status.recvd_initial_deposition_date   2013-07-02 
_pdbx_database_status.deposit_site                    RCSB 
_pdbx_database_status.process_site                    PDBJ 
_pdbx_database_status.methods_development_category    ? 
_pdbx_database_status.status_code_sf                  REL 
_pdbx_database_status.status_code_mr                  ? 
_pdbx_database_status.SG_entry                        ? 
_pdbx_database_status.status_code_cs                  ? 
_pdbx_database_status.pdb_format_compatible           Y 
_pdbx_database_status.status_code_nmr_data            ? 
# 
loop_
_audit_author.name 
_audit_author.pdbx_ordinal 
'Lin, S.Y.' 1 
'Liu, C.L.' 2 
'Hou, M.H.' 3 
# 
_citation.id                        primary 
_citation.title                     
'Structural basis for the identification of the N-terminal domain of coronavirus nucleocapsid protein as an antiviral target' 
_citation.journal_abbrev            J.Med.Chem. 
_citation.journal_volume            57 
_citation.page_first                2247 
_citation.page_last                 2257 
_citation.year                      2014 
_citation.journal_id_ASTM           JMCMAR 
_citation.country                   US 
_citation.journal_id_ISSN           0022-2623 
_citation.journal_id_CSD            0151 
_citation.book_publisher            ? 
_citation.pdbx_database_id_PubMed   24564608 
_citation.pdbx_database_id_DOI      10.1021/jm500089r 
# 
loop_
_citation_author.citation_id 
_citation_author.name 
_citation_author.ordinal 
_citation_author.identifier_ORCID 
primary 'Lin, S.Y.'   1 ? 
primary 'Liu, C.L.'   2 ? 
primary 'Chang, Y.M.' 3 ? 
primary 'Zhao, J.'    4 ? 
primary 'Perlman, S.' 5 ? 
primary 'Hou, M.H.'   6 ? 
# 
_cell.entry_id           4LI4 
_cell.length_a           81.919 
_cell.length_b           81.919 
_cell.length_c           42.893 
_cell.angle_alpha        90.00 
_cell.angle_beta         90.00 
_cell.angle_gamma        120.00 
_cell.Z_PDB              6 
_cell.pdbx_unique_axis   ? 
# 
_symmetry.entry_id                         4LI4 
_symmetry.space_group_name_H-M             'P 65' 
_symmetry.pdbx_full_space_group_name_H-M   ? 
_symmetry.cell_setting                     ? 
_symmetry.Int_Tables_number                170 
# 
loop_
_entity.id 
_entity.type 
_entity.src_method 
_entity.pdbx_description 
_entity.formula_weight 
_entity.pdbx_number_of_molecules 
_entity.pdbx_ec 
_entity.pdbx_mutation 
_entity.pdbx_fragment 
_entity.details 
1 polymer     man Nucleoprotein             15437.901 1   ? ? 'UNP residues 55-188' ? 
2 non-polymer syn 'ADENOSINE MONOPHOSPHATE' 347.221   1   ? ? ?                     ? 
3 water       nat water                     18.015    126 ? ? ?                     ? 
# 
_entity_poly.entity_id                      1 
_entity_poly.type                           'polypeptide(L)' 
_entity_poly.nstd_linkage                   no 
_entity_poly.nstd_monomer                   no 
_entity_poly.pdbx_seq_one_letter_code       
;EFNVVPYYSWFSGITQFQKGKEFEFVEGQGVPIAPGVPATEAKGYWYRHNRRSFKTADGNQRQLLPRWYFYYLGTGPHAK
DQYGTDIDGVYWVASNQADVNTPADIVDRDPSSDEAIPTRFPPGTVLPQGYYIEGS
;
_entity_poly.pdbx_seq_one_letter_code_can   
;EFNVVPYYSWFSGITQFQKGKEFEFVEGQGVPIAPGVPATEAKGYWYRHNRRSFKTADGNQRQLLPRWYFYYLGTGPHAK
DQYGTDIDGVYWVASNQADVNTPADIVDRDPSSDEAIPTRFPPGTVLPQGYYIEGS
;
_entity_poly.pdbx_strand_id                 A 
_entity_poly.pdbx_target_identifier         ? 
# 
loop_
_entity_poly_seq.entity_id 
_entity_poly_seq.num 
_entity_poly_seq.mon_id 
_entity_poly_seq.hetero 
1 1   GLU n 
1 2   PHE n 
1 3   ASN n 
1 4   VAL n 
1 5   VAL n 
1 6   PRO n 
1 7   TYR n 
1 8   TYR n 
1 9   SER n 
1 10  TRP n 
1 11  PHE n 
1 12  SER n 
1 13  GLY n 
1 14  ILE n 
1 15  THR n 
1 16  GLN n 
1 17  PHE n 
1 18  GLN n 
1 19  LYS n 
1 20  GLY n 
1 21  LYS n 
1 22  GLU n 
1 23  PHE n 
1 24  GLU n 
1 25  PHE n 
1 26  VAL n 
1 27  GLU n 
1 28  GLY n 
1 29  GLN n 
1 30  GLY n 
1 31  VAL n 
1 32  PRO n 
1 33  ILE n 
1 34  ALA n 
1 35  PRO n 
1 36  GLY n 
1 37  VAL n 
1 38  PRO n 
1 39  ALA n 
1 40  THR n 
1 41  GLU n 
1 42  ALA n 
1 43  LYS n 
1 44  GLY n 
1 45  TYR n 
1 46  TRP n 
1 47  TYR n 
1 48  ARG n 
1 49  HIS n 
1 50  ASN n 
1 51  ARG n 
1 52  ARG n 
1 53  SER n 
1 54  PHE n 
1 55  LYS n 
1 56  THR n 
1 57  ALA n 
1 58  ASP n 
1 59  GLY n 
1 60  ASN n 
1 61  GLN n 
1 62  ARG n 
1 63  GLN n 
1 64  LEU n 
1 65  LEU n 
1 66  PRO n 
1 67  ARG n 
1 68  TRP n 
1 69  TYR n 
1 70  PHE n 
1 71  TYR n 
1 72  TYR n 
1 73  LEU n 
1 74  GLY n 
1 75  THR n 
1 76  GLY n 
1 77  PRO n 
1 78  HIS n 
1 79  ALA n 
1 80  LYS n 
1 81  ASP n 
1 82  GLN n 
1 83  TYR n 
1 84  GLY n 
1 85  THR n 
1 86  ASP n 
1 87  ILE n 
1 88  ASP n 
1 89  GLY n 
1 90  VAL n 
1 91  TYR n 
1 92  TRP n 
1 93  VAL n 
1 94  ALA n 
1 95  SER n 
1 96  ASN n 
1 97  GLN n 
1 98  ALA n 
1 99  ASP n 
1 100 VAL n 
1 101 ASN n 
1 102 THR n 
1 103 PRO n 
1 104 ALA n 
1 105 ASP n 
1 106 ILE n 
1 107 VAL n 
1 108 ASP n 
1 109 ARG n 
1 110 ASP n 
1 111 PRO n 
1 112 SER n 
1 113 SER n 
1 114 ASP n 
1 115 GLU n 
1 116 ALA n 
1 117 ILE n 
1 118 PRO n 
1 119 THR n 
1 120 ARG n 
1 121 PHE n 
1 122 PRO n 
1 123 PRO n 
1 124 GLY n 
1 125 THR n 
1 126 VAL n 
1 127 LEU n 
1 128 PRO n 
1 129 GLN n 
1 130 GLY n 
1 131 TYR n 
1 132 TYR n 
1 133 ILE n 
1 134 GLU n 
1 135 GLY n 
1 136 SER n 
# 
_entity_src_gen.entity_id                          1 
_entity_src_gen.pdbx_src_id                        1 
_entity_src_gen.pdbx_alt_source_flag               sample 
_entity_src_gen.pdbx_seq_type                      ? 
_entity_src_gen.pdbx_beg_seq_num                   ? 
_entity_src_gen.pdbx_end_seq_num                   ? 
_entity_src_gen.gene_src_common_name               HCoV-OC43 
_entity_src_gen.gene_src_genus                     ? 
_entity_src_gen.pdbx_gene_src_gene                 N 
_entity_src_gen.gene_src_species                   ? 
_entity_src_gen.gene_src_strain                    OC43 
_entity_src_gen.gene_src_tissue                    ? 
_entity_src_gen.gene_src_tissue_fraction           ? 
_entity_src_gen.gene_src_details                   ? 
_entity_src_gen.pdbx_gene_src_fragment             ? 
_entity_src_gen.pdbx_gene_src_scientific_name      'Human coronavirus' 
_entity_src_gen.pdbx_gene_src_ncbi_taxonomy_id     31631 
_entity_src_gen.pdbx_gene_src_variant              ? 
_entity_src_gen.pdbx_gene_src_cell_line            ? 
_entity_src_gen.pdbx_gene_src_atcc                 ? 
_entity_src_gen.pdbx_gene_src_organ                ? 
_entity_src_gen.pdbx_gene_src_organelle            ? 
_entity_src_gen.pdbx_gene_src_cell                 ? 
_entity_src_gen.pdbx_gene_src_cellular_location    ? 
_entity_src_gen.host_org_common_name               ? 
_entity_src_gen.pdbx_host_org_scientific_name      'Escherichia coli' 
_entity_src_gen.pdbx_host_org_ncbi_taxonomy_id     562 
_entity_src_gen.host_org_genus                     ? 
_entity_src_gen.pdbx_host_org_gene                 ? 
_entity_src_gen.pdbx_host_org_organ                ? 
_entity_src_gen.host_org_species                   ? 
_entity_src_gen.pdbx_host_org_tissue               ? 
_entity_src_gen.pdbx_host_org_tissue_fraction      ? 
_entity_src_gen.pdbx_host_org_strain               ? 
_entity_src_gen.pdbx_host_org_variant              ? 
_entity_src_gen.pdbx_host_org_cell_line            ? 
_entity_src_gen.pdbx_host_org_atcc                 ? 
_entity_src_gen.pdbx_host_org_culture_collection   ? 
_entity_src_gen.pdbx_host_org_cell                 ? 
_entity_src_gen.pdbx_host_org_organelle            ? 
_entity_src_gen.pdbx_host_org_cellular_location    ? 
_entity_src_gen.pdbx_host_org_vector_type          ? 
_entity_src_gen.pdbx_host_org_vector               ? 
_entity_src_gen.host_org_details                   ? 
_entity_src_gen.expression_system_id               ? 
_entity_src_gen.plasmid_name                       ? 
_entity_src_gen.plasmid_details                    ? 
_entity_src_gen.pdbx_description                   ? 
# 
_struct_ref.id                         1 
_struct_ref.db_name                    UNP 
_struct_ref.db_code                    Q6SA23_CVHOC 
_struct_ref.pdbx_db_accession          Q6SA23 
_struct_ref.entity_id                  1 
_struct_ref.pdbx_seq_one_letter_code   
;NVVPYYSWFSGITQFQKGKEFEFVEGQGVPIAPGVPATEAKGYWYRHNRRSFKTADGNQRQLLPRWYFYYLGTGPHAKDQ
YGTDIDGVYWVASNQADVNTPADIVDRDPSSDEAIPTRFPPGTVLPQGYYIEGS
;
_struct_ref.pdbx_align_begin           55 
_struct_ref.pdbx_db_isoform            ? 
# 
_struct_ref_seq.align_id                      1 
_struct_ref_seq.ref_id                        1 
_struct_ref_seq.pdbx_PDB_id_code              4LI4 
_struct_ref_seq.pdbx_strand_id                A 
_struct_ref_seq.seq_align_beg                 3 
_struct_ref_seq.pdbx_seq_align_beg_ins_code   ? 
_struct_ref_seq.seq_align_end                 136 
_struct_ref_seq.pdbx_seq_align_end_ins_code   ? 
_struct_ref_seq.pdbx_db_accession             Q6SA23 
_struct_ref_seq.db_align_beg                  55 
_struct_ref_seq.pdbx_db_align_beg_ins_code    ? 
_struct_ref_seq.db_align_end                  188 
_struct_ref_seq.pdbx_db_align_end_ins_code    ? 
_struct_ref_seq.pdbx_auth_seq_align_beg       58 
_struct_ref_seq.pdbx_auth_seq_align_end       191 
# 
loop_
_struct_ref_seq_dif.align_id 
_struct_ref_seq_dif.pdbx_pdb_id_code 
_struct_ref_seq_dif.mon_id 
_struct_ref_seq_dif.pdbx_pdb_strand_id 
_struct_ref_seq_dif.seq_num 
_struct_ref_seq_dif.pdbx_pdb_ins_code 
_struct_ref_seq_dif.pdbx_seq_db_name 
_struct_ref_seq_dif.pdbx_seq_db_accession_code 
_struct_ref_seq_dif.db_mon_id 
_struct_ref_seq_dif.pdbx_seq_db_seq_num 
_struct_ref_seq_dif.details 
_struct_ref_seq_dif.pdbx_auth_seq_num 
_struct_ref_seq_dif.pdbx_ordinal 
1 4LI4 GLU A 1 ? UNP Q6SA23 ? ? 'expression tag' 56 1 
1 4LI4 PHE A 2 ? UNP Q6SA23 ? ? 'expression tag' 57 2 
# 
loop_
_chem_comp.id 
_chem_comp.type 
_chem_comp.mon_nstd_flag 
_chem_comp.name 
_chem_comp.pdbx_synonyms 
_chem_comp.formula 
_chem_comp.formula_weight 
ALA 'L-peptide linking' y ALANINE                   ? 'C3 H7 N O2'      89.093  
AMP non-polymer         . 'ADENOSINE MONOPHOSPHATE' ? 'C10 H14 N5 O7 P' 347.221 
ARG 'L-peptide linking' y ARGININE                  ? 'C6 H15 N4 O2 1'  175.209 
ASN 'L-peptide linking' y ASPARAGINE                ? 'C4 H8 N2 O3'     132.118 
ASP 'L-peptide linking' y 'ASPARTIC ACID'           ? 'C4 H7 N O4'      133.103 
GLN 'L-peptide linking' y GLUTAMINE                 ? 'C5 H10 N2 O3'    146.144 
GLU 'L-peptide linking' y 'GLUTAMIC ACID'           ? 'C5 H9 N O4'      147.129 
GLY 'peptide linking'   y GLYCINE                   ? 'C2 H5 N O2'      75.067  
HIS 'L-peptide linking' y HISTIDINE                 ? 'C6 H10 N3 O2 1'  156.162 
HOH non-polymer         . WATER                     ? 'H2 O'            18.015  
ILE 'L-peptide linking' y ISOLEUCINE                ? 'C6 H13 N O2'     131.173 
LEU 'L-peptide linking' y LEUCINE                   ? 'C6 H13 N O2'     131.173 
LYS 'L-peptide linking' y LYSINE                    ? 'C6 H15 N2 O2 1'  147.195 
PHE 'L-peptide linking' y PHENYLALANINE             ? 'C9 H11 N O2'     165.189 
PRO 'L-peptide linking' y PROLINE                   ? 'C5 H9 N O2'      115.130 
SER 'L-peptide linking' y SERINE                    ? 'C3 H7 N O3'      105.093 
THR 'L-peptide linking' y THREONINE                 ? 'C4 H9 N O3'      119.119 
TRP 'L-peptide linking' y TRYPTOPHAN                ? 'C11 H12 N2 O2'   204.225 
TYR 'L-peptide linking' y TYROSINE                  ? 'C9 H11 N O3'     181.189 
VAL 'L-peptide linking' y VALINE                    ? 'C5 H11 N O2'     117.146 
# 
_exptl.entry_id          4LI4 
_exptl.method            'X-RAY DIFFRACTION' 
_exptl.crystals_number   1 
# 
_exptl_crystal.id                    1 
_exptl_crystal.density_meas          ? 
_exptl_crystal.density_Matthews      2.69 
_exptl_crystal.density_percent_sol   54.30 
_exptl_crystal.description           ? 
_exptl_crystal.F_000                 ? 
_exptl_crystal.preparation           ? 
# 
_exptl_crystal_grow.crystal_id      1 
_exptl_crystal_grow.method          'VAPOR DIFFUSION, SITTING DROP' 
_exptl_crystal_grow.temp            293 
_exptl_crystal_grow.temp_details    ? 
_exptl_crystal_grow.pH              7.5 
_exptl_crystal_grow.pdbx_details    '2M SPG, 25% PEG1500, 5mM AMP, pH 7.5, VAPOR DIFFUSION, SITTING DROP, temperature 293K' 
_exptl_crystal_grow.pdbx_pH_range   . 
# 
_diffrn.id                     1 
_diffrn.ambient_temp           100 
_diffrn.ambient_temp_details   ? 
_diffrn.crystal_id             1 
# 
_diffrn_detector.diffrn_id              1 
_diffrn_detector.detector               CCD 
_diffrn_detector.type                   'ADSC QUANTUM 315r' 
_diffrn_detector.pdbx_collection_date   2011-12-12 
_diffrn_detector.details                ? 
# 
_diffrn_radiation.diffrn_id                        1 
_diffrn_radiation.wavelength_id                    1 
_diffrn_radiation.pdbx_monochromatic_or_laue_m_l   M 
_diffrn_radiation.monochromator                    'LN2-Cooled, Fixed-Exit Double Crystal Monochromator' 
_diffrn_radiation.pdbx_diffrn_protocol             'SINGLE WAVELENGTH' 
_diffrn_radiation.pdbx_scattering_type             x-ray 
# 
_diffrn_radiation_wavelength.id           1 
_diffrn_radiation_wavelength.wavelength   1 
_diffrn_radiation_wavelength.wt           1.0 
# 
_diffrn_source.diffrn_id                   1 
_diffrn_source.source                      SYNCHROTRON 
_diffrn_source.type                        'NSRRC BEAMLINE BL13B1' 
_diffrn_source.pdbx_synchrotron_site       NSRRC 
_diffrn_source.pdbx_synchrotron_beamline   BL13B1 
_diffrn_source.pdbx_wavelength             ? 
_diffrn_source.pdbx_wavelength_list        1 
# 
_reflns.entry_id                     4LI4 
_reflns.observed_criterion_sigma_I   -3 
_reflns.observed_criterion_sigma_F   0 
_reflns.d_resolution_low             30 
_reflns.d_resolution_high            1.71 
_reflns.number_obs                   17535 
_reflns.number_all                   ? 
_reflns.percent_possible_obs         ? 
_reflns.pdbx_Rmerge_I_obs            0.03 
_reflns.pdbx_Rsym_value              0.03 
_reflns.pdbx_netI_over_sigmaI        ? 
_reflns.B_iso_Wilson_estimate        23.460 
_reflns.pdbx_redundancy              ? 
_reflns.R_free_details               ? 
_reflns.limit_h_max                  ? 
_reflns.limit_h_min                  ? 
_reflns.limit_k_max                  ? 
_reflns.limit_k_min                  ? 
_reflns.limit_l_max                  ? 
_reflns.limit_l_min                  ? 
_reflns.observed_criterion_F_max     ? 
_reflns.observed_criterion_F_min     ? 
_reflns.pdbx_chi_squared             ? 
_reflns.pdbx_scaling_rejects         ? 
_reflns.pdbx_ordinal                 1 
_reflns.pdbx_diffrn_id               1 
# 
_reflns_shell.d_res_high                  1.71 
_reflns_shell.d_res_low                   ? 
_reflns_shell.percent_possible_all        97.8 
_reflns_shell.Rmerge_I_obs                ? 
_reflns_shell.pdbx_Rsym_value             ? 
_reflns_shell.meanI_over_sigI_obs         ? 
_reflns_shell.pdbx_redundancy             ? 
_reflns_shell.percent_possible_obs        ? 
_reflns_shell.number_unique_all           ? 
_reflns_shell.number_measured_all         ? 
_reflns_shell.number_measured_obs         ? 
_reflns_shell.number_unique_obs           ? 
_reflns_shell.pdbx_chi_squared            ? 
_reflns_shell.pdbx_rejects                ? 
_reflns_shell.pdbx_netI_over_sigmaI_obs   ? 
_reflns_shell.number_possible             ? 
_reflns_shell.Rmerge_F_all                ? 
_reflns_shell.Rmerge_F_obs                ? 
_reflns_shell.Rmerge_I_all                ? 
_reflns_shell.meanI_over_sigI_all         ? 
_reflns_shell.pdbx_Rrim_I_all             ? 
_reflns_shell.pdbx_Rpim_I_all             ? 
_reflns_shell.pdbx_ordinal                1 
_reflns_shell.pdbx_diffrn_id              1 
# 
_refine.entry_id                                 4LI4 
_refine.ls_number_reflns_obs                     17501 
_refine.ls_number_reflns_all                     ? 
_refine.pdbx_ls_sigma_I                          ? 
_refine.pdbx_ls_sigma_F                          1.34 
_refine.pdbx_data_cutoff_high_absF               ? 
_refine.pdbx_data_cutoff_low_absF                ? 
_refine.pdbx_data_cutoff_high_rms_absF           ? 
_refine.ls_d_res_low                             26.814 
_refine.ls_d_res_high                            1.710 
_refine.ls_percent_reflns_obs                    97.78 
_refine.ls_R_factor_obs                          0.2499 
_refine.ls_R_factor_all                          ? 
_refine.ls_R_factor_R_work                       0.2486 
_refine.ls_R_factor_R_free                       0.2653 
_refine.ls_R_factor_R_free_error                 ? 
_refine.ls_R_factor_R_free_error_details         ? 
_refine.ls_percent_reflns_R_free                 8.15 
_refine.ls_number_reflns_R_free                  1426 
_refine.ls_number_parameters                     ? 
_refine.ls_number_restraints                     ? 
_refine.correlation_coeff_Fo_to_Fc               ? 
_refine.correlation_coeff_Fo_to_Fc_free          ? 
_refine.B_iso_mean                               30.6922 
_refine.aniso_B[1][1]                            ? 
_refine.aniso_B[2][2]                            ? 
_refine.aniso_B[3][3]                            ? 
_refine.aniso_B[1][2]                            ? 
_refine.aniso_B[1][3]                            ? 
_refine.aniso_B[2][3]                            ? 
_refine.solvent_model_details                    'FLAT BULK SOLVENT MODEL' 
_refine.solvent_model_param_ksol                 ? 
_refine.solvent_model_param_bsol                 ? 
_refine.pdbx_solvent_vdw_probe_radii             1.11 
_refine.pdbx_solvent_ion_probe_radii             ? 
_refine.pdbx_solvent_shrinkage_radii             0.90 
_refine.pdbx_ls_cross_valid_method               ? 
_refine.details                                  ? 
_refine.pdbx_starting_model                      4J3K 
_refine.pdbx_method_to_determine_struct          'MOLECULAR REPLACEMENT' 
_refine.pdbx_isotropic_thermal_model             ? 
_refine.pdbx_stereochemistry_target_values       ML 
_refine.pdbx_stereochem_target_val_spec_case     ? 
_refine.pdbx_R_Free_selection_details            RANDOM 
_refine.pdbx_overall_ESU_R                       ? 
_refine.pdbx_overall_ESU_R_Free                  ? 
_refine.overall_SU_ML                            0.21 
_refine.overall_FOM_work_R_set                   0.7822 
_refine.B_iso_max                                108.630 
_refine.B_iso_min                                11.030 
_refine.pdbx_overall_phase_error                 28.5000 
_refine.occupancy_max                            1.000 
_refine.occupancy_min                            1.000 
_refine.pdbx_diffrn_id                           1 
_refine.pdbx_refine_id                           'X-RAY DIFFRACTION' 
_refine.ls_redundancy_reflns_obs                 ? 
_refine.overall_SU_B                             ? 
_refine.overall_SU_R_Cruickshank_DPI             ? 
_refine.overall_SU_R_free                        ? 
_refine.ls_wR_factor_R_free                      ? 
_refine.ls_wR_factor_R_work                      ? 
_refine.overall_FOM_free_R_set                   ? 
_refine.pdbx_TLS_residual_ADP_flag               ? 
_refine.pdbx_overall_SU_R_free_Cruickshank_DPI   ? 
_refine.pdbx_overall_SU_R_Blow_DPI               ? 
_refine.pdbx_overall_SU_R_free_Blow_DPI          ? 
# 
_refine_hist.pdbx_refine_id                   'X-RAY DIFFRACTION' 
_refine_hist.cycle_id                         LAST 
_refine_hist.pdbx_number_atoms_protein        1071 
_refine_hist.pdbx_number_atoms_nucleic_acid   0 
_refine_hist.pdbx_number_atoms_ligand         23 
_refine_hist.number_atoms_solvent             126 
_refine_hist.number_atoms_total               1220 
_refine_hist.d_res_high                       1.710 
_refine_hist.d_res_low                        26.814 
# 
loop_
_refine_ls_restr.pdbx_refine_id 
_refine_ls_restr.type 
_refine_ls_restr.number 
_refine_ls_restr.dev_ideal 
_refine_ls_restr.dev_ideal_target 
_refine_ls_restr.weight 
_refine_ls_restr.pdbx_restraint_function 
'X-RAY DIFFRACTION' f_bond_d           1136 0.018  ? ? ? 
'X-RAY DIFFRACTION' f_angle_d          1557 2.228  ? ? ? 
'X-RAY DIFFRACTION' f_chiral_restr     151  0.090  ? ? ? 
'X-RAY DIFFRACTION' f_plane_restr      204  0.025  ? ? ? 
'X-RAY DIFFRACTION' f_dihedral_angle_d 397  15.181 ? ? ? 
# 
loop_
_refine_ls_shell.d_res_high 
_refine_ls_shell.d_res_low 
_refine_ls_shell.pdbx_total_number_of_bins_used 
_refine_ls_shell.percent_reflns_obs 
_refine_ls_shell.number_reflns_R_work 
_refine_ls_shell.R_factor_all 
_refine_ls_shell.R_factor_R_work 
_refine_ls_shell.R_factor_R_free 
_refine_ls_shell.percent_reflns_R_free 
_refine_ls_shell.number_reflns_R_free 
_refine_ls_shell.R_factor_R_free_error 
_refine_ls_shell.number_reflns_all 
_refine_ls_shell.number_reflns_obs 
_refine_ls_shell.pdbx_refine_id 
_refine_ls_shell.redundancy_reflns_obs 
1.7101 1.7712  10 100.0000 1613 . 0.2985 0.3451 . 143 . 1756 . 'X-RAY DIFFRACTION' . 
1.7712 1.8421  10 100.0000 1639 . 0.3062 0.3286 . 148 . 1787 . 'X-RAY DIFFRACTION' . 
1.8421 1.9259  10 100.0000 1626 . 0.3026 0.2842 . 147 . 1773 . 'X-RAY DIFFRACTION' . 
1.9259 2.0274  10 100.0000 1632 . 0.3002 0.2831 . 143 . 1775 . 'X-RAY DIFFRACTION' . 
2.0274 2.1544  10 100.0000 1646 . 0.2765 0.2814 . 149 . 1795 . 'X-RAY DIFFRACTION' . 
2.1544 2.3206  10 89.0000  1445 . 0.2746 0.2901 . 128 . 1573 . 'X-RAY DIFFRACTION' . 
2.3206 2.5540  10 100.0000 1642 . 0.2630 0.3296 . 147 . 1789 . 'X-RAY DIFFRACTION' . 
2.5540 2.9232  10 100.0000 1649 . 0.2528 0.2742 . 146 . 1795 . 'X-RAY DIFFRACTION' . 
2.9232 3.6814  10 96.0000  1587 . 0.2331 0.2352 . 139 . 1726 . 'X-RAY DIFFRACTION' . 
3.6814 26.8176 10 94.0000  1596 . 0.2108 0.2276 . 136 . 1732 . 'X-RAY DIFFRACTION' . 
# 
_struct.entry_id                  4LI4 
_struct.title                     'Crystal structure of HCoV-OC43 N-NTD complexed with AMP' 
_struct.pdbx_model_details        ? 
_struct.pdbx_CASP_flag            ? 
_struct.pdbx_model_type_details   ? 
# 
_struct_keywords.entry_id        4LI4 
_struct_keywords.pdbx_keywords   'RNA BINDING PROTEIN' 
_struct_keywords.text            'RNA BINDING PROTEIN, RNA-binding, AMP, Coronavirus, Nucleocapsid protein, N-terminal domain' 
# 
loop_
_struct_asym.id 
_struct_asym.pdbx_blank_PDB_chainid_flag 
_struct_asym.pdbx_modified 
_struct_asym.entity_id 
_struct_asym.details 
A N N 1 ? 
B N N 2 ? 
C N N 3 ? 
# 
_struct_biol.id        1 
_struct_biol.details   ? 
# 
loop_
_struct_conf.conf_type_id 
_struct_conf.id 
_struct_conf.pdbx_PDB_helix_id 
_struct_conf.beg_label_comp_id 
_struct_conf.beg_label_asym_id 
_struct_conf.beg_label_seq_id 
_struct_conf.pdbx_beg_PDB_ins_code 
_struct_conf.end_label_comp_id 
_struct_conf.end_label_asym_id 
_struct_conf.end_label_seq_id 
_struct_conf.pdbx_end_PDB_ins_code 
_struct_conf.beg_auth_comp_id 
_struct_conf.beg_auth_asym_id 
_struct_conf.beg_auth_seq_id 
_struct_conf.end_auth_comp_id 
_struct_conf.end_auth_asym_id 
_struct_conf.end_auth_seq_id 
_struct_conf.pdbx_PDB_helix_class 
_struct_conf.details 
_struct_conf.pdbx_PDB_helix_length 
HELX_P HELX_P1 1 PRO A 38 ? GLU A 41 ? PRO A 93  GLU A 96  5 ? 4 
HELX_P HELX_P2 2 THR A 75 ? ALA A 79 ? THR A 130 ALA A 134 5 ? 5 
# 
_struct_conf_type.id          HELX_P 
_struct_conf_type.criteria    ? 
_struct_conf_type.reference   ? 
# 
_struct_mon_prot_cis.pdbx_id                1 
_struct_mon_prot_cis.label_comp_id          ASP 
_struct_mon_prot_cis.label_seq_id           110 
_struct_mon_prot_cis.label_asym_id          A 
_struct_mon_prot_cis.label_alt_id           . 
_struct_mon_prot_cis.pdbx_PDB_ins_code      ? 
_struct_mon_prot_cis.auth_comp_id           ASP 
_struct_mon_prot_cis.auth_seq_id            165 
_struct_mon_prot_cis.auth_asym_id           A 
_struct_mon_prot_cis.pdbx_label_comp_id_2   PRO 
_struct_mon_prot_cis.pdbx_label_seq_id_2    111 
_struct_mon_prot_cis.pdbx_label_asym_id_2   A 
_struct_mon_prot_cis.pdbx_PDB_ins_code_2    ? 
_struct_mon_prot_cis.pdbx_auth_comp_id_2    PRO 
_struct_mon_prot_cis.pdbx_auth_seq_id_2     166 
_struct_mon_prot_cis.pdbx_auth_asym_id_2    A 
_struct_mon_prot_cis.pdbx_PDB_model_num     1 
_struct_mon_prot_cis.pdbx_omega_angle       5.04 
# 
_struct_sheet.id               A 
_struct_sheet.type             ? 
_struct_sheet.number_strands   5 
_struct_sheet.details          ? 
# 
loop_
_struct_sheet_order.sheet_id 
_struct_sheet_order.range_id_1 
_struct_sheet_order.range_id_2 
_struct_sheet_order.offset 
_struct_sheet_order.sense 
A 1 2 ? anti-parallel 
A 2 3 ? anti-parallel 
A 3 4 ? anti-parallel 
A 4 5 ? anti-parallel 
# 
loop_
_struct_sheet_range.sheet_id 
_struct_sheet_range.id 
_struct_sheet_range.beg_label_comp_id 
_struct_sheet_range.beg_label_asym_id 
_struct_sheet_range.beg_label_seq_id 
_struct_sheet_range.pdbx_beg_PDB_ins_code 
_struct_sheet_range.end_label_comp_id 
_struct_sheet_range.end_label_asym_id 
_struct_sheet_range.end_label_seq_id 
_struct_sheet_range.pdbx_end_PDB_ins_code 
_struct_sheet_range.beg_auth_comp_id 
_struct_sheet_range.beg_auth_asym_id 
_struct_sheet_range.beg_auth_seq_id 
_struct_sheet_range.end_auth_comp_id 
_struct_sheet_range.end_auth_asym_id 
_struct_sheet_range.end_auth_seq_id 
A 1 VAL A 90  ? ALA A 94  ? VAL A 145 ALA A 149 
A 2 LYS A 43  ? HIS A 49  ? LYS A 98  HIS A 104 
A 3 ARG A 67  ? TYR A 72  ? ARG A 122 TYR A 127 
A 4 ILE A 14  ? GLN A 16  ? ILE A 69  GLN A 71  
A 5 TYR A 131 ? ILE A 133 ? TYR A 186 ILE A 188 
# 
loop_
_pdbx_struct_sheet_hbond.sheet_id 
_pdbx_struct_sheet_hbond.range_id_1 
_pdbx_struct_sheet_hbond.range_id_2 
_pdbx_struct_sheet_hbond.range_1_label_atom_id 
_pdbx_struct_sheet_hbond.range_1_label_comp_id 
_pdbx_struct_sheet_hbond.range_1_label_asym_id 
_pdbx_struct_sheet_hbond.range_1_label_seq_id 
_pdbx_struct_sheet_hbond.range_1_PDB_ins_code 
_pdbx_struct_sheet_hbond.range_1_auth_atom_id 
_pdbx_struct_sheet_hbond.range_1_auth_comp_id 
_pdbx_struct_sheet_hbond.range_1_auth_asym_id 
_pdbx_struct_sheet_hbond.range_1_auth_seq_id 
_pdbx_struct_sheet_hbond.range_2_label_atom_id 
_pdbx_struct_sheet_hbond.range_2_label_comp_id 
_pdbx_struct_sheet_hbond.range_2_label_asym_id 
_pdbx_struct_sheet_hbond.range_2_label_seq_id 
_pdbx_struct_sheet_hbond.range_2_PDB_ins_code 
_pdbx_struct_sheet_hbond.range_2_auth_atom_id 
_pdbx_struct_sheet_hbond.range_2_auth_comp_id 
_pdbx_struct_sheet_hbond.range_2_auth_asym_id 
_pdbx_struct_sheet_hbond.range_2_auth_seq_id 
A 1 2 O TYR A 91 ? O TYR A 146 N TRP A 46  ? N TRP A 101 
A 2 3 N TYR A 45 ? N TYR A 100 O TYR A 71  ? O TYR A 126 
A 3 4 O TRP A 68 ? O TRP A 123 N ILE A 14  ? N ILE A 69  
A 4 5 N THR A 15 ? N THR A 70  O TYR A 132 ? O TYR A 187 
# 
_struct_site.id                   AC1 
_struct_site.pdbx_evidence_code   Software 
_struct_site.pdbx_auth_asym_id    A 
_struct_site.pdbx_auth_comp_id    AMP 
_struct_site.pdbx_auth_seq_id     201 
_struct_site.pdbx_auth_ins_code   ? 
_struct_site.pdbx_num_residues    14 
_struct_site.details              'BINDING SITE FOR RESIDUE AMP A 201' 
# 
loop_
_struct_site_gen.id 
_struct_site_gen.site_id 
_struct_site_gen.pdbx_num_res 
_struct_site_gen.label_comp_id 
_struct_site_gen.label_asym_id 
_struct_site_gen.label_seq_id 
_struct_site_gen.pdbx_auth_ins_code 
_struct_site_gen.auth_comp_id 
_struct_site_gen.auth_asym_id 
_struct_site_gen.auth_seq_id 
_struct_site_gen.label_atom_id 
_struct_site_gen.label_alt_id 
_struct_site_gen.symmetry 
_struct_site_gen.details 
1  AC1 14 PHE A 2   ? PHE A 57  . ? 1_555 ? 
2  AC1 14 PRO A 6   ? PRO A 61  . ? 1_555 ? 
3  AC1 14 TYR A 7   ? TYR A 62  . ? 1_555 ? 
4  AC1 14 TYR A 8   ? TYR A 63  . ? 1_555 ? 
5  AC1 14 SER A 9   ? SER A 64  . ? 1_555 ? 
6  AC1 14 PHE A 11  ? PHE A 66  . ? 1_555 ? 
7  AC1 14 SER A 12  ? SER A 67  . ? 1_555 ? 
8  AC1 14 GLY A 13  ? GLY A 68  . ? 1_555 ? 
9  AC1 14 TYR A 69  ? TYR A 124 . ? 1_555 ? 
10 AC1 14 TYR A 71  ? TYR A 126 . ? 1_555 ? 
11 AC1 14 ARG A 109 ? ARG A 164 . ? 1_555 ? 
12 AC1 14 ALA A 116 ? ALA A 171 . ? 1_555 ? 
13 AC1 14 GLU A 134 ? GLU A 189 . ? 1_555 ? 
14 AC1 14 HOH C .   ? HOH A 409 . ? 1_555 ? 
# 
_atom_sites.entry_id                    4LI4 
_atom_sites.fract_transf_matrix[1][1]   0.01385055 
_atom_sites.fract_transf_matrix[1][2]   0.00258546 
_atom_sites.fract_transf_matrix[1][3]   0.00040351 
_atom_sites.fract_transf_matrix[2][1]   0.00533085 
_atom_sites.fract_transf_matrix[2][2]   0.00829601 
_atom_sites.fract_transf_matrix[2][3]   0.01007251 
_atom_sites.fract_transf_matrix[3][1]   0.00307493 
_atom_sites.fract_transf_matrix[3][2]   -0.01861094 
_atom_sites.fract_transf_matrix[3][3]   0.01370110 
_atom_sites.fract_transf_vector[1]      0.165582 
_atom_sites.fract_transf_vector[2]      0.452029 
_atom_sites.fract_transf_vector[3]      -0.001492 
# 
loop_
_atom_type.symbol 
C 
N 
O 
P 
# 
loop_
_atom_site.group_PDB 
_atom_site.id 
_atom_site.type_symbol 
_atom_site.label_atom_id 
_atom_site.label_alt_id 
_atom_site.label_comp_id 
_atom_site.label_asym_id 
_atom_site.label_entity_id 
_atom_site.label_seq_id 
_atom_site.pdbx_PDB_ins_code 
_atom_site.Cartn_x 
_atom_site.Cartn_y 
_atom_site.Cartn_z 
_atom_site.occupancy 
_atom_site.B_iso_or_equiv 
_atom_site.pdbx_formal_charge 
_atom_site.auth_seq_id 
_atom_site.auth_comp_id 
_atom_site.auth_asym_id 
_atom_site.auth_atom_id 
_atom_site.pdbx_PDB_model_num 
ATOM   1    N N     . GLU A 1 1   ? 9.134   1.408   -12.214 1.00 64.98  1  56  GLU A N     1 
ATOM   2    C CA    . GLU A 1 1   ? 10.161  0.376   -12.319 1.00 63.01  ?  56  GLU A CA    1 
ATOM   3    C C     . GLU A 1 1   ? 11.291  0.584   -11.306 1.00 59.66  ?  56  GLU A C     1 
ATOM   4    O O     . GLU A 1 1   ? 11.464  1.684   -10.767 1.00 57.15  ?  56  GLU A O     1 
ATOM   5    C CB    . GLU A 1 1   ? 10.729  0.329   -13.736 1.00 65.77  ?  56  GLU A CB    1 
ATOM   6    C CG    . GLU A 1 1   ? 11.477  -0.946  -14.064 1.00 66.96  ?  56  GLU A CG    1 
ATOM   7    C CD    . GLU A 1 1   ? 12.316  -0.820  -15.313 1.00 71.56  ?  56  GLU A CD    1 
ATOM   8    O OE1   . GLU A 1 1   ? 11.743  -0.863  -16.422 1.00 76.65  ?  56  GLU A OE1   1 
ATOM   9    O OE2   . GLU A 1 1   ? 13.551  -0.678  -15.182 1.00 70.29  ?  56  GLU A OE2   1 
ATOM   10   N N     . PHE A 1 2   ? 12.056  -0.479  -11.058 1.00 68.89  ?  57  PHE A N     1 
ATOM   11   C CA    . PHE A 1 2   ? 13.075  -0.484  -10.013 1.00 66.25  ?  57  PHE A CA    1 
ATOM   12   C C     . PHE A 1 2   ? 14.422  -0.936  -10.516 1.00 62.53  ?  57  PHE A C     1 
ATOM   13   O O     . PHE A 1 2   ? 14.546  -1.974  -11.161 1.00 67.86  ?  57  PHE A O     1 
ATOM   14   C CB    . PHE A 1 2   ? 12.650  -1.393  -8.861  1.00 61.87  ?  57  PHE A CB    1 
ATOM   15   C CG    . PHE A 1 2   ? 11.404  -0.949  -8.203  1.00 62.44  ?  57  PHE A CG    1 
ATOM   16   C CD1   . PHE A 1 2   ? 10.189  -1.156  -8.817  1.00 64.35  ?  57  PHE A CD1   1 
ATOM   17   C CD2   . PHE A 1 2   ? 11.443  -0.300  -6.981  1.00 60.20  ?  57  PHE A CD2   1 
ATOM   18   C CE1   . PHE A 1 2   ? 9.053   -0.718  -8.241  1.00 64.18  ?  57  PHE A CE1   1 
ATOM   19   C CE2   . PHE A 1 2   ? 10.287  0.130   -6.385  1.00 61.28  ?  57  PHE A CE2   1 
ATOM   20   C CZ    . PHE A 1 2   ? 9.094   -0.079  -7.013  1.00 61.11  ?  57  PHE A CZ    1 
ATOM   21   N N     . ASN A 1 3   ? 15.435  -0.148  -10.201 1.00 40.61  ?  58  ASN A N     1 
ATOM   22   C CA    . ASN A 1 3   ? 16.803  -0.527  -10.465 1.00 40.72  ?  58  ASN A CA    1 
ATOM   23   C C     . ASN A 1 3   ? 17.358  -1.318  -9.275  1.00 36.20  ?  58  ASN A C     1 
ATOM   24   O O     . ASN A 1 3   ? 18.444  -1.893  -9.343  1.00 33.94  ?  58  ASN A O     1 
ATOM   25   C CB    . ASN A 1 3   ? 17.629  0.725   -10.701 1.00 39.01  ?  58  ASN A CB    1 
ATOM   26   C CG    . ASN A 1 3   ? 17.710  1.589   -9.477  1.00 38.50  ?  58  ASN A CG    1 
ATOM   27   O OD1   . ASN A 1 3   ? 16.706  2.167   -9.034  1.00 41.69  ?  58  ASN A OD1   1 
ATOM   28   N ND2   . ASN A 1 3   ? 18.894  1.670   -8.901  1.00 37.79  ?  58  ASN A ND2   1 
ATOM   29   N N     . VAL A 1 4   ? 16.612  -1.310  -8.175  1.00 29.84  ?  59  VAL A N     1 
ATOM   30   C CA    . VAL A 1 4   ? 16.913  -2.156  -7.019  1.00 25.30  ?  59  VAL A CA    1 
ATOM   31   C C     . VAL A 1 4   ? 15.658  -2.959  -6.752  1.00 24.01  ?  59  VAL A C     1 
ATOM   32   O O     . VAL A 1 4   ? 14.578  -2.391  -6.591  1.00 24.90  ?  59  VAL A O     1 
ATOM   33   C CB    . VAL A 1 4   ? 17.245  -1.327  -5.754  1.00 24.36  ?  59  VAL A CB    1 
ATOM   34   C CG1   . VAL A 1 4   ? 17.351  -2.233  -4.541  1.00 21.19  ?  59  VAL A CG1   1 
ATOM   35   C CG2   . VAL A 1 4   ? 18.548  -0.561  -5.946  1.00 23.37  ?  59  VAL A CG2   1 
ATOM   36   N N     . VAL A 1 5   ? 15.792  -4.284  -6.701  1.00 20.03  ?  60  VAL A N     1 
ATOM   37   C CA    . VAL A 1 5   ? 14.635  -5.147  -6.510  1.00 17.54  ?  60  VAL A CA    1 
ATOM   38   C C     . VAL A 1 5   ? 13.869  -4.753  -5.256  1.00 18.07  ?  60  VAL A C     1 
ATOM   39   O O     . VAL A 1 5   ? 14.446  -4.671  -4.174  1.00 16.07  ?  60  VAL A O     1 
ATOM   40   C CB    . VAL A 1 5   ? 15.055  -6.642  -6.420  1.00 17.96  ?  60  VAL A CB    1 
ATOM   41   C CG1   . VAL A 1 5   ? 13.853  -7.517  -6.103  1.00 17.86  ?  60  VAL A CG1   1 
ATOM   42   C CG2   . VAL A 1 5   ? 15.712  -7.081  -7.725  1.00 19.77  ?  60  VAL A CG2   1 
ATOM   43   N N     . PRO A 1 6   ? 12.565  -4.467  -5.401  1.00 21.81  ?  61  PRO A N     1 
ATOM   44   C CA    . PRO A 1 6   ? 11.736  -4.067  -4.267  1.00 21.24  ?  61  PRO A CA    1 
ATOM   45   C C     . PRO A 1 6   ? 11.291  -5.250  -3.420  1.00 19.73  ?  61  PRO A C     1 
ATOM   46   O O     . PRO A 1 6   ? 11.427  -6.405  -3.834  1.00 18.92  ?  61  PRO A O     1 
ATOM   47   C CB    . PRO A 1 6   ? 10.505  -3.452  -4.952  1.00 23.64  ?  61  PRO A CB    1 
ATOM   48   C CG    . PRO A 1 6   ? 10.387  -4.207  -6.230  1.00 26.24  ?  61  PRO A CG    1 
ATOM   49   C CD    . PRO A 1 6   ? 11.808  -4.471  -6.670  1.00 26.09  ?  61  PRO A CD    1 
ATOM   50   N N     . TYR A 1 7   ? 10.764  -4.967  -2.239  1.00 22.53  ?  62  TYR A N     1 
ATOM   51   C CA    . TYR A 1 7   ? 9.992   -5.966  -1.518  1.00 21.11  ?  62  TYR A CA    1 
ATOM   52   C C     . TYR A 1 7   ? 8.666   -6.034  -2.250  1.00 22.60  ?  62  TYR A C     1 
ATOM   53   O O     . TYR A 1 7   ? 8.107   -4.997  -2.636  1.00 21.74  ?  62  TYR A O     1 
ATOM   54   C CB    . TYR A 1 7   ? 9.785   -5.570  -0.049  1.00 20.23  ?  62  TYR A CB    1 
ATOM   55   C CG    . TYR A 1 7   ? 11.064  -5.567  0.742   1.00 18.83  ?  62  TYR A CG    1 
ATOM   56   C CD1   . TYR A 1 7   ? 11.807  -4.401  0.879   1.00 20.01  ?  62  TYR A CD1   1 
ATOM   57   C CD2   . TYR A 1 7   ? 11.535  -6.725  1.341   1.00 22.01  ?  62  TYR A CD2   1 
ATOM   58   C CE1   . TYR A 1 7   ? 12.980  -4.391  1.588   1.00 23.23  ?  62  TYR A CE1   1 
ATOM   59   C CE2   . TYR A 1 7   ? 12.723  -6.725  2.050   1.00 22.32  ?  62  TYR A CE2   1 
ATOM   60   C CZ    . TYR A 1 7   ? 13.435  -5.554  2.166   1.00 23.52  ?  62  TYR A CZ    1 
ATOM   61   O OH    . TYR A 1 7   ? 14.613  -5.543  2.876   1.00 23.99  ?  62  TYR A OH    1 
ATOM   62   N N     . TYR A 1 8   ? 8.181   -7.244  -2.498  1.00 23.14  ?  63  TYR A N     1 
ATOM   63   C CA    . TYR A 1 8   ? 6.944   -7.372  -3.250  1.00 24.49  ?  63  TYR A CA    1 
ATOM   64   C C     . TYR A 1 8   ? 5.715   -7.325  -2.346  1.00 21.31  ?  63  TYR A C     1 
ATOM   65   O O     . TYR A 1 8   ? 5.667   -7.935  -1.274  1.00 23.74  ?  63  TYR A O     1 
ATOM   66   C CB    . TYR A 1 8   ? 6.953   -8.573  -4.207  1.00 30.22  ?  63  TYR A CB    1 
ATOM   67   C CG    . TYR A 1 8   ? 7.845   -8.340  -5.408  1.00 31.56  ?  63  TYR A CG    1 
ATOM   68   C CD1   . TYR A 1 8   ? 9.221   -8.517  -5.311  1.00 33.28  ?  63  TYR A CD1   1 
ATOM   69   C CD2   . TYR A 1 8   ? 7.322   -7.926  -6.629  1.00 33.61  ?  63  TYR A CD2   1 
ATOM   70   C CE1   . TYR A 1 8   ? 10.051  -8.302  -6.396  1.00 34.70  ?  63  TYR A CE1   1 
ATOM   71   C CE2   . TYR A 1 8   ? 8.153   -7.712  -7.728  1.00 38.02  ?  63  TYR A CE2   1 
ATOM   72   C CZ    . TYR A 1 8   ? 9.518   -7.900  -7.595  1.00 37.01  ?  63  TYR A CZ    1 
ATOM   73   O OH    . TYR A 1 8   ? 10.365  -7.692  -8.665  1.00 39.81  ?  63  TYR A OH    1 
ATOM   74   N N     . SER A 1 9   ? 4.771   -6.500  -2.769  1.00 22.68  ?  64  SER A N     1 
ATOM   75   C CA    . SER A 1 9   ? 3.488   -6.283  -2.106  1.00 17.86  ?  64  SER A CA    1 
ATOM   76   C C     . SER A 1 9   ? 2.565   -7.398  -2.557  1.00 21.87  ?  64  SER A C     1 
ATOM   77   O O     . SER A 1 9   ? 2.658   -7.841  -3.694  1.00 22.70  ?  64  SER A O     1 
ATOM   78   C CB    . SER A 1 9   ? 2.919   -4.954  -2.591  1.00 18.78  ?  64  SER A CB    1 
ATOM   79   O OG    . SER A 1 9   ? 1.561   -4.761  -2.213  1.00 14.09  ?  64  SER A OG    1 
ATOM   80   N N     . TRP A 1 10  ? 1.654   -7.836  -1.694  1.00 18.62  ?  65  TRP A N     1 
ATOM   81   C CA    . TRP A 1 10  ? 0.641   -8.798  -2.139  1.00 17.52  ?  65  TRP A CA    1 
ATOM   82   C C     . TRP A 1 10  ? -0.366  -8.190  -3.125  1.00 20.08  ?  65  TRP A C     1 
ATOM   83   O O     . TRP A 1 10  ? -1.107  -8.928  -3.778  1.00 20.89  ?  65  TRP A O     1 
ATOM   84   C CB    . TRP A 1 10  ? -0.095  -9.378  -0.926  1.00 21.06  ?  65  TRP A CB    1 
ATOM   85   C CG    . TRP A 1 10  ? 0.553   -10.603 -0.386  1.00 24.70  ?  65  TRP A CG    1 
ATOM   86   C CD1   . TRP A 1 10  ? 1.310   -10.715 0.747   1.00 25.26  ?  65  TRP A CD1   1 
ATOM   87   C CD2   . TRP A 1 10  ? 0.497   -11.904 -0.964  1.00 29.22  ?  65  TRP A CD2   1 
ATOM   88   N NE1   . TRP A 1 10  ? 1.738   -12.016 0.903   1.00 28.86  ?  65  TRP A NE1   1 
ATOM   89   C CE2   . TRP A 1 10  ? 1.249   -12.767 -0.139  1.00 29.83  ?  65  TRP A CE2   1 
ATOM   90   C CE3   . TRP A 1 10  ? -0.114  -12.427 -2.108  1.00 28.59  ?  65  TRP A CE3   1 
ATOM   91   C CZ2   . TRP A 1 10  ? 1.404   -14.121 -0.418  1.00 33.48  ?  65  TRP A CZ2   1 
ATOM   92   C CZ3   . TRP A 1 10  ? 0.038   -13.774 -2.387  1.00 32.62  ?  65  TRP A CZ3   1 
ATOM   93   C CH2   . TRP A 1 10  ? 0.791   -14.605 -1.545  1.00 33.06  ?  65  TRP A CH2   1 
ATOM   94   N N     . PHE A 1 11  ? -0.391  -6.857  -3.245  1.00 20.92  ?  66  PHE A N     1 
ATOM   95   C CA    . PHE A 1 11  ? -1.478  -6.171  -3.947  1.00 20.98  ?  66  PHE A CA    1 
ATOM   96   C C     . PHE A 1 11  ? -1.040  -5.215  -5.041  1.00 22.89  ?  66  PHE A C     1 
ATOM   97   O O     . PHE A 1 11  ? 0.114   -4.778  -5.084  1.00 21.51  ?  66  PHE A O     1 
ATOM   98   C CB    . PHE A 1 11  ? -2.340  -5.400  -2.933  1.00 18.52  ?  66  PHE A CB    1 
ATOM   99   C CG    . PHE A 1 11  ? -2.853  -6.255  -1.814  1.00 17.63  ?  66  PHE A CG    1 
ATOM   100  C CD1   . PHE A 1 11  ? -4.039  -6.982  -1.966  1.00 19.86  ?  66  PHE A CD1   1 
ATOM   101  C CD2   . PHE A 1 11  ? -2.151  -6.354  -0.621  1.00 16.37  ?  66  PHE A CD2   1 
ATOM   102  C CE1   . PHE A 1 11  ? -4.512  -7.794  -0.933  1.00 18.94  ?  66  PHE A CE1   1 
ATOM   103  C CE2   . PHE A 1 11  ? -2.623  -7.145  0.419   1.00 15.37  ?  66  PHE A CE2   1 
ATOM   104  C CZ    . PHE A 1 11  ? -3.805  -7.866  0.262   1.00 16.91  ?  66  PHE A CZ    1 
ATOM   105  N N     . SER A 1 12  ? -1.980  -4.874  -5.923  1.00 20.26  ?  67  SER A N     1 
ATOM   106  C CA    . SER A 1 12  ? -1.689  -3.896  -6.972  1.00 22.44  ?  67  SER A CA    1 
ATOM   107  C C     . SER A 1 12  ? -1.547  -2.531  -6.317  1.00 20.99  ?  67  SER A C     1 
ATOM   108  O O     . SER A 1 12  ? -2.047  -2.309  -5.201  1.00 19.03  ?  67  SER A O     1 
ATOM   109  C CB    . SER A 1 12  ? -2.809  -3.876  -8.014  1.00 25.46  ?  67  SER A CB    1 
ATOM   110  O OG    . SER A 1 12  ? -4.052  -3.562  -7.422  1.00 24.58  ?  67  SER A OG    1 
ATOM   111  N N     . GLY A 1 13  ? -0.881  -1.602  -6.995  1.00 23.32  ?  68  GLY A N     1 
ATOM   112  C CA    . GLY A 1 13  ? -0.628  -0.288  -6.414  1.00 21.15  ?  68  GLY A CA    1 
ATOM   113  C C     . GLY A 1 13  ? -1.780  0.680   -6.569  1.00 23.01  ?  68  GLY A C     1 
ATOM   114  O O     . GLY A 1 13  ? -2.758  0.412   -7.280  1.00 22.83  ?  68  GLY A O     1 
ATOM   115  N N     . ILE A 1 14  ? -1.672  1.812   -5.879  1.00 18.62  ?  69  ILE A N     1 
ATOM   116  C CA    . ILE A 1 14  ? -2.612  2.909   -6.029  1.00 18.23  ?  69  ILE A CA    1 
ATOM   117  C C     . ILE A 1 14  ? -1.841  4.135   -6.539  1.00 19.91  ?  69  ILE A C     1 
ATOM   118  O O     . ILE A 1 14  ? -0.875  4.597   -5.906  1.00 20.16  ?  69  ILE A O     1 
ATOM   119  C CB    . ILE A 1 14  ? -3.321  3.201   -4.686  1.00 15.22  ?  69  ILE A CB    1 
ATOM   120  C CG1   . ILE A 1 14  ? -4.084  1.957   -4.217  1.00 14.59  ?  69  ILE A CG1   1 
ATOM   121  C CG2   . ILE A 1 14  ? -4.244  4.417   -4.794  1.00 21.08  ?  69  ILE A CG2   1 
ATOM   122  C CD1   . ILE A 1 14  ? -4.894  2.165   -2.935  1.00 24.20  ?  69  ILE A CD1   1 
ATOM   123  N N     . THR A 1 15  ? -2.248  4.640   -7.699  1.00 22.04  ?  70  THR A N     1 
ATOM   124  C CA    . THR A 1 15  ? -1.480  5.661   -8.409  1.00 24.78  ?  70  THR A CA    1 
ATOM   125  C C     . THR A 1 15  ? -2.099  7.044   -8.279  1.00 25.53  ?  70  THR A C     1 
ATOM   126  O O     . THR A 1 15  ? -3.281  7.222   -8.558  1.00 28.97  ?  70  THR A O     1 
ATOM   127  C CB    . THR A 1 15  ? -1.400  5.306   -9.903  1.00 26.71  ?  70  THR A CB    1 
ATOM   128  O OG1   . THR A 1 15  ? -1.033  3.926   -10.044 1.00 26.95  ?  70  THR A OG1   1 
ATOM   129  C CG2   . THR A 1 15  ? -0.382  6.180   -10.608 1.00 28.95  ?  70  THR A CG2   1 
ATOM   130  N N     . GLN A 1 16  ? -1.308  8.032   -7.868  1.00 27.30  ?  71  GLN A N     1 
ATOM   131  C CA    . GLN A 1 16  ? -1.794  9.401   -7.873  1.00 27.82  ?  71  GLN A CA    1 
ATOM   132  C C     . GLN A 1 16  ? -1.942  9.862   -9.315  1.00 33.12  ?  71  GLN A C     1 
ATOM   133  O O     . GLN A 1 16  ? -1.038  9.646   -10.131 1.00 32.77  ?  71  GLN A O     1 
ATOM   134  C CB    . GLN A 1 16  ? -0.841  10.321  -7.110  1.00 29.43  ?  71  GLN A CB    1 
ATOM   135  C CG    . GLN A 1 16  ? -1.379  11.734  -6.936  1.00 29.89  ?  71  GLN A CG    1 
ATOM   136  C CD    . GLN A 1 16  ? -0.505  12.590  -6.042  1.00 31.16  ?  71  GLN A CD    1 
ATOM   137  O OE1   . GLN A 1 16  ? 0.533   12.146  -5.560  1.00 31.12  ?  71  GLN A OE1   1 
ATOM   138  N NE2   . GLN A 1 16  ? -0.921  13.827  -5.824  1.00 37.06  ?  71  GLN A NE2   1 
ATOM   139  N N     . PHE A 1 17  ? -3.090  10.452  -9.641  1.00 33.91  ?  72  PHE A N     1 
ATOM   140  C CA    . PHE A 1 17  ? -3.283  11.039  -10.971 1.00 35.98  ?  72  PHE A CA    1 
ATOM   141  C C     . PHE A 1 17  ? -3.630  12.522  -10.911 1.00 39.41  ?  72  PHE A C     1 
ATOM   142  O O     . PHE A 1 17  ? -3.475  13.235  -11.904 1.00 44.33  ?  72  PHE A O     1 
ATOM   143  C CB    . PHE A 1 17  ? -4.289  10.242  -11.822 1.00 35.73  ?  72  PHE A CB    1 
ATOM   144  C CG    . PHE A 1 17  ? -5.715  10.305  -11.332 1.00 36.68  ?  72  PHE A CG    1 
ATOM   145  C CD1   . PHE A 1 17  ? -6.568  11.311  -11.756 1.00 38.84  ?  72  PHE A CD1   1 
ATOM   146  C CD2   . PHE A 1 17  ? -6.217  9.321   -10.491 1.00 34.02  ?  72  PHE A CD2   1 
ATOM   147  C CE1   . PHE A 1 17  ? -7.884  11.350  -11.324 1.00 37.58  ?  72  PHE A CE1   1 
ATOM   148  C CE2   . PHE A 1 17  ? -7.531  9.360   -10.060 1.00 34.54  ?  72  PHE A CE2   1 
ATOM   149  C CZ    . PHE A 1 17  ? -8.361  10.371  -10.473 1.00 36.08  ?  72  PHE A CZ    1 
ATOM   150  N N     . GLN A 1 18  ? -4.085  12.989  -9.751  1.00 41.99  ?  73  GLN A N     1 
ATOM   151  C CA    . GLN A 1 18  ? -4.291  14.421  -9.545  1.00 43.44  ?  73  GLN A CA    1 
ATOM   152  C C     . GLN A 1 18  ? -3.311  14.968  -8.523  1.00 44.24  ?  73  GLN A C     1 
ATOM   153  O O     . GLN A 1 18  ? -3.303  14.541  -7.371  1.00 42.22  ?  73  GLN A O     1 
ATOM   154  C CB    . GLN A 1 18  ? -5.721  14.714  -9.093  1.00 45.87  ?  73  GLN A CB    1 
ATOM   155  C CG    . GLN A 1 18  ? -6.759  14.258  -10.093 1.00 47.50  ?  73  GLN A CG    1 
ATOM   156  C CD    . GLN A 1 18  ? -7.843  15.278  -10.334 1.00 50.11  ?  73  GLN A CD    1 
ATOM   157  O OE1   . GLN A 1 18  ? -8.435  15.807  -9.396  1.00 51.08  ?  73  GLN A OE1   1 
ATOM   158  N NE2   . GLN A 1 18  ? -8.111  15.566  -11.604 1.00 51.54  ?  73  GLN A NE2   1 
ATOM   159  N N     . LYS A 1 19  ? -2.484  15.923  -8.938  1.00 40.35  ?  74  LYS A N     1 
ATOM   160  C CA    . LYS A 1 19  ? -1.522  16.507  -8.012  1.00 39.62  ?  74  LYS A CA    1 
ATOM   161  C C     . LYS A 1 19  ? -2.247  17.286  -6.920  1.00 40.15  ?  74  LYS A C     1 
ATOM   162  O O     . LYS A 1 19  ? -3.297  17.868  -7.165  1.00 41.89  ?  74  LYS A O     1 
ATOM   163  C CB    . LYS A 1 19  ? -0.521  17.397  -8.755  1.00 42.50  ?  74  LYS A CB    1 
ATOM   164  C CG    . LYS A 1 19  ? 0.599   17.943  -7.871  1.00 45.50  ?  74  LYS A CG    1 
ATOM   165  C CD    . LYS A 1 19  ? 1.845   18.278  -8.683  1.00 45.65  ?  74  LYS A CD    1 
ATOM   166  C CE    . LYS A 1 19  ? 2.810   17.112  -8.682  1.00 44.79  ?  74  LYS A CE    1 
ATOM   167  N NZ    . LYS A 1 19  ? 3.695   17.092  -9.888  1.00 48.19  1  74  LYS A NZ    1 
ATOM   168  N N     . GLY A 1 20  ? -1.702  17.262  -5.708  1.00 47.54  ?  75  GLY A N     1 
ATOM   169  C CA    . GLY A 1 20  ? -2.261  18.034  -4.613  1.00 49.64  ?  75  GLY A CA    1 
ATOM   170  C C     . GLY A 1 20  ? -3.147  17.246  -3.664  1.00 48.50  ?  75  GLY A C     1 
ATOM   171  O O     . GLY A 1 20  ? -3.306  17.613  -2.499  1.00 50.48  ?  75  GLY A O     1 
ATOM   172  N N     . LYS A 1 21  ? -3.739  16.167  -4.161  1.00 42.26  ?  76  LYS A N     1 
ATOM   173  C CA    . LYS A 1 21  ? -4.617  15.349  -3.333  1.00 40.56  ?  76  LYS A CA    1 
ATOM   174  C C     . LYS A 1 21  ? -3.785  14.439  -2.430  1.00 38.29  ?  76  LYS A C     1 
ATOM   175  O O     . LYS A 1 21  ? -2.844  13.792  -2.892  1.00 36.70  ?  76  LYS A O     1 
ATOM   176  C CB    . LYS A 1 21  ? -5.545  14.519  -4.224  1.00 38.48  ?  76  LYS A CB    1 
ATOM   177  C CG    . LYS A 1 21  ? -6.380  15.348  -5.205  1.00 40.64  ?  76  LYS A CG    1 
ATOM   178  C CD    . LYS A 1 21  ? -7.404  16.241  -4.504  1.00 44.13  ?  76  LYS A CD    1 
ATOM   179  C CE    . LYS A 1 21  ? -8.396  15.428  -3.670  1.00 43.06  ?  76  LYS A CE    1 
ATOM   180  N NZ    . LYS A 1 21  ? -9.545  16.249  -3.167  1.00 44.37  1  76  LYS A NZ    1 
ATOM   181  N N     . GLU A 1 22  ? -4.113  14.402  -1.144  1.00 38.63  ?  77  GLU A N     1 
ATOM   182  C CA    . GLU A 1 22  ? -3.345  13.584  -0.206  1.00 35.91  ?  77  GLU A CA    1 
ATOM   183  C C     . GLU A 1 22  ? -3.827  12.133  -0.156  1.00 32.45  ?  77  GLU A C     1 
ATOM   184  O O     . GLU A 1 22  ? -5.020  11.849  -0.266  1.00 29.99  ?  77  GLU A O     1 
ATOM   185  C CB    . GLU A 1 22  ? -3.352  14.185  1.210   1.00 39.28  ?  77  GLU A CB    1 
ATOM   186  C CG    . GLU A 1 22  ? -2.866  15.638  1.320   1.00 42.87  ?  77  GLU A CG    1 
ATOM   187  C CD    . GLU A 1 22  ? -1.675  15.950  0.436   1.00 46.63  ?  77  GLU A CD    1 
ATOM   188  O OE1   . GLU A 1 22  ? -0.665  15.210  0.493   1.00 47.00  ?  77  GLU A OE1   1 
ATOM   189  O OE2   . GLU A 1 22  ? -1.750  16.940  -0.325  1.00 49.17  ?  77  GLU A OE2   1 
ATOM   190  N N     . PHE A 1 23  ? -2.877  11.220  0.009   1.00 26.50  ?  78  PHE A N     1 
ATOM   191  C CA    . PHE A 1 23  ? -3.175  9.808   0.192   1.00 23.89  ?  78  PHE A CA    1 
ATOM   192  C C     . PHE A 1 23  ? -3.658  9.582   1.626   1.00 21.41  ?  78  PHE A C     1 
ATOM   193  O O     . PHE A 1 23  ? -2.913  9.778   2.592   1.00 21.37  ?  78  PHE A O     1 
ATOM   194  C CB    . PHE A 1 23  ? -1.908  8.980   -0.096  1.00 20.33  ?  78  PHE A CB    1 
ATOM   195  C CG    . PHE A 1 23  ? -2.135  7.492   -0.082  1.00 17.64  ?  78  PHE A CG    1 
ATOM   196  C CD1   . PHE A 1 23  ? -2.525  6.840   -1.233  1.00 18.46  ?  78  PHE A CD1   1 
ATOM   197  C CD2   . PHE A 1 23  ? -1.981  6.756   1.083   1.00 17.16  ?  78  PHE A CD2   1 
ATOM   198  C CE1   . PHE A 1 23  ? -2.753  5.476   -1.242  1.00 15.57  ?  78  PHE A CE1   1 
ATOM   199  C CE2   . PHE A 1 23  ? -2.229  5.373   1.081   1.00 15.39  ?  78  PHE A CE2   1 
ATOM   200  C CZ    . PHE A 1 23  ? -2.607  4.739   -0.098  1.00 14.00  ?  78  PHE A CZ    1 
ATOM   201  N N     . GLU A 1 24  ? -4.915  9.168   1.772   1.00 22.46  ?  79  GLU A N     1 
ATOM   202  C CA    . GLU A 1 24  ? -5.483  8.973   3.108   1.00 21.06  ?  79  GLU A CA    1 
ATOM   203  C C     . GLU A 1 24  ? -6.602  7.943   3.108   1.00 18.44  ?  79  GLU A C     1 
ATOM   204  O O     . GLU A 1 24  ? -7.202  7.665   2.065   1.00 18.34  ?  79  GLU A O     1 
ATOM   205  C CB    . GLU A 1 24  ? -6.043  10.289  3.642   1.00 24.36  ?  79  GLU A CB    1 
ATOM   206  C CG    . GLU A 1 24  ? -7.070  10.890  2.708   1.00 24.45  ?  79  GLU A CG    1 
ATOM   207  C CD    . GLU A 1 24  ? -7.554  12.247  3.153   1.00 29.31  ?  79  GLU A CD    1 
ATOM   208  O OE1   . GLU A 1 24  ? -7.040  12.773  4.173   1.00 31.67  ?  79  GLU A OE1   1 
ATOM   209  O OE2   . GLU A 1 24  ? -8.443  12.796  2.469   1.00 30.21  ?  79  GLU A OE2   1 
ATOM   210  N N     . PHE A 1 25  ? -6.865  7.393   4.290   1.00 18.87  ?  80  PHE A N     1 
ATOM   211  C CA    . PHE A 1 25  ? -8.036  6.539   4.529   1.00 19.78  ?  80  PHE A CA    1 
ATOM   212  C C     . PHE A 1 25  ? -8.607  6.884   5.885   1.00 21.79  ?  80  PHE A C     1 
ATOM   213  O O     . PHE A 1 25  ? -7.891  7.393   6.753   1.00 22.40  ?  80  PHE A O     1 
ATOM   214  C CB    . PHE A 1 25  ? -7.636  5.064   4.514   1.00 17.51  ?  80  PHE A CB    1 
ATOM   215  C CG    . PHE A 1 25  ? -7.314  4.549   3.150   1.00 14.03  ?  80  PHE A CG    1 
ATOM   216  C CD1   . PHE A 1 25  ? -8.331  4.104   2.307   1.00 14.65  ?  80  PHE A CD1   1 
ATOM   217  C CD2   . PHE A 1 25  ? -6.011  4.482   2.706   1.00 13.65  ?  80  PHE A CD2   1 
ATOM   218  C CE1   . PHE A 1 25  ? -8.031  3.631   1.032   1.00 14.24  ?  80  PHE A CE1   1 
ATOM   219  C CE2   . PHE A 1 25  ? -5.705  4.005   1.442   1.00 13.27  ?  80  PHE A CE2   1 
ATOM   220  C CZ    . PHE A 1 25  ? -6.723  3.564   0.604   1.00 13.60  ?  80  PHE A CZ    1 
ATOM   221  N N     . VAL A 1 26  ? -9.883  6.576   6.094   1.00 20.00  ?  81  VAL A N     1 
ATOM   222  C CA    . VAL A 1 26  ? -10.493 6.740   7.409   1.00 22.79  ?  81  VAL A CA    1 
ATOM   223  C C     . VAL A 1 26  ? -9.926  5.688   8.362   1.00 20.16  ?  81  VAL A C     1 
ATOM   224  O O     . VAL A 1 26  ? -9.651  4.565   7.927   1.00 19.04  ?  81  VAL A O     1 
ATOM   225  C CB    . VAL A 1 26  ? -12.015 6.593   7.287   1.00 22.49  ?  81  VAL A CB    1 
ATOM   226  C CG1   . VAL A 1 26  ? -12.680 6.619   8.650   1.00 25.54  ?  81  VAL A CG1   1 
ATOM   227  C CG2   . VAL A 1 26  ? -12.566 7.702   6.403   1.00 23.59  ?  81  VAL A CG2   1 
ATOM   228  N N     . GLU A 1 27  ? -9.728  6.023   9.641   1.00 22.36  ?  82  GLU A N     1 
ATOM   229  C CA    . GLU A 1 27  ? -9.165  5.037   10.578  1.00 21.67  ?  82  GLU A CA    1 
ATOM   230  C C     . GLU A 1 27  ? -10.079 3.823   10.633  1.00 21.35  ?  82  GLU A C     1 
ATOM   231  O O     . GLU A 1 27  ? -11.305 3.965   10.777  1.00 23.98  ?  82  GLU A O     1 
ATOM   232  C CB    . GLU A 1 27  ? -8.943  5.627   11.991  1.00 26.43  ?  82  GLU A CB    1 
ATOM   233  C CG    . GLU A 1 27  ? -8.255  4.640   12.978  1.00 26.73  ?  82  GLU A CG    1 
ATOM   234  C CD    . GLU A 1 27  ? -7.974  5.240   14.365  1.00 34.09  ?  82  GLU A CD    1 
ATOM   235  O OE1   . GLU A 1 27  ? -7.253  4.598   15.174  1.00 33.60  ?  82  GLU A OE1   1 
ATOM   236  O OE2   . GLU A 1 27  ? -8.471  6.353   14.646  1.00 36.13  ?  82  GLU A OE2   1 
ATOM   237  N N     . GLY A 1 28  ? -9.488  2.636   10.488  1.00 17.26  ?  83  GLY A N     1 
ATOM   238  C CA    . GLY A 1 28  ? -10.229 1.382   10.446  1.00 15.28  ?  83  GLY A CA    1 
ATOM   239  C C     . GLY A 1 28  ? -10.374 0.876   9.022   1.00 15.51  ?  83  GLY A C     1 
ATOM   240  O O     . GLY A 1 28  ? -10.780 -0.282  8.789   1.00 17.83  ?  83  GLY A O     1 
ATOM   241  N N     . GLN A 1 29  ? -10.044 1.743   8.065   1.00 15.83  ?  84  GLN A N     1 
ATOM   242  C CA    . GLN A 1 29  ? -10.182 1.416   6.645   1.00 15.42  ?  84  GLN A CA    1 
ATOM   243  C C     . GLN A 1 29  ? -8.834  1.432   5.949   1.00 13.01  ?  84  GLN A C     1 
ATOM   244  O O     . GLN A 1 29  ? -7.829  1.881   6.526   1.00 14.21  ?  84  GLN A O     1 
ATOM   245  C CB    . GLN A 1 29  ? -11.128 2.410   5.969   1.00 16.39  ?  84  GLN A CB    1 
ATOM   246  C CG    . GLN A 1 29  ? -12.510 2.411   6.629   1.00 17.21  ?  84  GLN A CG    1 
ATOM   247  C CD    . GLN A 1 29  ? -13.465 3.383   6.001   1.00 21.24  ?  84  GLN A CD    1 
ATOM   248  O OE1   . GLN A 1 29  ? -13.220 3.932   4.925   1.00 25.58  ?  84  GLN A OE1   1 
ATOM   249  N NE2   . GLN A 1 29  ? -14.608 3.593   6.681   1.00 16.53  ?  84  GLN A NE2   1 
ATOM   250  N N     . GLY A 1 30  ? -8.802  0.910   4.722   1.00 14.53  ?  85  GLY A N     1 
ATOM   251  C CA    . GLY A 1 30  ? -7.621  1.031   3.892   1.00 13.98  ?  85  GLY A CA    1 
ATOM   252  C C     . GLY A 1 30  ? -6.773  -0.222  3.764   1.00 14.61  ?  85  GLY A C     1 
ATOM   253  O O     . GLY A 1 30  ? -5.769  -0.169  3.089   1.00 11.38  ?  85  GLY A O     1 
ATOM   254  N N     . VAL A 1 31  ? -7.165  -1.332  4.397   1.00 13.50  ?  86  VAL A N     1 
ATOM   255  C CA    . VAL A 1 31  ? -6.451  -2.605  4.193   1.00 13.60  ?  86  VAL A CA    1 
ATOM   256  C C     . VAL A 1 31  ? -7.129  -3.338  3.042   1.00 15.62  ?  86  VAL A C     1 
ATOM   257  O O     . VAL A 1 31  ? -8.341  -3.614  3.100   1.00 15.53  ?  86  VAL A O     1 
ATOM   258  C CB    . VAL A 1 31  ? -6.425  -3.493  5.485   1.00 14.53  ?  86  VAL A CB    1 
ATOM   259  C CG1   . VAL A 1 31  ? -5.586  -4.763  5.253   1.00 15.39  ?  86  VAL A CG1   1 
ATOM   260  C CG2   . VAL A 1 31  ? -5.844  -2.702  6.651   1.00 15.02  ?  86  VAL A CG2   1 
ATOM   261  N N     . PRO A 1 32  ? -6.373  -3.633  1.974   1.00 14.49  ?  87  PRO A N     1 
ATOM   262  C CA    . PRO A 1 32  ? -6.986  -4.266  0.796   1.00 14.42  ?  87  PRO A CA    1 
ATOM   263  C C     . PRO A 1 32  ? -7.408  -5.692  1.133   1.00 15.60  ?  87  PRO A C     1 
ATOM   264  O O     . PRO A 1 32  ? -6.901  -6.287  2.098   1.00 16.22  ?  87  PRO A O     1 
ATOM   265  C CB    . PRO A 1 32  ? -5.861  -4.254  -0.257  1.00 15.88  ?  87  PRO A CB    1 
ATOM   266  C CG    . PRO A 1 32  ? -4.600  -4.016  0.512   1.00 14.21  ?  87  PRO A CG    1 
ATOM   267  C CD    . PRO A 1 32  ? -4.958  -3.277  1.763   1.00 12.59  ?  87  PRO A CD    1 
ATOM   268  N N     . ILE A 1 33  ? -8.368  -6.207  0.360   1.00 15.98  ?  88  ILE A N     1 
ATOM   269  C CA    . ILE A 1 33  ? -8.968  -7.501  0.620   1.00 19.38  ?  88  ILE A CA    1 
ATOM   270  C C     . ILE A 1 33  ? -8.179  -8.670  0.044   1.00 16.62  ?  88  ILE A C     1 
ATOM   271  O O     . ILE A 1 33  ? -7.884  -8.720  -1.159  1.00 18.60  ?  88  ILE A O     1 
ATOM   272  C CB    . ILE A 1 33  ? -10.405 -7.572  0.061   1.00 18.90  ?  88  ILE A CB    1 
ATOM   273  C CG1   . ILE A 1 33  ? -11.267 -6.453  0.641   1.00 20.30  ?  88  ILE A CG1   1 
ATOM   274  C CG2   . ILE A 1 33  ? -11.009 -8.947  0.359   1.00 22.47  ?  88  ILE A CG2   1 
ATOM   275  C CD1   . ILE A 1 33  ? -11.492 -6.552  2.109   1.00 24.95  ?  88  ILE A CD1   1 
ATOM   276  N N     . ALA A 1 34  ? -7.827  -9.600  0.924   1.00 22.63  ?  89  ALA A N     1 
ATOM   277  C CA    . ALA A 1 34  ? -7.235  -10.872 0.528   1.00 25.00  ?  89  ALA A CA    1 
ATOM   278  C C     . ALA A 1 34  ? -8.098  -11.988 1.095   1.00 27.37  ?  89  ALA A C     1 
ATOM   279  O O     . ALA A 1 34  ? -8.407  -11.992 2.284   1.00 26.84  ?  89  ALA A O     1 
ATOM   280  C CB    . ALA A 1 34  ? -5.815  -10.979 1.059   1.00 25.87  ?  89  ALA A CB    1 
ATOM   281  N N     . PRO A 1 35  ? -8.475  -12.956 0.252   1.00 31.87  ?  90  PRO A N     1 
ATOM   282  C CA    . PRO A 1 35  ? -9.348  -14.040 0.722   1.00 32.56  ?  90  PRO A CA    1 
ATOM   283  C C     . PRO A 1 35  ? -8.712  -14.841 1.851   1.00 31.65  ?  90  PRO A C     1 
ATOM   284  O O     . PRO A 1 35  ? -7.530  -15.180 1.781   1.00 32.75  ?  90  PRO A O     1 
ATOM   285  C CB    . PRO A 1 35  ? -9.516  -14.920 -0.524  1.00 34.74  ?  90  PRO A CB    1 
ATOM   286  C CG    . PRO A 1 35  ? -8.322  -14.626 -1.373  1.00 37.13  ?  90  PRO A CG    1 
ATOM   287  C CD    . PRO A 1 35  ? -8.039  -13.155 -1.141  1.00 32.34  ?  90  PRO A CD    1 
ATOM   288  N N     . GLY A 1 36  ? -9.475  -15.109 2.903   1.00 36.26  ?  91  GLY A N     1 
ATOM   289  C CA    . GLY A 1 36  ? -8.984  -15.955 3.974   1.00 37.29  ?  91  GLY A CA    1 
ATOM   290  C C     . GLY A 1 36  ? -8.246  -15.240 5.091   1.00 38.02  ?  91  GLY A C     1 
ATOM   291  O O     . GLY A 1 36  ? -8.046  -15.808 6.167   1.00 42.77  ?  91  GLY A O     1 
ATOM   292  N N     . VAL A 1 37  ? -7.835  -13.998 4.851   1.00 29.97  ?  92  VAL A N     1 
ATOM   293  C CA    . VAL A 1 37  ? -7.103  -13.251 5.872   1.00 30.00  ?  92  VAL A CA    1 
ATOM   294  C C     . VAL A 1 37  ? -8.074  -12.766 6.955   1.00 28.82  ?  92  VAL A C     1 
ATOM   295  O O     . VAL A 1 37  ? -9.039  -12.062 6.657   1.00 27.90  ?  92  VAL A O     1 
ATOM   296  C CB    . VAL A 1 37  ? -6.339  -12.064 5.254   1.00 27.55  ?  92  VAL A CB    1 
ATOM   297  C CG1   . VAL A 1 37  ? -5.682  -11.229 6.333   1.00 26.26  ?  92  VAL A CG1   1 
ATOM   298  C CG2   . VAL A 1 37  ? -5.286  -12.572 4.267   1.00 27.34  ?  92  VAL A CG2   1 
ATOM   299  N N     . PRO A 1 38  ? -7.835  -13.167 8.214   1.00 24.71  ?  93  PRO A N     1 
ATOM   300  C CA    . PRO A 1 38  ? -8.695  -12.735 9.321   1.00 25.90  ?  93  PRO A CA    1 
ATOM   301  C C     . PRO A 1 38  ? -8.522  -11.243 9.567   1.00 23.13  ?  93  PRO A C     1 
ATOM   302  O O     . PRO A 1 38  ? -7.441  -10.716 9.310   1.00 22.46  ?  93  PRO A O     1 
ATOM   303  C CB    . PRO A 1 38  ? -8.151  -13.532 10.512  1.00 28.49  ?  93  PRO A CB    1 
ATOM   304  C CG    . PRO A 1 38  ? -7.454  -14.711 9.896   1.00 29.81  ?  93  PRO A CG    1 
ATOM   305  C CD    . PRO A 1 38  ? -6.844  -14.165 8.644   1.00 27.14  ?  93  PRO A CD    1 
ATOM   306  N N     . ALA A 1 39  ? -9.562  -10.569 10.043  1.00 23.69  ?  94  ALA A N     1 
ATOM   307  C CA    . ALA A 1 39  ? -9.481  -9.129  10.275  1.00 22.07  ?  94  ALA A CA    1 
ATOM   308  C C     . ALA A 1 39  ? -8.427  -8.778  11.323  1.00 22.17  ?  94  ALA A C     1 
ATOM   309  O O     . ALA A 1 39  ? -7.838  -7.678  11.303  1.00 19.55  ?  94  ALA A O     1 
ATOM   310  C CB    . ALA A 1 39  ? -10.839 -8.592  10.671  1.00 24.30  ?  94  ALA A CB    1 
ATOM   311  N N     . THR A 1 40  ? -8.175  -9.712  12.233  1.00 22.85  ?  95  THR A N     1 
ATOM   312  C CA    . THR A 1 40  ? -7.138  -9.522  13.241  1.00 26.17  ?  95  THR A CA    1 
ATOM   313  C C     . THR A 1 40  ? -5.753  -9.333  12.620  1.00 24.22  ?  95  THR A C     1 
ATOM   314  O O     . THR A 1 40  ? -4.865  -8.790  13.279  1.00 25.62  ?  95  THR A O     1 
ATOM   315  C CB    . THR A 1 40  ? -7.090  -10.677 14.271  1.00 28.02  ?  95  THR A CB    1 
ATOM   316  O OG1   . THR A 1 40  ? -7.032  -11.942 13.601  1.00 29.41  ?  95  THR A OG1   1 
ATOM   317  C CG2   . THR A 1 40  ? -8.310  -10.636 15.199  1.00 28.80  ?  95  THR A CG2   1 
ATOM   318  N N     . GLU A 1 41  ? -5.577  -9.762  11.368  1.00 27.25  ?  96  GLU A N     1 
ATOM   319  C CA    . GLU A 1 41  ? -4.291  -9.629  10.661  1.00 25.34  ?  96  GLU A CA    1 
ATOM   320  C C     . GLU A 1 41  ? -4.276  -8.461  9.673   1.00 23.18  ?  96  GLU A C     1 
ATOM   321  O O     . GLU A 1 41  ? -3.260  -8.197  9.017   1.00 22.40  ?  96  GLU A O     1 
ATOM   322  C CB    . GLU A 1 41  ? -3.944  -10.919 9.909   1.00 28.23  ?  96  GLU A CB    1 
ATOM   323  C CG    . GLU A 1 41  ? -4.020  -12.188 10.740  1.00 31.67  ?  96  GLU A CG    1 
ATOM   324  C CD    . GLU A 1 41  ? -3.083  -12.148 11.914  1.00 35.88  ?  96  GLU A CD    1 
ATOM   325  O OE1   . GLU A 1 41  ? -1.978  -11.595 11.755  1.00 34.91  ?  96  GLU A OE1   1 
ATOM   326  O OE2   . GLU A 1 41  ? -3.453  -12.658 12.993  1.00 40.63  ?  96  GLU A OE2   1 
ATOM   327  N N     . ALA A 1 42  ? -5.402  -7.760  9.564   1.00 21.78  ?  97  ALA A N     1 
ATOM   328  C CA    . ALA A 1 42  ? -5.524  -6.675  8.596   1.00 16.69  ?  97  ALA A CA    1 
ATOM   329  C C     . ALA A 1 42  ? -4.901  -5.403  9.153   1.00 17.53  ?  97  ALA A C     1 
ATOM   330  O O     . ALA A 1 42  ? -5.593  -4.530  9.657   1.00 16.59  ?  97  ALA A O     1 
ATOM   331  C CB    . ALA A 1 42  ? -6.980  -6.451  8.219   1.00 17.96  ?  97  ALA A CB    1 
ATOM   332  N N     . LYS A 1 43  ? -3.580  -5.300  9.031   1.00 17.40  ?  98  LYS A N     1 
ATOM   333  C CA    . LYS A 1 43  ? -2.833  -4.181  9.601   1.00 16.38  ?  98  LYS A CA    1 
ATOM   334  C C     . LYS A 1 43  ? -1.543  -4.016  8.815   1.00 15.04  ?  98  LYS A C     1 
ATOM   335  O O     . LYS A 1 43  ? -0.932  -5.000  8.433   1.00 15.77  ?  98  LYS A O     1 
ATOM   336  C CB    . LYS A 1 43  ? -2.503  -4.466  11.069  1.00 17.41  ?  98  LYS A CB    1 
ATOM   337  C CG    . LYS A 1 43  ? -1.941  -5.874  11.324  1.00 20.90  ?  98  LYS A CG    1 
ATOM   338  C CD    . LYS A 1 43  ? -1.742  -6.135  12.821  1.00 22.88  ?  98  LYS A CD    1 
ATOM   339  C CE    . LYS A 1 43  ? -1.451  -7.611  13.092  1.00 25.59  ?  98  LYS A CE    1 
ATOM   340  N NZ    . LYS A 1 43  ? -1.173  -7.837  14.536  1.00 27.54  1  98  LYS A NZ    1 
ATOM   341  N N     . GLY A 1 44  ? -1.121  -2.785  8.583   1.00 12.79  ?  99  GLY A N     1 
ATOM   342  C CA    . GLY A 1 44  ? 0.050   -2.576  7.745   1.00 13.26  ?  99  GLY A CA    1 
ATOM   343  C C     . GLY A 1 44  ? 0.201   -1.141  7.324   1.00 13.28  ?  99  GLY A C     1 
ATOM   344  O O     . GLY A 1 44  ? -0.219  -0.217  8.031   1.00 13.29  ?  99  GLY A O     1 
ATOM   345  N N     . TYR A 1 45  ? 0.820   -0.935  6.165   1.00 12.70  ?  100 TYR A N     1 
ATOM   346  C CA    . TYR A 1 45  ? 1.046   0.423   5.676   1.00 13.71  ?  100 TYR A CA    1 
ATOM   347  C C     . TYR A 1 45  ? 1.106   0.448   4.161   1.00 12.49  ?  100 TYR A C     1 
ATOM   348  O O     . TYR A 1 45  ? 1.447   -0.549  3.520   1.00 12.80  ?  100 TYR A O     1 
ATOM   349  C CB    . TYR A 1 45  ? 2.350   1.018   6.242   1.00 13.99  ?  100 TYR A CB    1 
ATOM   350  C CG    . TYR A 1 45  ? 3.578   0.217   5.896   1.00 15.26  ?  100 TYR A CG    1 
ATOM   351  C CD1   . TYR A 1 45  ? 3.894   -0.939  6.586   1.00 14.98  ?  100 TYR A CD1   1 
ATOM   352  C CD2   . TYR A 1 45  ? 4.424   0.623   4.863   1.00 16.34  ?  100 TYR A CD2   1 
ATOM   353  C CE1   . TYR A 1 45  ? 5.005   -1.681  6.267   1.00 16.29  ?  100 TYR A CE1   1 
ATOM   354  C CE2   . TYR A 1 45  ? 5.550   -0.116  4.539   1.00 15.93  ?  100 TYR A CE2   1 
ATOM   355  C CZ    . TYR A 1 45  ? 5.832   -1.261  5.245   1.00 16.72  ?  100 TYR A CZ    1 
ATOM   356  O OH    . TYR A 1 45  ? 6.944   -1.996  4.910   1.00 18.91  ?  100 TYR A OH    1 
ATOM   357  N N     . TRP A 1 46  ? 0.714   1.589   3.608   1.00 11.63  ?  101 TRP A N     1 
ATOM   358  C CA    . TRP A 1 46  ? 0.982   1.888   2.210   1.00 11.69  ?  101 TRP A CA    1 
ATOM   359  C C     . TRP A 1 46  ? 2.300   2.633   2.163   1.00 14.62  ?  101 TRP A C     1 
ATOM   360  O O     . TRP A 1 46  ? 2.558   3.533   2.980   1.00 16.95  ?  101 TRP A O     1 
ATOM   361  C CB    . TRP A 1 46  ? -0.165  2.744   1.664   1.00 11.84  ?  101 TRP A CB    1 
ATOM   362  C CG    . TRP A 1 46  ? -1.431  1.956   1.537   1.00 12.44  ?  101 TRP A CG    1 
ATOM   363  C CD1   . TRP A 1 46  ? -2.420  1.822   2.471   1.00 13.68  ?  101 TRP A CD1   1 
ATOM   364  C CD2   . TRP A 1 46  ? -1.840  1.201   0.410   1.00 12.41  ?  101 TRP A CD2   1 
ATOM   365  N NE1   . TRP A 1 46  ? -3.420  1.002   1.985   1.00 12.45  ?  101 TRP A NE1   1 
ATOM   366  C CE2   . TRP A 1 46  ? -3.091  0.616   0.718   1.00 13.39  ?  101 TRP A CE2   1 
ATOM   367  C CE3   . TRP A 1 46  ? -1.271  0.949   -0.837  1.00 13.55  ?  101 TRP A CE3   1 
ATOM   368  C CZ2   . TRP A 1 46  ? -3.776  -0.204  -0.175  1.00 13.38  ?  101 TRP A CZ2   1 
ATOM   369  C CZ3   . TRP A 1 46  ? -1.950  0.135   -1.724  1.00 15.25  ?  101 TRP A CZ3   1 
ATOM   370  C CH2   . TRP A 1 46  ? -3.183  -0.437  -1.389  1.00 13.86  ?  101 TRP A CH2   1 
ATOM   371  N N     . TYR A 1 47  ? 3.127   2.277   1.176   1.00 13.00  ?  102 TYR A N     1 
ATOM   372  C CA    . TYR A 1 47  ? 4.464   2.850   1.007   1.00 13.84  ?  102 TYR A CA    1 
ATOM   373  C C     . TYR A 1 47  ? 4.518   3.550   -0.325  1.00 16.90  ?  102 TYR A C     1 
ATOM   374  O O     . TYR A 1 47  ? 4.173   2.964   -1.357  1.00 15.42  ?  102 TYR A O     1 
ATOM   375  C CB    . TYR A 1 47  ? 5.510   1.741   1.043   1.00 14.64  ?  102 TYR A CB    1 
ATOM   376  C CG    . TYR A 1 47  ? 6.920   2.250   0.875   1.00 20.95  ?  102 TYR A CG    1 
ATOM   377  C CD1   . TYR A 1 47  ? 7.455   3.164   1.770   1.00 21.72  ?  102 TYR A CD1   1 
ATOM   378  C CD2   . TYR A 1 47  ? 7.709   1.809   -0.161  1.00 25.96  ?  102 TYR A CD2   1 
ATOM   379  C CE1   . TYR A 1 47  ? 8.753   3.632   1.624   1.00 27.11  ?  102 TYR A CE1   1 
ATOM   380  C CE2   . TYR A 1 47  ? 9.004   2.278   -0.319  1.00 25.64  ?  102 TYR A CE2   1 
ATOM   381  C CZ    . TYR A 1 47  ? 9.516   3.179   0.581   1.00 28.05  ?  102 TYR A CZ    1 
ATOM   382  O OH    . TYR A 1 47  ? 10.807  3.649   0.445   1.00 34.05  ?  102 TYR A OH    1 
ATOM   383  N N     . ARG A 1 48  ? 4.972   4.797   -0.314  1.00 13.49  ?  103 ARG A N     1 
ATOM   384  C CA    . ARG A 1 48  ? 4.999   5.606   -1.522  1.00 14.44  ?  103 ARG A CA    1 
ATOM   385  C C     . ARG A 1 48  ? 6.248   5.329   -2.354  1.00 17.97  ?  103 ARG A C     1 
ATOM   386  O O     . ARG A 1 48  ? 7.379   5.453   -1.869  1.00 19.15  ?  103 ARG A O     1 
ATOM   387  C CB    . ARG A 1 48  ? 4.947   7.096   -1.163  1.00 17.57  ?  103 ARG A CB    1 
ATOM   388  C CG    . ARG A 1 48  ? 4.919   8.025   -2.376  1.00 21.02  ?  103 ARG A CG    1 
ATOM   389  C CD    . ARG A 1 48  ? 4.862   9.488   -1.949  1.00 21.71  ?  103 ARG A CD    1 
ATOM   390  N NE    . ARG A 1 48  ? 5.893   9.805   -0.965  1.00 22.02  ?  103 ARG A NE    1 
ATOM   391  C CZ    . ARG A 1 48  ? 5.799   10.815  -0.102  1.00 24.95  ?  103 ARG A CZ    1 
ATOM   392  N NH1   . ARG A 1 48  ? 4.720   11.587  -0.105  1.00 28.22  ?  103 ARG A NH1   1 
ATOM   393  N NH2   . ARG A 1 48  ? 6.766   11.042  0.774   1.00 24.57  ?  103 ARG A NH2   1 
ATOM   394  N N     . HIS A 1 49  ? 6.032   4.941   -3.605  1.00 16.22  ?  104 HIS A N     1 
ATOM   395  C CA    . HIS A 1 49  ? 7.131   4.885   -4.559  1.00 20.00  ?  104 HIS A CA    1 
ATOM   396  C C     . HIS A 1 49  ? 7.146   6.153   -5.417  1.00 20.94  ?  104 HIS A C     1 
ATOM   397  O O     . HIS A 1 49  ? 6.231   6.373   -6.219  1.00 19.59  ?  104 HIS A O     1 
ATOM   398  C CB    . HIS A 1 49  ? 6.976   3.641   -5.431  1.00 20.26  ?  104 HIS A CB    1 
ATOM   399  C CG    . HIS A 1 49  ? 8.054   3.496   -6.455  1.00 27.82  ?  104 HIS A CG    1 
ATOM   400  N ND1   . HIS A 1 49  ? 9.378   3.784   -6.191  1.00 32.82  ?  104 HIS A ND1   1 
ATOM   401  C CD2   . HIS A 1 49  ? 8.005   3.102   -7.747  1.00 30.41  ?  104 HIS A CD2   1 
ATOM   402  C CE1   . HIS A 1 49  ? 10.096  3.568   -7.276  1.00 32.60  ?  104 HIS A CE1   1 
ATOM   403  N NE2   . HIS A 1 49  ? 9.286   3.154   -8.236  1.00 31.64  ?  104 HIS A NE2   1 
ATOM   404  N N     . ASN A 1 50  ? 8.157   7.006   -5.219  1.00 22.21  ?  105 ASN A N     1 
ATOM   405  C CA    . ASN A 1 50  ? 8.340   8.178   -6.066  1.00 25.31  ?  105 ASN A CA    1 
ATOM   406  C C     . ASN A 1 50  ? 9.018   7.746   -7.360  1.00 27.11  ?  105 ASN A C     1 
ATOM   407  O O     . ASN A 1 50  ? 9.952   6.946   -7.313  1.00 27.91  ?  105 ASN A O     1 
ATOM   408  C CB    . ASN A 1 50  ? 9.185   9.221   -5.339  1.00 23.79  ?  105 ASN A CB    1 
ATOM   409  C CG    . ASN A 1 50  ? 8.486   9.770   -4.125  1.00 22.34  ?  105 ASN A CG    1 
ATOM   410  O OD1   . ASN A 1 50  ? 7.362   10.261  -4.220  1.00 24.89  ?  105 ASN A OD1   1 
ATOM   411  N ND2   . ASN A 1 50  ? 9.132   9.669   -2.969  1.00 21.26  ?  105 ASN A ND2   1 
ATOM   412  N N     . ARG A 1 51  ? 8.596   8.246   -8.423  1.00 20.32  ?  106 ARG A N     1 
ATOM   413  C CA    . ARG A 1 51  ? 8.823   7.570   -9.711  1.00 21.13  ?  106 ARG A CA    1 
ATOM   414  C C     . ARG A 1 51  ? 9.841   8.151   -10.719 1.00 27.99  ?  106 ARG A C     1 
ATOM   415  O O     . ARG A 1 51  ? 10.498  7.378   -11.421 1.00 45.00  ?  106 ARG A O     1 
ATOM   416  C CB    . ARG A 1 51  ? 7.487   7.334   -10.405 1.00 24.78  ?  106 ARG A CB    1 
ATOM   417  C CG    . ARG A 1 51  ? 6.825   5.979   -10.088 1.00 26.88  ?  106 ARG A CG    1 
ATOM   418  C CD    . ARG A 1 51  ? 5.349   6.044   -10.385 1.00 17.52  ?  106 ARG A CD    1 
ATOM   419  N NE    . ARG A 1 51  ? 4.945   5.441   -11.644 1.00 33.37  ?  106 ARG A NE    1 
ATOM   420  C CZ    . ARG A 1 51  ? 3.840   5.758   -12.306 1.00 28.74  ?  106 ARG A CZ    1 
ATOM   421  N NH1   . ARG A 1 51  ? 3.006   6.683   -11.845 1.00 21.18  ?  106 ARG A NH1   1 
ATOM   422  N NH2   . ARG A 1 51  ? 3.570   5.151   -13.446 1.00 34.18  ?  106 ARG A NH2   1 
ATOM   423  N N     . ARG A 1 52  ? 9.983   9.467   -10.815 1.00 31.76  ?  107 ARG A N     1 
ATOM   424  C CA    . ARG A 1 52  ? 10.955  10.084  -11.770 1.00 32.54  ?  107 ARG A CA    1 
ATOM   425  C C     . ARG A 1 52  ? 10.858  9.681   -13.264 1.00 36.37  ?  107 ARG A C     1 
ATOM   426  O O     . ARG A 1 52  ? 10.899  8.506   -13.617 1.00 28.51  ?  107 ARG A O     1 
ATOM   427  C CB    . ARG A 1 52  ? 12.422  9.890   -11.310 1.00 45.48  ?  107 ARG A CB    1 
ATOM   428  C CG    . ARG A 1 52  ? 13.165  11.209  -10.943 1.00 34.28  ?  107 ARG A CG    1 
ATOM   429  C CD    . ARG A 1 52  ? 14.679  11.196  -11.274 1.00 33.98  ?  107 ARG A CD    1 
ATOM   430  N NE    . ARG A 1 52  ? 14.935  11.937  -12.507 1.00 28.42  ?  107 ARG A NE    1 
ATOM   431  C CZ    . ARG A 1 52  ? 15.968  12.745  -12.757 1.00 29.63  ?  107 ARG A CZ    1 
ATOM   432  N NH1   . ARG A 1 52  ? 16.944  12.990  -11.869 1.00 14.87  ?  107 ARG A NH1   1 
ATOM   433  N NH2   . ARG A 1 52  ? 16.012  13.330  -13.941 1.00 21.35  ?  107 ARG A NH2   1 
ATOM   434  N N     . SER A 1 53  ? 10.795  10.695  -14.127 1.00 40.05  ?  108 SER A N     1 
ATOM   435  C CA    . SER A 1 53  ? 10.753  10.530  -15.582 1.00 45.59  ?  108 SER A CA    1 
ATOM   436  C C     . SER A 1 53  ? 12.045  11.085  -16.184 1.00 46.82  ?  108 SER A C     1 
ATOM   437  O O     . SER A 1 53  ? 12.718  11.891  -15.551 1.00 34.84  ?  108 SER A O     1 
ATOM   438  C CB    . SER A 1 53  ? 9.548   11.294  -16.152 1.00 45.21  ?  108 SER A CB    1 
ATOM   439  O OG    . SER A 1 53  ? 9.610   12.673  -15.812 1.00 55.64  ?  108 SER A OG    1 
ATOM   440  N N     . PHE A 1 54  ? 12.408  10.661  -17.394 1.00 41.37  ?  109 PHE A N     1 
ATOM   441  C CA    . PHE A 1 54  ? 13.594  11.233  -18.042 1.00 32.37  ?  109 PHE A CA    1 
ATOM   442  C C     . PHE A 1 54  ? 13.242  12.462  -18.885 1.00 27.58  ?  109 PHE A C     1 
ATOM   443  O O     . PHE A 1 54  ? 12.127  12.618  -19.377 1.00 28.52  ?  109 PHE A O     1 
ATOM   444  C CB    . PHE A 1 54  ? 14.330  10.197  -18.885 1.00 29.60  ?  109 PHE A CB    1 
ATOM   445  C CG    . PHE A 1 54  ? 13.491  9.592   -19.959 1.00 40.74  ?  109 PHE A CG    1 
ATOM   446  C CD1   . PHE A 1 54  ? 13.115  10.339  -21.064 1.00 31.21  ?  109 PHE A CD1   1 
ATOM   447  C CD2   . PHE A 1 54  ? 13.073  8.277   -19.866 1.00 44.79  ?  109 PHE A CD2   1 
ATOM   448  C CE1   . PHE A 1 54  ? 12.345  9.777   -22.059 1.00 33.26  ?  109 PHE A CE1   1 
ATOM   449  C CE2   . PHE A 1 54  ? 12.303  7.717   -20.851 1.00 38.07  ?  109 PHE A CE2   1 
ATOM   450  C CZ    . PHE A 1 54  ? 11.937  8.465   -21.951 1.00 34.88  ?  109 PHE A CZ    1 
ATOM   451  N N     . LYS A 1 55  ? 14.214  13.342  -19.042 1.00 24.57  ?  110 LYS A N     1 
ATOM   452  C CA    . LYS A 1 55  ? 13.986  14.592  -19.726 1.00 19.16  ?  110 LYS A CA    1 
ATOM   453  C C     . LYS A 1 55  ? 13.880  14.348  -21.230 1.00 29.06  ?  110 LYS A C     1 
ATOM   454  O O     . LYS A 1 55  ? 14.623  13.541  -21.795 1.00 15.75  ?  110 LYS A O     1 
ATOM   455  C CB    . LYS A 1 55  ? 15.112  15.566  -19.392 1.00 33.02  ?  110 LYS A CB    1 
ATOM   456  C CG    . LYS A 1 55  ? 14.960  16.918  -20.013 1.00 36.25  ?  110 LYS A CG    1 
ATOM   457  C CD    . LYS A 1 55  ? 16.130  17.807  -19.634 1.00 34.24  ?  110 LYS A CD    1 
ATOM   458  C CE    . LYS A 1 55  ? 15.662  19.157  -19.124 1.00 33.30  ?  110 LYS A CE    1 
ATOM   459  N NZ    . LYS A 1 55  ? 16.728  20.159  -19.321 1.00 24.86  1  110 LYS A NZ    1 
ATOM   460  N N     . THR A 1 56  ? 12.927  15.021  -21.865 1.00 25.14  ?  111 THR A N     1 
ATOM   461  C CA    . THR A 1 56  ? 12.756  14.951  -23.322 1.00 23.67  ?  111 THR A CA    1 
ATOM   462  C C     . THR A 1 56  ? 12.897  16.362  -23.886 1.00 31.54  ?  111 THR A C     1 
ATOM   463  O O     . THR A 1 56  ? 13.284  17.298  -23.156 1.00 29.59  ?  111 THR A O     1 
ATOM   464  C CB    . THR A 1 56  ? 11.348  14.429  -23.711 1.00 34.57  ?  111 THR A CB    1 
ATOM   465  O OG1   . THR A 1 56  ? 10.340  15.240  -23.079 1.00 38.37  ?  111 THR A OG1   1 
ATOM   466  C CG2   . THR A 1 56  ? 11.158  12.959  -23.328 1.00 33.63  ?  111 THR A CG2   1 
ATOM   467  N N     . ALA A 1 57  ? 12.579  16.519  -25.174 1.00 40.48  ?  112 ALA A N     1 
ATOM   468  C CA    . ALA A 1 57  ? 12.234  17.836  -25.727 1.00 43.23  ?  112 ALA A CA    1 
ATOM   469  C C     . ALA A 1 57  ? 10.715  17.965  -25.936 1.00 50.27  ?  112 ALA A C     1 
ATOM   470  O O     . ALA A 1 57  ? 10.256  18.662  -26.835 1.00 33.23  ?  112 ALA A O     1 
ATOM   471  C CB    . ALA A 1 57  ? 12.992  18.111  -27.038 1.00 34.56  ?  112 ALA A CB    1 
ATOM   472  N N     . ASP A 1 58  ? 9.924   17.305  -25.093 1.00 50.39  ?  113 ASP A N     1 
ATOM   473  C CA    . ASP A 1 58  ? 8.476   17.472  -25.156 1.00 47.52  ?  113 ASP A CA    1 
ATOM   474  C C     . ASP A 1 58  ? 8.004   18.509  -24.106 1.00 62.96  ?  113 ASP A C     1 
ATOM   475  O O     . ASP A 1 58  ? 8.055   19.717  -24.362 1.00 58.85  ?  113 ASP A O     1 
ATOM   476  C CB    . ASP A 1 58  ? 7.760   16.123  -24.999 1.00 55.41  ?  113 ASP A CB    1 
ATOM   477  C CG    . ASP A 1 58  ? 7.924   15.215  -26.224 1.00 50.97  ?  113 ASP A CG    1 
ATOM   478  O OD1   . ASP A 1 58  ? 7.044   15.228  -27.115 1.00 50.91  ?  113 ASP A OD1   1 
ATOM   479  O OD2   . ASP A 1 58  ? 8.925   14.474  -26.293 1.00 51.29  ?  113 ASP A OD2   1 
ATOM   480  N N     . GLY A 1 59  ? 7.566   18.055  -22.932 1.00 62.46  ?  114 GLY A N     1 
ATOM   481  C CA    . GLY A 1 59  ? 7.092   18.969  -21.905 1.00 42.88  ?  114 GLY A CA    1 
ATOM   482  C C     . GLY A 1 59  ? 7.573   18.624  -20.502 1.00 55.11  ?  114 GLY A C     1 
ATOM   483  O O     . GLY A 1 59  ? 7.350   17.519  -20.001 1.00 52.61  ?  114 GLY A O     1 
ATOM   484  N N     . GLN A 1 63  ? 7.025   14.661  -13.288 1.00 47.95  1  118 GLN A N     1 
ATOM   485  C CA    . GLN A 1 63  ? 5.703   14.607  -13.894 1.00 54.02  ?  118 GLN A CA    1 
ATOM   486  C C     . GLN A 1 63  ? 5.059   13.234  -13.694 1.00 47.76  ?  118 GLN A C     1 
ATOM   487  O O     . GLN A 1 63  ? 3.842   13.105  -13.806 1.00 45.66  ?  118 GLN A O     1 
ATOM   488  C CB    . GLN A 1 63  ? 5.782   14.935  -15.383 1.00 54.58  ?  118 GLN A CB    1 
ATOM   489  C CG    . GLN A 1 63  ? 6.886   14.186  -16.090 1.00 50.28  ?  118 GLN A CG    1 
ATOM   490  C CD    . GLN A 1 63  ? 6.426   13.554  -17.392 1.00 58.79  ?  118 GLN A CD    1 
ATOM   491  O OE1   . GLN A 1 63  ? 5.244   13.246  -17.565 1.00 60.19  ?  118 GLN A OE1   1 
ATOM   492  N NE2   . GLN A 1 63  ? 7.359   13.362  -18.316 1.00 65.18  ?  118 GLN A NE2   1 
ATOM   493  N N     . LEU A 1 64  ? 5.503   11.704  -14.210 1.00 55.96  ?  119 LEU A N     1 
ATOM   494  C CA    . LEU A 1 64  ? 4.881   10.778  -13.236 1.00 49.48  ?  119 LEU A CA    1 
ATOM   495  C C     . LEU A 1 64  ? 4.696   11.172  -11.760 1.00 45.29  ?  119 LEU A C     1 
ATOM   496  O O     . LEU A 1 64  ? 5.609   11.664  -11.085 1.00 44.66  ?  119 LEU A O     1 
ATOM   497  C CB    . LEU A 1 64  ? 5.558   9.403   -13.268 1.00 49.92  ?  119 LEU A CB    1 
ATOM   498  C CG    . LEU A 1 64  ? 5.999   8.752   -14.571 1.00 51.84  ?  119 LEU A CG    1 
ATOM   499  C CD1   . LEU A 1 64  ? 7.480   8.922   -14.695 1.00 52.18  ?  119 LEU A CD1   1 
ATOM   500  C CD2   . LEU A 1 64  ? 5.650   7.276   -14.608 1.00 51.07  ?  119 LEU A CD2   1 
ATOM   501  N N     . LEU A 1 65  ? 3.498   10.873  -11.271 1.00 39.00  ?  120 LEU A N     1 
ATOM   502  C CA    . LEU A 1 65  ? 3.134   11.039  -9.875  1.00 34.08  ?  120 LEU A CA    1 
ATOM   503  C C     . LEU A 1 65  ? 3.373   9.731   -9.113  1.00 30.87  ?  120 LEU A C     1 
ATOM   504  O O     . LEU A 1 65  ? 3.553   8.683   -9.725  1.00 32.00  ?  120 LEU A O     1 
ATOM   505  C CB    . LEU A 1 65  ? 1.671   11.473  -9.782  1.00 35.78  ?  120 LEU A CB    1 
ATOM   506  C CG    . LEU A 1 65  ? 1.461   12.847  -10.419 1.00 37.77  ?  120 LEU A CG    1 
ATOM   507  C CD1   . LEU A 1 65  ? 0.085   13.393  -10.172 1.00 37.34  ?  120 LEU A CD1   1 
ATOM   508  C CD2   . LEU A 1 65  ? 2.504   13.811  -9.906  1.00 38.56  ?  120 LEU A CD2   1 
ATOM   509  N N     . PRO A 1 66  ? 3.408   9.795   -7.770  1.00 27.68  ?  121 PRO A N     1 
ATOM   510  C CA    . PRO A 1 66  ? 3.728   8.606   -6.969  1.00 24.51  ?  121 PRO A CA    1 
ATOM   511  C C     . PRO A 1 66  ? 2.715   7.477   -7.067  1.00 24.17  ?  121 PRO A C     1 
ATOM   512  O O     . PRO A 1 66  ? 1.537   7.714   -7.340  1.00 24.56  ?  121 PRO A O     1 
ATOM   513  C CB    . PRO A 1 66  ? 3.712   9.145   -5.536  1.00 23.41  ?  121 PRO A CB    1 
ATOM   514  C CG    . PRO A 1 66  ? 4.059   10.578  -5.684  1.00 26.37  ?  121 PRO A CG    1 
ATOM   515  C CD    . PRO A 1 66  ? 3.394   11.016  -6.944  1.00 26.60  ?  121 PRO A CD    1 
ATOM   516  N N     . ARG A 1 67  ? 3.196   6.262   -6.824  1.00 22.74  ?  122 ARG A N     1 
ATOM   517  C CA    . ARG A 1 67  ? 2.346   5.083   -6.732  1.00 20.77  ?  122 ARG A CA    1 
ATOM   518  C C     . ARG A 1 67  ? 2.571   4.409   -5.384  1.00 19.27  ?  122 ARG A C     1 
ATOM   519  O O     . ARG A 1 67  ? 3.721   4.198   -4.978  1.00 19.70  ?  122 ARG A O     1 
ATOM   520  C CB    . ARG A 1 67  ? 2.677   4.106   -7.858  1.00 23.46  ?  122 ARG A CB    1 
ATOM   521  C CG    . ARG A 1 67  ? 1.901   2.791   -7.775  1.00 23.99  ?  122 ARG A CG    1 
ATOM   522  C CD    . ARG A 1 67  ? 2.200   1.954   -8.999  1.00 27.98  ?  122 ARG A CD    1 
ATOM   523  N NE    . ARG A 1 67  ? 1.515   2.474   -10.174 1.00 30.30  ?  122 ARG A NE    1 
ATOM   524  C CZ    . ARG A 1 67  ? 1.921   2.253   -11.416 1.00 33.09  ?  122 ARG A CZ    1 
ATOM   525  N NH1   . ARG A 1 67  ? 3.024   1.551   -11.624 1.00 34.61  ?  122 ARG A NH1   1 
ATOM   526  N NH2   . ARG A 1 67  ? 1.241   2.748   -12.437 1.00 32.14  ?  122 ARG A NH2   1 
ATOM   527  N N     . TRP A 1 68  ? 1.488   4.067   -4.686  1.00 18.37  ?  123 TRP A N     1 
ATOM   528  C CA    . TRP A 1 68  ? 1.617   3.513   -3.337  1.00 15.04  ?  123 TRP A CA    1 
ATOM   529  C C     . TRP A 1 68  ? 1.352   2.012   -3.331  1.00 13.32  ?  123 TRP A C     1 
ATOM   530  O O     . TRP A 1 68  ? 0.487   1.530   -4.055  1.00 14.22  ?  123 TRP A O     1 
ATOM   531  C CB    . TRP A 1 68  ? 0.624   4.191   -2.404  1.00 15.12  ?  123 TRP A CB    1 
ATOM   532  C CG    . TRP A 1 68  ? 0.861   5.665   -2.189  1.00 15.21  ?  123 TRP A CG    1 
ATOM   533  C CD1   . TRP A 1 68  ? 0.633   6.681   -3.083  1.00 17.27  ?  123 TRP A CD1   1 
ATOM   534  C CD2   . TRP A 1 68  ? 1.285   6.292   -0.975  1.00 16.78  ?  123 TRP A CD2   1 
ATOM   535  N NE1   . TRP A 1 68  ? 0.903   7.892   -2.504  1.00 18.25  ?  123 TRP A NE1   1 
ATOM   536  C CE2   . TRP A 1 68  ? 1.312   7.683   -1.209  1.00 16.67  ?  123 TRP A CE2   1 
ATOM   537  C CE3   . TRP A 1 68  ? 1.671   5.810   0.283   1.00 17.73  ?  123 TRP A CE3   1 
ATOM   538  C CZ2   . TRP A 1 68  ? 1.703   8.596   -0.229  1.00 18.77  ?  123 TRP A CZ2   1 
ATOM   539  C CZ3   . TRP A 1 68  ? 2.041   6.713   1.256   1.00 18.36  ?  123 TRP A CZ3   1 
ATOM   540  C CH2   . TRP A 1 68  ? 2.056   8.095   1.000   1.00 18.20  ?  123 TRP A CH2   1 
ATOM   541  N N     . TYR A 1 69  ? 2.097   1.276   -2.504  1.00 14.41  ?  124 TYR A N     1 
ATOM   542  C CA    . TYR A 1 69  ? 1.960   -0.171  -2.425  1.00 13.11  ?  124 TYR A CA    1 
ATOM   543  C C     . TYR A 1 69  ? 1.749   -0.609  -0.976  1.00 13.36  ?  124 TYR A C     1 
ATOM   544  O O     . TYR A 1 69  ? 2.359   -0.046  -0.060  1.00 14.24  ?  124 TYR A O     1 
ATOM   545  C CB    . TYR A 1 69  ? 3.225   -0.840  -2.960  1.00 17.90  ?  124 TYR A CB    1 
ATOM   546  C CG    . TYR A 1 69  ? 3.405   -0.762  -4.464  1.00 21.44  ?  124 TYR A CG    1 
ATOM   547  C CD1   . TYR A 1 69  ? 2.720   -1.620  -5.299  1.00 20.92  ?  124 TYR A CD1   1 
ATOM   548  C CD2   . TYR A 1 69  ? 4.259   0.155   -5.031  1.00 22.77  ?  124 TYR A CD2   1 
ATOM   549  C CE1   . TYR A 1 69  ? 2.888   -1.571  -6.680  1.00 25.56  ?  124 TYR A CE1   1 
ATOM   550  C CE2   . TYR A 1 69  ? 4.441   0.211   -6.417  1.00 25.49  ?  124 TYR A CE2   1 
ATOM   551  C CZ    . TYR A 1 69  ? 3.739   -0.647  -7.226  1.00 28.45  ?  124 TYR A CZ    1 
ATOM   552  O OH    . TYR A 1 69  ? 3.922   -0.586  -8.597  1.00 29.26  ?  124 TYR A OH    1 
ATOM   553  N N     . PHE A 1 70  ? 0.919   -1.636  -0.768  1.00 13.20  ?  125 PHE A N     1 
ATOM   554  C CA    . PHE A 1 70  ? 0.605   -2.100  0.587   1.00 13.32  ?  125 PHE A CA    1 
ATOM   555  C C     . PHE A 1 70  ? 1.508   -3.214  1.110   1.00 13.79  ?  125 PHE A C     1 
ATOM   556  O O     . PHE A 1 70  ? 1.758   -4.215  0.426   1.00 14.03  ?  125 PHE A O     1 
ATOM   557  C CB    . PHE A 1 70  ? -0.865  -2.563  0.698   1.00 13.25  ?  125 PHE A CB    1 
ATOM   558  C CG    . PHE A 1 70  ? -1.226  -3.094  2.062   1.00 11.03  ?  125 PHE A CG    1 
ATOM   559  C CD1   . PHE A 1 70  ? -1.635  -2.225  3.062   1.00 11.13  ?  125 PHE A CD1   1 
ATOM   560  C CD2   . PHE A 1 70  ? -1.149  -4.446  2.357   1.00 13.09  ?  125 PHE A CD2   1 
ATOM   561  C CE1   . PHE A 1 70  ? -1.961  -2.674  4.324   1.00 12.29  ?  125 PHE A CE1   1 
ATOM   562  C CE2   . PHE A 1 70  ? -1.473  -4.914  3.617   1.00 13.73  ?  125 PHE A CE2   1 
ATOM   563  C CZ    . PHE A 1 70  ? -1.890  -4.015  4.618   1.00 13.55  ?  125 PHE A CZ    1 
ATOM   564  N N     . TYR A 1 71  ? 1.922   -3.072  2.360   1.00 11.68  ?  126 TYR A N     1 
ATOM   565  C CA    . TYR A 1 71  ? 2.696   -4.085  3.064   1.00 12.30  ?  126 TYR A CA    1 
ATOM   566  C C     . TYR A 1 71  ? 2.050   -4.405  4.407   1.00 15.62  ?  126 TYR A C     1 
ATOM   567  O O     . TYR A 1 71  ? 1.687   -3.492  5.177   1.00 15.34  ?  126 TYR A O     1 
ATOM   568  C CB    . TYR A 1 71  ? 4.123   -3.592  3.277   1.00 17.24  ?  126 TYR A CB    1 
ATOM   569  C CG    . TYR A 1 71  ? 4.841   -3.448  1.963   1.00 15.78  ?  126 TYR A CG    1 
ATOM   570  C CD1   . TYR A 1 71  ? 5.422   -4.550  1.361   1.00 20.07  ?  126 TYR A CD1   1 
ATOM   571  C CD2   . TYR A 1 71  ? 4.881   -2.232  1.307   1.00 16.60  ?  126 TYR A CD2   1 
ATOM   572  C CE1   . TYR A 1 71  ? 6.066   -4.433  0.162   1.00 19.00  ?  126 TYR A CE1   1 
ATOM   573  C CE2   . TYR A 1 71  ? 5.523   -2.106  0.096   1.00 18.20  ?  126 TYR A CE2   1 
ATOM   574  C CZ    . TYR A 1 71  ? 6.112   -3.219  -0.473  1.00 18.60  ?  126 TYR A CZ    1 
ATOM   575  O OH    . TYR A 1 71  ? 6.754   -3.094  -1.695  1.00 23.67  ?  126 TYR A OH    1 
ATOM   576  N N     . TYR A 1 72  ? 1.891   -5.694  4.712   1.00 15.20  ?  127 TYR A N     1 
ATOM   577  C CA    . TYR A 1 72  ? 1.441   -6.076  6.059   1.00 19.27  ?  127 TYR A CA    1 
ATOM   578  C C     . TYR A 1 72  ? 2.452   -5.649  7.131   1.00 21.65  ?  127 TYR A C     1 
ATOM   579  O O     . TYR A 1 72  ? 3.669   -5.583  6.872   1.00 20.97  ?  127 TYR A O     1 
ATOM   580  C CB    . TYR A 1 72  ? 1.182   -7.580  6.147   1.00 19.21  ?  127 TYR A CB    1 
ATOM   581  C CG    . TYR A 1 72  ? -0.048  -8.023  5.402   1.00 20.00  ?  127 TYR A CG    1 
ATOM   582  C CD1   . TYR A 1 72  ? -1.314  -7.912  5.979   1.00 17.98  ?  127 TYR A CD1   1 
ATOM   583  C CD2   . TYR A 1 72  ? 0.048   -8.558  4.118   1.00 20.13  ?  127 TYR A CD2   1 
ATOM   584  C CE1   . TYR A 1 72  ? -2.434  -8.319  5.299   1.00 19.24  ?  127 TYR A CE1   1 
ATOM   585  C CE2   . TYR A 1 72  ? -1.066  -8.966  3.431   1.00 18.56  ?  127 TYR A CE2   1 
ATOM   586  C CZ    . TYR A 1 72  ? -2.309  -8.852  4.033   1.00 18.77  ?  127 TYR A CZ    1 
ATOM   587  O OH    . TYR A 1 72  ? -3.442  -9.254  3.357   1.00 19.50  ?  127 TYR A OH    1 
ATOM   588  N N     . LEU A 1 73  ? 1.951   -5.344  8.330   1.00 19.04  ?  128 LEU A N     1 
ATOM   589  C CA    . LEU A 1 73  ? 2.796   -4.876  9.432   1.00 21.86  ?  128 LEU A CA    1 
ATOM   590  C C     . LEU A 1 73  ? 3.913   -5.868  9.772   1.00 25.18  ?  128 LEU A C     1 
ATOM   591  O O     . LEU A 1 73  ? 3.653   -7.045  10.034  1.00 27.75  ?  128 LEU A O     1 
ATOM   592  C CB    . LEU A 1 73  ? 1.945   -4.604  10.676  1.00 21.86  ?  128 LEU A CB    1 
ATOM   593  C CG    . LEU A 1 73  ? 2.605   -4.013  11.919  1.00 26.04  ?  128 LEU A CG    1 
ATOM   594  C CD1   . LEU A 1 73  ? 3.046   -2.592  11.694  1.00 26.09  ?  128 LEU A CD1   1 
ATOM   595  C CD2   . LEU A 1 73  ? 1.618   -4.078  13.081  1.00 26.74  ?  128 LEU A CD2   1 
ATOM   596  N N     . GLY A 1 74  ? 5.148   -5.388  9.735   1.00 27.82  ?  129 GLY A N     1 
ATOM   597  C CA    . GLY A 1 74  ? 6.292   -6.233  10.025  1.00 29.77  ?  129 GLY A CA    1 
ATOM   598  C C     . GLY A 1 74  ? 6.919   -6.807  8.775   1.00 27.81  ?  129 GLY A C     1 
ATOM   599  O O     . GLY A 1 74  ? 7.798   -7.664  8.859   1.00 32.30  ?  129 GLY A O     1 
ATOM   600  N N     . THR A 1 75  ? 6.453   -6.343  7.620   1.00 26.22  ?  130 THR A N     1 
ATOM   601  C CA    . THR A 1 75  ? 6.993   -6.752  6.337   1.00 26.95  ?  130 THR A CA    1 
ATOM   602  C C     . THR A 1 75  ? 7.385   -5.517  5.508   1.00 24.71  ?  130 THR A C     1 
ATOM   603  O O     . THR A 1 75  ? 7.032   -4.374  5.848   1.00 21.56  ?  130 THR A O     1 
ATOM   604  C CB    . THR A 1 75  ? 5.998   -7.626  5.517   1.00 25.80  ?  130 THR A CB    1 
ATOM   605  O OG1   . THR A 1 75  ? 5.008   -6.799  4.891   1.00 22.00  ?  130 THR A OG1   1 
ATOM   606  C CG2   . THR A 1 75  ? 5.304   -8.699  6.385   1.00 27.31  ?  130 THR A CG2   1 
ATOM   607  N N     . GLY A 1 76  ? 8.128   -5.755  4.430   1.00 25.41  ?  131 GLY A N     1 
ATOM   608  C CA    . GLY A 1 76  ? 8.420   -4.714  3.461   1.00 23.64  ?  131 GLY A CA    1 
ATOM   609  C C     . GLY A 1 76  ? 9.532   -3.775  3.858   1.00 23.94  ?  131 GLY A C     1 
ATOM   610  O O     . GLY A 1 76  ? 10.290  -4.043  4.801   1.00 28.58  ?  131 GLY A O     1 
ATOM   611  N N     . PRO A 1 77  ? 9.640   -2.648  3.142   1.00 23.29  ?  132 PRO A N     1 
ATOM   612  C CA    . PRO A 1 77  ? 10.763  -1.731  3.364   1.00 26.73  ?  132 PRO A CA    1 
ATOM   613  C C     . PRO A 1 77  ? 10.721  -1.033  4.725   1.00 26.05  ?  132 PRO A C     1 
ATOM   614  O O     . PRO A 1 77  ? 11.743  -0.496  5.163   1.00 32.34  ?  132 PRO A O     1 
ATOM   615  C CB    . PRO A 1 77  ? 10.602  -0.706  2.241   1.00 25.26  ?  132 PRO A CB    1 
ATOM   616  C CG    . PRO A 1 77  ? 9.173   -0.752  1.868   1.00 22.82  ?  132 PRO A CG    1 
ATOM   617  C CD    . PRO A 1 77  ? 8.700   -2.157  2.114   1.00 21.63  ?  132 PRO A CD    1 
ATOM   618  N N     . HIS A 1 78  ? 9.565   -1.038  5.378   1.00 24.23  ?  133 HIS A N     1 
ATOM   619  C CA    . HIS A 1 78  ? 9.439   -0.455  6.713   1.00 25.43  ?  133 HIS A CA    1 
ATOM   620  C C     . HIS A 1 78  ? 8.995   -1.480  7.746   1.00 25.15  ?  133 HIS A C     1 
ATOM   621  O O     . HIS A 1 78  ? 8.184   -1.202  8.635   1.00 26.62  ?  133 HIS A O     1 
ATOM   622  C CB    . HIS A 1 78  ? 8.521   0.765   6.669   1.00 24.26  ?  133 HIS A CB    1 
ATOM   623  C CG    . HIS A 1 78  ? 9.177   1.956   6.044   1.00 27.05  ?  133 HIS A CG    1 
ATOM   624  N ND1   . HIS A 1 78  ? 10.027  2.780   6.745   1.00 30.64  ?  133 HIS A ND1   1 
ATOM   625  C CD2   . HIS A 1 78  ? 9.163   2.418   4.771   1.00 27.70  ?  133 HIS A CD2   1 
ATOM   626  C CE1   . HIS A 1 78  ? 10.485  3.724   5.938   1.00 32.00  ?  133 HIS A CE1   1 
ATOM   627  N NE2   . HIS A 1 78  ? 9.982   3.525   4.736   1.00 32.68  ?  133 HIS A NE2   1 
ATOM   628  N N     . ALA A 1 79  ? 9.578   -2.667  7.646   1.00 25.42  ?  134 ALA A N     1 
ATOM   629  C CA    . ALA A 1 79  ? 9.190   -3.783  8.501   1.00 25.84  ?  134 ALA A CA    1 
ATOM   630  C C     . ALA A 1 79  ? 9.494   -3.522  9.980   1.00 31.39  ?  134 ALA A C     1 
ATOM   631  O O     . ALA A 1 79  ? 8.836   -4.072  10.856  1.00 33.03  ?  134 ALA A O     1 
ATOM   632  C CB    . ALA A 1 79  ? 9.884   -5.048  8.033   1.00 26.76  ?  134 ALA A CB    1 
ATOM   633  N N     . LYS A 1 80  ? 10.498  -2.691  10.252  1.00 31.39  ?  135 LYS A N     1 
ATOM   634  C CA    . LYS A 1 80  ? 10.928  -2.470  11.630  1.00 33.40  ?  135 LYS A CA    1 
ATOM   635  C C     . LYS A 1 80  ? 10.332  -1.224  12.274  1.00 33.93  ?  135 LYS A C     1 
ATOM   636  O O     . LYS A 1 80  ? 10.602  -0.935  13.443  1.00 37.37  ?  135 LYS A O     1 
ATOM   637  C CB    . LYS A 1 80  ? 12.458  -2.457  11.715  1.00 36.30  ?  135 LYS A CB    1 
ATOM   638  C CG    . LYS A 1 80  ? 13.045  -3.855  11.650  1.00 40.57  ?  135 LYS A CG    1 
ATOM   639  C CD    . LYS A 1 80  ? 14.504  -3.861  11.241  1.00 49.13  ?  135 LYS A CD    1 
ATOM   640  C CE    . LYS A 1 80  ? 15.090  -5.254  11.413  1.00 51.50  ?  135 LYS A CE    1 
ATOM   641  N NZ    . LYS A 1 80  ? 16.346  -5.413  10.645  1.00 55.61  1  135 LYS A NZ    1 
ATOM   642  N N     . ASP A 1 81  ? 9.503   -0.488  11.544  1.00 29.32  ?  136 ASP A N     1 
ATOM   643  C CA    . ASP A 1 81  ? 8.958   0.752   12.100  1.00 27.36  ?  136 ASP A CA    1 
ATOM   644  C C     . ASP A 1 81  ? 7.673   0.516   12.876  1.00 28.68  ?  136 ASP A C     1 
ATOM   645  O O     . ASP A 1 81  ? 6.867   -0.340  12.507  1.00 27.28  ?  136 ASP A O     1 
ATOM   646  C CB    . ASP A 1 81  ? 8.721   1.772   10.986  1.00 27.38  ?  136 ASP A CB    1 
ATOM   647  C CG    . ASP A 1 81  ? 10.002  2.184   10.307  1.00 30.45  ?  136 ASP A CG    1 
ATOM   648  O OD1   . ASP A 1 81  ? 10.823  2.846   10.966  1.00 31.96  ?  136 ASP A OD1   1 
ATOM   649  O OD2   . ASP A 1 81  ? 10.190  1.857   9.119   1.00 30.25  ?  136 ASP A OD2   1 
ATOM   650  N N     . GLN A 1 82  ? 7.478   1.274   13.944  1.00 27.07  ?  137 GLN A N     1 
ATOM   651  C CA    . GLN A 1 82  ? 6.303   1.097   14.799  1.00 28.03  ?  137 GLN A CA    1 
ATOM   652  C C     . GLN A 1 82  ? 5.054   1.618   14.103  1.00 23.84  ?  137 GLN A C     1 
ATOM   653  O O     . GLN A 1 82  ? 5.080   2.697   13.509  1.00 23.73  ?  137 GLN A O     1 
ATOM   654  C CB    . GLN A 1 82  ? 6.514   1.841   16.124  1.00 28.40  ?  137 GLN A CB    1 
ATOM   655  C CG    . GLN A 1 82  ? 5.299   1.789   17.069  1.00 28.88  ?  137 GLN A CG    1 
ATOM   656  C CD    . GLN A 1 82  ? 5.410   2.763   18.232  1.00 32.05  ?  137 GLN A CD    1 
ATOM   657  O OE1   . GLN A 1 82  ? 5.991   3.843   18.097  1.00 31.49  ?  137 GLN A OE1   1 
ATOM   658  N NE2   . GLN A 1 82  ? 4.854   2.387   19.378  1.00 32.63  ?  137 GLN A NE2   1 
ATOM   659  N N     . TYR A 1 83  ? 3.962   0.857   14.173  1.00 26.16  ?  138 TYR A N     1 
ATOM   660  C CA    . TYR A 1 83  ? 2.698   1.305   13.607  1.00 24.08  ?  138 TYR A CA    1 
ATOM   661  C C     . TYR A 1 83  ? 2.323   2.706   14.091  1.00 24.36  ?  138 TYR A C     1 
ATOM   662  O O     . TYR A 1 83  ? 2.340   3.001   15.307  1.00 24.46  ?  138 TYR A O     1 
ATOM   663  C CB    . TYR A 1 83  ? 1.554   0.327   13.948  1.00 21.34  ?  138 TYR A CB    1 
ATOM   664  C CG    . TYR A 1 83  ? 0.268   0.695   13.246  1.00 19.95  ?  138 TYR A CG    1 
ATOM   665  C CD1   . TYR A 1 83  ? -0.054  0.134   12.026  1.00 16.58  ?  138 TYR A CD1   1 
ATOM   666  C CD2   . TYR A 1 83  ? -0.602  1.629   13.782  1.00 19.22  ?  138 TYR A CD2   1 
ATOM   667  C CE1   . TYR A 1 83  ? -1.228  0.481   11.374  1.00 17.14  ?  138 TYR A CE1   1 
ATOM   668  C CE2   . TYR A 1 83  ? -1.757  1.989   13.139  1.00 18.45  ?  138 TYR A CE2   1 
ATOM   669  C CZ    . TYR A 1 83  ? -2.063  1.410   11.933  1.00 15.82  ?  138 TYR A CZ    1 
ATOM   670  O OH    . TYR A 1 83  ? -3.209  1.777   11.276  1.00 16.66  ?  138 TYR A OH    1 
ATOM   671  N N     . GLY A 1 84  ? 1.978   3.560   13.135  1.00 22.43  ?  139 GLY A N     1 
ATOM   672  C CA    . GLY A 1 84  ? 1.431   4.876   13.407  1.00 22.23  ?  139 GLY A CA    1 
ATOM   673  C C     . GLY A 1 84  ? 2.472   5.977   13.505  1.00 25.53  ?  139 GLY A C     1 
ATOM   674  O O     . GLY A 1 84  ? 2.130   7.150   13.707  1.00 29.72  ?  139 GLY A O     1 
ATOM   675  N N     . THR A 1 85  ? 3.739   5.601   13.382  1.00 28.30  ?  140 THR A N     1 
ATOM   676  C CA    . THR A 1 85  ? 4.832   6.556   13.488  1.00 32.52  ?  140 THR A CA    1 
ATOM   677  C C     . THR A 1 85  ? 4.893   7.433   12.257  1.00 34.62  ?  140 THR A C     1 
ATOM   678  O O     . THR A 1 85  ? 4.833   6.931   11.129  1.00 30.77  ?  140 THR A O     1 
ATOM   679  C CB    . THR A 1 85  ? 6.183   5.837   13.619  1.00 31.64  ?  140 THR A CB    1 
ATOM   680  O OG1   . THR A 1 85  ? 6.148   4.955   14.751  1.00 33.99  ?  140 THR A OG1   1 
ATOM   681  C CG2   . THR A 1 85  ? 7.300   6.846   13.820  1.00 36.52  ?  140 THR A CG2   1 
ATOM   682  N N     . ASP A 1 86  ? 5.033   8.735   12.486  1.00 33.61  ?  141 ASP A N     1 
ATOM   683  C CA    . ASP A 1 86  ? 5.187   9.722   11.433  1.00 34.15  ?  141 ASP A CA    1 
ATOM   684  C C     . ASP A 1 86  ? 6.460   9.431   10.628  1.00 37.70  ?  141 ASP A C     1 
ATOM   685  O O     . ASP A 1 86  ? 7.568   9.647   11.112  1.00 39.18  ?  141 ASP A O     1 
ATOM   686  C CB    . ASP A 1 86  ? 5.276   11.117  12.059  1.00 40.07  ?  141 ASP A CB    1 
ATOM   687  C CG    . ASP A 1 86  ? 5.084   12.229  11.044  1.00 42.66  ?  141 ASP A CG    1 
ATOM   688  O OD1   . ASP A 1 86  ? 5.049   11.923  9.833   1.00 41.55  ?  141 ASP A OD1   1 
ATOM   689  O OD2   . ASP A 1 86  ? 4.971   13.406  11.450  1.00 48.32  ?  141 ASP A OD2   1 
ATOM   690  N N     . ILE A 1 87  ? 6.288   8.907   9.414   1.00 31.81  ?  142 ILE A N     1 
ATOM   691  C CA    . ILE A 1 87  ? 7.405   8.653   8.506   1.00 33.11  ?  142 ILE A CA    1 
ATOM   692  C C     . ILE A 1 87  ? 7.014   9.107   7.120   1.00 31.44  ?  142 ILE A C     1 
ATOM   693  O O     . ILE A 1 87  ? 5.953   8.724   6.623   1.00 28.15  ?  142 ILE A O     1 
ATOM   694  C CB    . ILE A 1 87  ? 7.724   7.160   8.406   1.00 30.80  ?  142 ILE A CB    1 
ATOM   695  C CG1   . ILE A 1 87  ? 7.920   6.571   9.804   1.00 31.95  ?  142 ILE A CG1   1 
ATOM   696  C CG2   . ILE A 1 87  ? 8.908   6.922   7.472   1.00 32.00  ?  142 ILE A CG2   1 
ATOM   697  C CD1   . ILE A 1 87  ? 8.845   5.384   9.835   1.00 33.83  ?  142 ILE A CD1   1 
ATOM   698  N N     . ASP A 1 88  ? 7.861   9.908   6.481   1.00 29.11  ?  143 ASP A N     1 
ATOM   699  C CA    . ASP A 1 88  ? 7.500   10.450  5.184   1.00 27.52  ?  143 ASP A CA    1 
ATOM   700  C C     . ASP A 1 88  ? 7.339   9.306   4.182   1.00 25.12  ?  143 ASP A C     1 
ATOM   701  O O     . ASP A 1 88  ? 8.242   8.477   4.048   1.00 26.98  ?  143 ASP A O     1 
ATOM   702  C CB    . ASP A 1 88  ? 8.576   11.419  4.702   1.00 29.15  ?  143 ASP A CB    1 
ATOM   703  C CG    . ASP A 1 88  ? 8.127   12.226  3.505   1.00 31.71  ?  143 ASP A CG    1 
ATOM   704  O OD1   . ASP A 1 88  ? 8.967   12.531  2.631   1.00 29.89  ?  143 ASP A OD1   1 
ATOM   705  O OD2   . ASP A 1 88  ? 6.924   12.561  3.448   1.00 31.56  ?  143 ASP A OD2   1 
ATOM   706  N N     . GLY A 1 89  ? 6.193   9.231   3.506   1.00 24.67  ?  144 GLY A N     1 
ATOM   707  C CA    . GLY A 1 89  ? 5.976   8.195   2.508   1.00 22.21  ?  144 GLY A CA    1 
ATOM   708  C C     . GLY A 1 89  ? 5.429   6.892   3.052   1.00 21.80  ?  144 GLY A C     1 
ATOM   709  O O     . GLY A 1 89  ? 5.401   5.879   2.336   1.00 17.68  ?  144 GLY A O     1 
ATOM   710  N N     . VAL A 1 90  ? 4.966   6.911   4.301   1.00 20.51  ?  145 VAL A N     1 
ATOM   711  C CA    . VAL A 1 90  ? 4.397   5.718   4.917   1.00 19.32  ?  145 VAL A CA    1 
ATOM   712  C C     . VAL A 1 90  ? 3.027   6.089   5.460   1.00 20.41  ?  145 VAL A C     1 
ATOM   713  O O     . VAL A 1 90  ? 2.902   7.068   6.216   1.00 21.11  ?  145 VAL A O     1 
ATOM   714  C CB    . VAL A 1 90  ? 5.304   5.160   6.039   1.00 19.26  ?  145 VAL A CB    1 
ATOM   715  C CG1   . VAL A 1 90  ? 4.608   4.013   6.762   1.00 20.57  ?  145 VAL A CG1   1 
ATOM   716  C CG2   . VAL A 1 90  ? 6.638   4.691   5.474   1.00 21.96  ?  145 VAL A CG2   1 
ATOM   717  N N     . TYR A 1 91  ? 1.998   5.346   5.048   1.00 17.91  ?  146 TYR A N     1 
ATOM   718  C CA    . TYR A 1 91  ? 0.668   5.638   5.550   1.00 17.22  ?  146 TYR A CA    1 
ATOM   719  C C     . TYR A 1 91  ? 0.075   4.397   6.232   1.00 17.20  ?  146 TYR A C     1 
ATOM   720  O O     . TYR A 1 91  ? -0.271  3.417   5.567   1.00 14.39  ?  146 TYR A O     1 
ATOM   721  C CB    . TYR A 1 91  ? -0.239  6.154   4.429   1.00 17.91  ?  146 TYR A CB    1 
ATOM   722  C CG    . TYR A 1 91  ? -1.529  6.744   4.971   1.00 18.12  ?  146 TYR A CG    1 
ATOM   723  C CD1   . TYR A 1 91  ? -1.646  8.107   5.211   1.00 20.13  ?  146 TYR A CD1   1 
ATOM   724  C CD2   . TYR A 1 91  ? -2.612  5.932   5.260   1.00 17.99  ?  146 TYR A CD2   1 
ATOM   725  C CE1   . TYR A 1 91  ? -2.819  8.643   5.718   1.00 21.92  ?  146 TYR A CE1   1 
ATOM   726  C CE2   . TYR A 1 91  ? -3.783  6.453   5.765   1.00 19.33  ?  146 TYR A CE2   1 
ATOM   727  C CZ    . TYR A 1 91  ? -3.882  7.802   5.982   1.00 21.77  ?  146 TYR A CZ    1 
ATOM   728  O OH    . TYR A 1 91  ? -5.036  8.340   6.484   1.00 22.29  ?  146 TYR A OH    1 
ATOM   729  N N     . TRP A 1 92  ? -0.053  4.445   7.552   1.00 14.69  ?  147 TRP A N     1 
ATOM   730  C CA    . TRP A 1 92  ? -0.468  3.261   8.309   1.00 13.23  ?  147 TRP A CA    1 
ATOM   731  C C     . TRP A 1 92  ? -1.989  3.035   8.280   1.00 14.39  ?  147 TRP A C     1 
ATOM   732  O O     . TRP A 1 92  ? -2.782  3.981   8.443   1.00 16.37  ?  147 TRP A O     1 
ATOM   733  C CB    . TRP A 1 92  ? -0.021  3.392   9.776   1.00 17.40  ?  147 TRP A CB    1 
ATOM   734  C CG    . TRP A 1 92  ? 1.466   3.574   9.946   1.00 18.11  ?  147 TRP A CG    1 
ATOM   735  C CD1   . TRP A 1 92  ? 2.143   4.753   10.109  1.00 21.97  ?  147 TRP A CD1   1 
ATOM   736  C CD2   . TRP A 1 92  ? 2.457   2.535   9.981   1.00 17.13  ?  147 TRP A CD2   1 
ATOM   737  N NE1   . TRP A 1 92  ? 3.498   4.508   10.225  1.00 21.08  ?  147 TRP A NE1   1 
ATOM   738  C CE2   . TRP A 1 92  ? 3.711   3.155   10.166  1.00 18.92  ?  147 TRP A CE2   1 
ATOM   739  C CE3   . TRP A 1 92  ? 2.398   1.142   9.887   1.00 18.81  ?  147 TRP A CE3   1 
ATOM   740  C CZ2   . TRP A 1 92  ? 4.901   2.424   10.244  1.00 21.32  ?  147 TRP A CZ2   1 
ATOM   741  C CZ3   . TRP A 1 92  ? 3.565   0.425   9.968   1.00 20.27  ?  147 TRP A CZ3   1 
ATOM   742  C CH2   . TRP A 1 92  ? 4.809   1.066   10.148  1.00 22.47  ?  147 TRP A CH2   1 
ATOM   743  N N     . VAL A 1 93  ? -2.395  1.779   8.100   1.00 13.98  ?  148 VAL A N     1 
ATOM   744  C CA    . VAL A 1 93  ? -3.809  1.396   8.098   1.00 12.88  ?  148 VAL A CA    1 
ATOM   745  C C     . VAL A 1 93  ? -4.024  0.097   8.876   1.00 14.04  ?  148 VAL A C     1 
ATOM   746  O O     . VAL A 1 93  ? -3.130  -0.753  8.944   1.00 13.98  ?  148 VAL A O     1 
ATOM   747  C CB    . VAL A 1 93  ? -4.348  1.225   6.641   1.00 11.93  ?  148 VAL A CB    1 
ATOM   748  C CG1   . VAL A 1 93  ? -4.409  2.554   5.923   1.00 12.18  ?  148 VAL A CG1   1 
ATOM   749  C CG2   . VAL A 1 93  ? -3.465  0.247   5.839   1.00 12.71  ?  148 VAL A CG2   1 
ATOM   750  N N     . ALA A 1 94  ? -5.209  -0.064  9.460   1.00 13.26  ?  149 ALA A N     1 
ATOM   751  C CA    . ALA A 1 94  ? -5.502  -1.260  10.237  1.00 15.09  ?  149 ALA A CA    1 
ATOM   752  C C     . ALA A 1 94  ? -6.990  -1.393  10.457  1.00 17.79  ?  149 ALA A C     1 
ATOM   753  O O     . ALA A 1 94  ? -7.659  -0.402  10.741  1.00 16.10  ?  149 ALA A O     1 
ATOM   754  C CB    . ALA A 1 94  ? -4.798  -1.193  11.591  1.00 17.57  ?  149 ALA A CB    1 
ATOM   755  N N     . SER A 1 95  ? -7.502  -2.616  10.324  1.00 14.51  ?  150 SER A N     1 
ATOM   756  C CA    . SER A 1 95  ? -8.839  -2.946  10.826  1.00 15.10  ?  150 SER A CA    1 
ATOM   757  C C     . SER A 1 95  ? -8.935  -2.624  12.306  1.00 18.71  ?  150 SER A C     1 
ATOM   758  O O     . SER A 1 95  ? -7.937  -2.737  13.036  1.00 18.43  ?  150 SER A O     1 
ATOM   759  C CB    . SER A 1 95  ? -9.095  -4.440  10.632  1.00 17.01  ?  150 SER A CB    1 
ATOM   760  O OG    . SER A 1 95  ? -10.318 -4.824  11.246  1.00 19.12  ?  150 SER A OG    1 
ATOM   761  N N     . ASN A 1 96  ? -10.118 -2.233  12.769  1.00 20.84  ?  151 ASN A N     1 
ATOM   762  C CA    . ASN A 1 96  ? -10.276 -2.041  14.208  1.00 24.02  ?  151 ASN A CA    1 
ATOM   763  C C     . ASN A 1 96  ? -10.216 -3.355  14.984  1.00 24.13  ?  151 ASN A C     1 
ATOM   764  O O     . ASN A 1 96  ? -10.224 -3.348  16.210  1.00 26.97  ?  151 ASN A O     1 
ATOM   765  C CB    . ASN A 1 96  ? -11.521 -1.208  14.551  1.00 27.85  ?  151 ASN A CB    1 
ATOM   766  C CG    . ASN A 1 96  ? -12.773 -1.725  13.888  1.00 26.16  ?  151 ASN A CG    1 
ATOM   767  O OD1   . ASN A 1 96  ? -12.933 -2.930  13.681  1.00 28.81  ?  151 ASN A OD1   1 
ATOM   768  N ND2   . ASN A 1 96  ? -13.678 -0.810  13.545  1.00 31.44  ?  151 ASN A ND2   1 
ATOM   769  N N     . GLN A 1 97  ? -10.124 -4.479  14.268  1.00 20.27  ?  152 GLN A N     1 
ATOM   770  C CA    . GLN A 1 97  ? -9.937  -5.786  14.897  1.00 21.17  ?  152 GLN A CA    1 
ATOM   771  C C     . GLN A 1 97  ? -8.470  -6.096  15.156  1.00 23.53  ?  152 GLN A C     1 
ATOM   772  O O     . GLN A 1 97  ? -8.143  -7.037  15.872  1.00 22.57  ?  152 GLN A O     1 
ATOM   773  C CB    . GLN A 1 97  ? -10.501 -6.881  13.994  1.00 21.16  ?  152 GLN A CB    1 
ATOM   774  C CG    . GLN A 1 97  ? -11.944 -6.659  13.609  1.00 20.59  ?  152 GLN A CG    1 
ATOM   775  C CD    . GLN A 1 97  ? -12.854 -6.735  14.814  1.00 22.67  ?  152 GLN A CD    1 
ATOM   776  O OE1   . GLN A 1 97  ? -12.940 -7.776  15.477  1.00 25.86  ?  152 GLN A OE1   1 
ATOM   777  N NE2   . GLN A 1 97  ? -13.513 -5.628  15.125  1.00 23.44  ?  152 GLN A NE2   1 
ATOM   778  N N     . ALA A 1 98  ? -7.581  -5.312  14.559  1.00 20.88  ?  153 ALA A N     1 
ATOM   779  C CA    . ALA A 1 98  ? -6.156  -5.645  14.600  1.00 22.25  ?  153 ALA A CA    1 
ATOM   780  C C     . ALA A 1 98  ? -5.433  -5.056  15.810  1.00 23.52  ?  153 ALA A C     1 
ATOM   781  O O     . ALA A 1 98  ? -5.663  -3.897  16.184  1.00 25.06  ?  153 ALA A O     1 
ATOM   782  C CB    . ALA A 1 98  ? -5.481  -5.173  13.323  1.00 20.17  ?  153 ALA A CB    1 
ATOM   783  N N     . ASP A 1 99  ? -4.541  -5.854  16.394  1.00 24.01  ?  154 ASP A N     1 
ATOM   784  C CA    . ASP A 1 99  ? -3.631  -5.385  17.434  1.00 28.42  ?  154 ASP A CA    1 
ATOM   785  C C     . ASP A 1 99  ? -2.326  -4.981  16.755  1.00 28.75  ?  154 ASP A C     1 
ATOM   786  O O     . ASP A 1 99  ? -1.589  -5.821  16.240  1.00 28.93  ?  154 ASP A O     1 
ATOM   787  C CB    . ASP A 1 99  ? -3.372  -6.483  18.467  1.00 32.37  ?  154 ASP A CB    1 
ATOM   788  C CG    . ASP A 1 99  ? -2.470  -6.017  19.608  1.00 35.59  ?  154 ASP A CG    1 
ATOM   789  O OD1   . ASP A 1 99  ? -2.382  -6.747  20.617  1.00 41.34  ?  154 ASP A OD1   1 
ATOM   790  O OD2   . ASP A 1 99  ? -1.851  -4.931  19.513  1.00 33.11  ?  154 ASP A OD2   1 
ATOM   791  N N     . VAL A 1 100 ? -2.039  -3.690  16.764  1.00 21.11  ?  155 VAL A N     1 
ATOM   792  C CA    . VAL A 1 100 ? -0.912  -3.183  15.975  1.00 23.96  ?  155 VAL A CA    1 
ATOM   793  C C     . VAL A 1 100 ? 0.425   -3.269  16.696  1.00 28.62  ?  155 VAL A C     1 
ATOM   794  O O     . VAL A 1 100 ? 1.443   -2.810  16.164  1.00 27.62  ?  155 VAL A O     1 
ATOM   795  C CB    . VAL A 1 100 ? -1.165  -1.750  15.444  1.00 22.09  ?  155 VAL A CB    1 
ATOM   796  C CG1   . VAL A 1 100 ? -2.372  -1.746  14.501  1.00 19.14  ?  155 VAL A CG1   1 
ATOM   797  C CG2   . VAL A 1 100 ? -1.373  -0.780  16.570  1.00 23.35  ?  155 VAL A CG2   1 
ATOM   798  N N     . ASN A 1 101 ? 0.432   -3.869  17.887  1.00 36.94  ?  156 ASN A N     1 
ATOM   799  C CA    . ASN A 1 101 ? 1.688   -4.075  18.613  1.00 38.73  ?  156 ASN A CA    1 
ATOM   800  C C     . ASN A 1 101 ? 2.396   -5.363  18.199  1.00 39.82  ?  156 ASN A C     1 
ATOM   801  O O     . ASN A 1 101 ? 3.493   -5.651  18.679  1.00 44.60  ?  156 ASN A O     1 
ATOM   802  C CB    . ASN A 1 101 ? 1.469   -4.088  20.133  1.00 42.02  ?  156 ASN A CB    1 
ATOM   803  C CG    . ASN A 1 101 ? 1.026   -2.740  20.684  1.00 43.09  ?  156 ASN A CG    1 
ATOM   804  O OD1   . ASN A 1 101 ? 1.225   -1.704  20.065  1.00 43.29  ?  156 ASN A OD1   1 
ATOM   805  N ND2   . ASN A 1 101 ? 0.410   -2.758  21.858  1.00 45.10  ?  156 ASN A ND2   1 
ATOM   806  N N     . THR A 1 102 ? 1.751   -6.148  17.341  1.00 37.57  ?  157 THR A N     1 
ATOM   807  C CA    . THR A 1 102 ? 2.327   -7.401  16.865  1.00 38.97  ?  157 THR A CA    1 
ATOM   808  C C     . THR A 1 102 ? 2.308   -7.424  15.346  1.00 36.80  ?  157 THR A C     1 
ATOM   809  O O     . THR A 1 102 ? 1.347   -6.970  14.730  1.00 33.79  ?  157 THR A O     1 
ATOM   810  C CB    . THR A 1 102 ? 1.552   -8.627  17.405  1.00 41.27  ?  157 THR A CB    1 
ATOM   811  O OG1   . THR A 1 102 ? 0.206   -8.604  16.913  1.00 39.68  ?  157 THR A OG1   1 
ATOM   812  C CG2   . THR A 1 102 ? 1.517   -8.618  18.933  1.00 43.00  ?  157 THR A CG2   1 
ATOM   813  N N     . PRO A 1 103 ? 3.384   -7.937  14.730  1.00 39.13  ?  158 PRO A N     1 
ATOM   814  C CA    . PRO A 1 103 ? 3.456   -8.046  13.272  1.00 35.73  ?  158 PRO A CA    1 
ATOM   815  C C     . PRO A 1 103 ? 2.375   -8.974  12.735  1.00 35.35  ?  158 PRO A C     1 
ATOM   816  O O     . PRO A 1 103 ? 1.904   -9.857  13.457  1.00 37.70  ?  158 PRO A O     1 
ATOM   817  C CB    . PRO A 1 103 ? 4.838   -8.666  13.038  1.00 37.38  ?  158 PRO A CB    1 
ATOM   818  C CG    . PRO A 1 103 ? 5.165   -9.351  14.324  1.00 39.77  ?  158 PRO A CG    1 
ATOM   819  C CD    . PRO A 1 103 ? 4.583   -8.490  15.382  1.00 40.91  ?  158 PRO A CD    1 
ATOM   820  N N     . ALA A 1 104 ? 1.967   -8.767  11.492  1.00 33.31  ?  159 ALA A N     1 
ATOM   821  C CA    . ALA A 1 104 ? 0.976   -9.645  10.884  1.00 33.31  ?  159 ALA A CA    1 
ATOM   822  C C     . ALA A 1 104 ? 1.625   -10.990 10.596  1.00 37.57  ?  159 ALA A C     1 
ATOM   823  O O     . ALA A 1 104 ? 2.807   -11.050 10.276  1.00 39.57  ?  159 ALA A O     1 
ATOM   824  C CB    . ALA A 1 104 ? 0.421   -9.029  9.604   1.00 29.07  ?  159 ALA A CB    1 
ATOM   825  N N     . ASP A 1 105 ? 0.852   -12.062 10.718  1.00 60.50  ?  160 ASP A N     1 
ATOM   826  C CA    . ASP A 1 105 ? 1.347   -13.403 10.438  1.00 63.31  ?  160 ASP A CA    1 
ATOM   827  C C     . ASP A 1 105 ? 1.207   -13.675 8.944   1.00 64.41  ?  160 ASP A C     1 
ATOM   828  O O     . ASP A 1 105 ? 0.375   -14.485 8.534   1.00 69.13  ?  160 ASP A O     1 
ATOM   829  C CB    . ASP A 1 105 ? 0.540   -14.428 11.243  1.00 67.11  ?  160 ASP A CB    1 
ATOM   830  C CG    . ASP A 1 105 ? 1.172   -15.817 11.248  1.00 74.50  ?  160 ASP A CG    1 
ATOM   831  O OD1   . ASP A 1 105 ? 0.835   -16.609 12.155  1.00 76.10  ?  160 ASP A OD1   1 
ATOM   832  O OD2   . ASP A 1 105 ? 1.996   -16.122 10.357  1.00 77.00  ?  160 ASP A OD2   1 
ATOM   833  N N     . ILE A 1 106 ? 2.003   -12.986 8.128   1.00 55.55  ?  161 ILE A N     1 
ATOM   834  C CA    . ILE A 1 106 ? 1.878   -13.099 6.677   1.00 53.57  ?  161 ILE A CA    1 
ATOM   835  C C     . ILE A 1 106 ? 3.231   -13.117 5.972   1.00 56.61  ?  161 ILE A C     1 
ATOM   836  O O     . ILE A 1 106 ? 3.893   -12.085 5.868   1.00 56.59  ?  161 ILE A O     1 
ATOM   837  C CB    . ILE A 1 106 ? 1.063   -11.925 6.062   1.00 50.26  ?  161 ILE A CB    1 
ATOM   838  C CG1   . ILE A 1 106 ? -0.156  -11.551 6.920   1.00 48.32  ?  161 ILE A CG1   1 
ATOM   839  C CG2   . ILE A 1 106 ? 0.660   -12.261 4.629   1.00 50.68  ?  161 ILE A CG2   1 
ATOM   840  C CD1   . ILE A 1 106 ? -1.398  -12.409 6.688   1.00 40.25  ?  161 ILE A CD1   1 
ATOM   841  N N     . VAL A 1 107 ? 3.627   -14.287 5.476   1.00 67.17  ?  162 VAL A N     1 
ATOM   842  C CA    . VAL A 1 107 ? 4.841   -14.421 4.669   1.00 67.09  ?  162 VAL A CA    1 
ATOM   843  C C     . VAL A 1 107 ? 4.680   -13.664 3.343   1.00 64.35  ?  162 VAL A C     1 
ATOM   844  O O     . VAL A 1 107 ? 3.577   -13.599 2.797   1.00 62.82  ?  162 VAL A O     1 
ATOM   845  C CB    . VAL A 1 107 ? 5.190   -15.921 4.442   1.00 70.24  ?  162 VAL A CB    1 
ATOM   846  C CG1   . VAL A 1 107 ? 3.953   -16.711 4.043   1.00 69.71  ?  162 VAL A CG1   1 
ATOM   847  C CG2   . VAL A 1 107 ? 6.301   -16.094 3.418   1.00 71.19  ?  162 VAL A CG2   1 
ATOM   848  N N     . ASP A 1 108 ? 5.769   -13.073 2.850   1.00 58.34  ?  163 ASP A N     1 
ATOM   849  C CA    . ASP A 1 108 ? 5.737   -12.233 1.650   1.00 55.05  ?  163 ASP A CA    1 
ATOM   850  C C     . ASP A 1 108 ? 5.385   -12.974 0.356   1.00 57.55  ?  163 ASP A C     1 
ATOM   851  O O     . ASP A 1 108 ? 5.325   -14.210 0.324   1.00 61.62  ?  163 ASP A O     1 
ATOM   852  C CB    . ASP A 1 108 ? 7.071   -11.502 1.476   1.00 52.73  ?  163 ASP A CB    1 
ATOM   853  C CG    . ASP A 1 108 ? 7.381   -10.571 2.629   1.00 51.19  ?  163 ASP A CG    1 
ATOM   854  O OD1   . ASP A 1 108 ? 6.480   -10.332 3.460   1.00 48.41  ?  163 ASP A OD1   1 
ATOM   855  O OD2   . ASP A 1 108 ? 8.519   -10.050 2.693   1.00 51.44  ?  163 ASP A OD2   1 
ATOM   856  N N     . ARG A 1 109 ? 5.150   -12.204 -0.711  1.00 47.03  ?  164 ARG A N     1 
ATOM   857  C CA    . ARG A 1 109 ? 4.784   -12.759 -2.020  1.00 47.02  ?  164 ARG A CA    1 
ATOM   858  C C     . ARG A 1 109 ? 5.996   -12.888 -2.962  1.00 48.99  ?  164 ARG A C     1 
ATOM   859  O O     . ARG A 1 109 ? 6.945   -12.119 -2.840  1.00 48.45  ?  164 ARG A O     1 
ATOM   860  C CB    . ARG A 1 109 ? 3.690   -11.904 -2.678  1.00 40.18  ?  164 ARG A CB    1 
ATOM   861  C CG    . ARG A 1 109 ? 3.446   -12.240 -4.147  1.00 41.27  ?  164 ARG A CG    1 
ATOM   862  C CD    . ARG A 1 109 ? 2.301   -11.494 -4.780  1.00 36.55  ?  164 ARG A CD    1 
ATOM   863  N NE    . ARG A 1 109 ? 2.679   -10.169 -5.262  1.00 31.53  ?  164 ARG A NE    1 
ATOM   864  C CZ    . ARG A 1 109 ? 3.237   -9.931  -6.443  1.00 35.15  ?  164 ARG A CZ    1 
ATOM   865  N NH1   . ARG A 1 109 ? 3.515   -10.933 -7.275  1.00 38.97  ?  164 ARG A NH1   1 
ATOM   866  N NH2   . ARG A 1 109 ? 3.518   -8.685  -6.795  1.00 33.16  ?  164 ARG A NH2   1 
ATOM   867  N N     . ASP A 1 110 ? 5.909   -13.862 -3.880  1.00 59.00  ?  165 ASP A N     1 
ATOM   868  C CA    . ASP A 1 110 ? 6.868   -14.230 -4.941  1.00 60.72  ?  165 ASP A CA    1 
ATOM   869  C C     . ASP A 1 110 ? 7.474   -15.573 -4.568  1.00 67.07  ?  165 ASP A C     1 
ATOM   870  O O     . ASP A 1 110 ? 7.438   -15.941 -3.392  1.00 68.68  ?  165 ASP A O     1 
ATOM   871  C CB    . ASP A 1 110 ? 7.937   -13.167 -5.248  1.00 59.65  ?  165 ASP A CB    1 
ATOM   872  C CG    . ASP A 1 110 ? 7.772   -12.559 -6.633  1.00 59.73  ?  165 ASP A CG    1 
ATOM   873  O OD1   . ASP A 1 110 ? 6.714   -12.769 -7.260  1.00 59.12  ?  165 ASP A OD1   1 
ATOM   874  O OD2   . ASP A 1 110 ? 8.700   -11.864 -7.096  1.00 59.93  ?  165 ASP A OD2   1 
ATOM   875  N N     . PRO A 1 111 ? 8.015   -16.329 -5.551  1.00 60.49  ?  166 PRO A N     1 
ATOM   876  C CA    . PRO A 1 111 ? 8.261   -16.129 -6.995  1.00 61.76  ?  166 PRO A CA    1 
ATOM   877  C C     . PRO A 1 111 ? 7.031   -15.987 -7.897  1.00 61.89  ?  166 PRO A C     1 
ATOM   878  O O     . PRO A 1 111 ? 6.077   -15.255 -7.609  1.00 60.74  ?  166 PRO A O     1 
ATOM   879  C CB    . PRO A 1 111 ? 8.972   -17.428 -7.406  1.00 64.37  ?  166 PRO A CB    1 
ATOM   880  C CG    . PRO A 1 111 ? 8.501   -18.436 -6.436  1.00 66.63  ?  166 PRO A CG    1 
ATOM   881  C CD    . PRO A 1 111 ? 8.371   -17.697 -5.128  1.00 62.76  ?  166 PRO A CD    1 
ATOM   882  N N     . SER A 1 112 ? 7.097   -16.695 -9.024  1.00 98.28  ?  167 SER A N     1 
ATOM   883  C CA    . SER A 1 112 ? 5.936   -16.929 -9.868  1.00 99.64  ?  167 SER A CA    1 
ATOM   884  C C     . SER A 1 112 ? 4.780   -17.313 -8.966  1.00 97.43  ?  167 SER A C     1 
ATOM   885  O O     . SER A 1 112 ? 3.683   -16.770 -9.098  1.00 96.99  ?  167 SER A O     1 
ATOM   886  C CB    . SER A 1 112 ? 6.206   -18.076 -10.839 1.00 105.41 ?  167 SER A CB    1 
ATOM   887  O OG    . SER A 1 112 ? 6.341   -19.306 -10.147 1.00 108.63 ?  167 SER A OG    1 
ATOM   888  N N     . SER A 1 113 ? 5.073   -18.233 -8.042  1.00 82.78  ?  168 SER A N     1 
ATOM   889  C CA    . SER A 1 113 ? 4.169   -18.735 -7.000  1.00 80.58  ?  168 SER A CA    1 
ATOM   890  C C     . SER A 1 113 ? 2.796   -18.075 -6.942  1.00 77.20  ?  168 SER A C     1 
ATOM   891  O O     . SER A 1 113 ? 1.771   -18.751 -7.049  1.00 80.45  ?  168 SER A O     1 
ATOM   892  C CB    . SER A 1 113 ? 4.848   -18.635 -5.627  1.00 80.06  ?  168 SER A CB    1 
ATOM   893  O OG    . SER A 1 113 ? 4.116   -19.339 -4.637  1.00 83.24  ?  168 SER A OG    1 
ATOM   894  N N     . ASP A 1 114 ? 2.790   -16.752 -6.776  1.00 52.21  ?  169 ASP A N     1 
ATOM   895  C CA    . ASP A 1 114 ? 1.548   -15.988 -6.744  1.00 47.12  ?  169 ASP A CA    1 
ATOM   896  C C     . ASP A 1 114 ? 1.686   -14.607 -7.404  1.00 41.14  ?  169 ASP A C     1 
ATOM   897  O O     . ASP A 1 114 ? 2.669   -13.897 -7.194  1.00 39.48  ?  169 ASP A O     1 
ATOM   898  C CB    . ASP A 1 114 ? 1.042   -15.862 -5.300  1.00 43.57  ?  169 ASP A CB    1 
ATOM   899  C CG    . ASP A 1 114 ? 0.873   -17.210 -4.627  1.00 48.84  ?  169 ASP A CG    1 
ATOM   900  O OD1   . ASP A 1 114 ? 1.654   -17.531 -3.708  1.00 50.10  ?  169 ASP A OD1   1 
ATOM   901  O OD2   . ASP A 1 114 ? -0.022  -17.969 -5.048  1.00 51.46  ?  169 ASP A OD2   1 
ATOM   902  N N     . GLU A 1 115 ? 0.695   -14.245 -8.214  1.00 50.40  ?  170 GLU A N     1 
ATOM   903  C CA    . GLU A 1 115 ? 0.622   -12.917 -8.810  1.00 46.21  ?  170 GLU A CA    1 
ATOM   904  C C     . GLU A 1 115 ? 0.008   -11.972 -7.782  1.00 38.76  ?  170 GLU A C     1 
ATOM   905  O O     . GLU A 1 115 ? -0.547  -12.428 -6.788  1.00 37.05  ?  170 GLU A O     1 
ATOM   906  C CB    . GLU A 1 115 ? -0.262  -12.958 -10.056 1.00 50.86  ?  170 GLU A CB    1 
ATOM   907  C CG    . GLU A 1 115 ? 0.069   -11.923 -11.116 1.00 52.02  ?  170 GLU A CG    1 
ATOM   908  C CD    . GLU A 1 115 ? 1.216   -12.352 -12.020 1.00 61.18  ?  170 GLU A CD    1 
ATOM   909  O OE1   . GLU A 1 115 ? 1.252   -11.892 -13.182 1.00 65.53  ?  170 GLU A OE1   1 
ATOM   910  O OE2   . GLU A 1 115 ? 2.083   -13.141 -11.576 1.00 62.99  ?  170 GLU A OE2   1 
ATOM   911  N N     . ALA A 1 116 ? 0.119   -10.665 -8.000  1.00 34.22  ?  171 ALA A N     1 
ATOM   912  C CA    . ALA A 1 116 ? -0.497  -9.724  -7.066  1.00 28.73  ?  171 ALA A CA    1 
ATOM   913  C C     . ALA A 1 116 ? -1.995  -9.747  -7.162  1.00 30.32  ?  171 ALA A C     1 
ATOM   914  O O     . ALA A 1 116 ? -2.557  -9.909  -8.233  1.00 32.29  ?  171 ALA A O     1 
ATOM   915  C CB    . ALA A 1 116 ? -0.031  -8.348  -7.306  1.00 27.26  ?  171 ALA A CB    1 
ATOM   916  N N     . ILE A 1 117 ? -2.632  -9.531  -6.021  1.00 26.55  ?  172 ILE A N     1 
ATOM   917  C CA    . ILE A 1 117 ? -4.076  -9.469  -5.929  1.00 24.49  ?  172 ILE A CA    1 
ATOM   918  C C     . ILE A 1 117 ? -4.510  -8.045  -6.266  1.00 26.17  ?  172 ILE A C     1 
ATOM   919  O O     . ILE A 1 117 ? -4.031  -7.095  -5.660  1.00 20.92  ?  172 ILE A O     1 
ATOM   920  C CB    . ILE A 1 117 ? -4.491  -9.765  -4.475  1.00 24.27  ?  172 ILE A CB    1 
ATOM   921  C CG1   . ILE A 1 117 ? -4.126  -11.205 -4.097  1.00 27.29  ?  172 ILE A CG1   1 
ATOM   922  C CG2   . ILE A 1 117 ? -5.977  -9.520  -4.280  1.00 22.88  ?  172 ILE A CG2   1 
ATOM   923  C CD1   . ILE A 1 117 ? -4.136  -11.479 -2.598  1.00 31.04  ?  172 ILE A CD1   1 
ATOM   924  N N     . PRO A 1 118 ? -5.427  -7.887  -7.232  1.00 26.83  ?  173 PRO A N     1 
ATOM   925  C CA    . PRO A 1 118 ? -5.991  -6.565  -7.520  1.00 26.10  ?  173 PRO A CA    1 
ATOM   926  C C     . PRO A 1 118 ? -6.583  -5.944  -6.264  1.00 23.96  ?  173 PRO A C     1 
ATOM   927  O O     . PRO A 1 118 ? -7.409  -6.566  -5.586  1.00 22.87  ?  173 PRO A O     1 
ATOM   928  C CB    . PRO A 1 118 ? -7.095  -6.872  -8.533  1.00 29.87  ?  173 PRO A CB    1 
ATOM   929  C CG    . PRO A 1 118 ? -6.604  -8.103  -9.224  1.00 32.45  ?  173 PRO A CG    1 
ATOM   930  C CD    . PRO A 1 118 ? -5.918  -8.912  -8.164  1.00 31.05  ?  173 PRO A CD    1 
ATOM   931  N N     . THR A 1 119 ? -6.163  -4.719  -5.966  1.00 21.65  ?  174 THR A N     1 
ATOM   932  C CA    . THR A 1 119 ? -6.562  -4.034  -4.744  1.00 17.68  ?  174 THR A CA    1 
ATOM   933  C C     . THR A 1 119 ? -8.060  -3.703  -4.743  1.00 17.00  ?  174 THR A C     1 
ATOM   934  O O     . THR A 1 119 ? -8.590  -3.109  -5.688  1.00 20.45  ?  174 THR A O     1 
ATOM   935  C CB    . THR A 1 119 ? -5.699  -2.779  -4.534  1.00 16.39  ?  174 THR A CB    1 
ATOM   936  O OG1   . THR A 1 119 ? -4.377  -3.178  -4.129  1.00 16.72  ?  174 THR A OG1   1 
ATOM   937  C CG2   . THR A 1 119 ? -6.292  -1.891  -3.445  1.00 12.41  ?  174 THR A CG2   1 
ATOM   938  N N     . ARG A 1 120 ? -8.740  -4.121  -3.679  1.00 16.83  ?  175 ARG A N     1 
ATOM   939  C CA    . ARG A 1 120 ? -10.182 -3.912  -3.535  1.00 20.69  ?  175 ARG A CA    1 
ATOM   940  C C     . ARG A 1 120 ? -10.420 -3.614  -2.089  1.00 15.65  ?  175 ARG A C     1 
ATOM   941  O O     . ARG A 1 120 ? -9.722  -4.156  -1.216  1.00 15.21  ?  175 ARG A O     1 
ATOM   942  C CB    . ARG A 1 120 ? -10.953 -5.201  -3.854  1.00 23.61  ?  175 ARG A CB    1 
ATOM   943  C CG    . ARG A 1 120 ? -11.255 -5.471  -5.297  1.00 31.92  ?  175 ARG A CG    1 
ATOM   944  C CD    . ARG A 1 120 ? -12.147 -6.700  -5.388  1.00 36.68  ?  175 ARG A CD    1 
ATOM   945  N NE    . ARG A 1 120 ? -13.283 -6.625  -4.464  1.00 37.49  ?  175 ARG A NE    1 
ATOM   946  C CZ    . ARG A 1 120 ? -13.498 -7.467  -3.448  1.00 37.19  ?  175 ARG A CZ    1 
ATOM   947  N NH1   . ARG A 1 120 ? -14.561 -7.316  -2.665  1.00 36.57  ?  175 ARG A NH1   1 
ATOM   948  N NH2   . ARG A 1 120 ? -12.656 -8.460  -3.207  1.00 40.30  ?  175 ARG A NH2   1 
ATOM   949  N N     . PHE A 1 121 ? -11.419 -2.786  -1.814  1.00 16.32  ?  176 PHE A N     1 
ATOM   950  C CA    . PHE A 1 121 ? -11.779 -2.471  -0.438  1.00 15.47  ?  176 PHE A CA    1 
ATOM   951  C C     . PHE A 1 121 ? -13.230 -2.821  -0.177  1.00 17.87  ?  176 PHE A C     1 
ATOM   952  O O     . PHE A 1 121 ? -14.022 -2.900  -1.113  1.00 18.54  ?  176 PHE A O     1 
ATOM   953  C CB    . PHE A 1 121 ? -11.543 -0.992  -0.175  1.00 15.79  ?  176 PHE A CB    1 
ATOM   954  C CG    . PHE A 1 121 ? -10.120 -0.577  -0.358  1.00 12.66  ?  176 PHE A CG    1 
ATOM   955  C CD1   . PHE A 1 121 ? -9.141  -0.964  0.560   1.00 13.12  ?  176 PHE A CD1   1 
ATOM   956  C CD2   . PHE A 1 121 ? -9.749  0.201   -1.448  1.00 13.61  ?  176 PHE A CD2   1 
ATOM   957  C CE1   . PHE A 1 121 ? -7.798  -0.569  0.390   1.00 11.52  ?  176 PHE A CE1   1 
ATOM   958  C CE2   . PHE A 1 121 ? -8.419  0.603   -1.613  1.00 14.22  ?  176 PHE A CE2   1 
ATOM   959  C CZ    . PHE A 1 121 ? -7.452  0.210   -0.700  1.00 12.78  ?  176 PHE A CZ    1 
ATOM   960  N N     . PRO A 1 122 ? -13.586 -3.047  1.096   1.00 16.02  ?  177 PRO A N     1 
ATOM   961  C CA    . PRO A 1 122 ? -14.971 -3.448  1.390   1.00 19.21  ?  177 PRO A CA    1 
ATOM   962  C C     . PRO A 1 122 ? -15.972 -2.303  1.231   1.00 18.22  ?  177 PRO A C     1 
ATOM   963  O O     . PRO A 1 122 ? -15.588 -1.141  1.286   1.00 17.06  ?  177 PRO A O     1 
ATOM   964  C CB    . PRO A 1 122 ? -14.904 -3.914  2.848   1.00 20.37  ?  177 PRO A CB    1 
ATOM   965  C CG    . PRO A 1 122 ? -13.668 -3.307  3.411   1.00 18.07  ?  177 PRO A CG    1 
ATOM   966  C CD    . PRO A 1 122 ? -12.699 -3.158  2.275   1.00 16.89  ?  177 PRO A CD    1 
ATOM   967  N N     . PRO A 1 123 ? -17.260 -2.630  1.009   1.00 18.33  ?  178 PRO A N     1 
ATOM   968  C CA    . PRO A 1 123 ? -18.305 -1.610  0.917   1.00 18.30  ?  178 PRO A CA    1 
ATOM   969  C C     . PRO A 1 123 ? -18.238 -0.671  2.106   1.00 18.85  ?  178 PRO A C     1 
ATOM   970  O O     . PRO A 1 123 ? -17.997 -1.120  3.233   1.00 20.11  ?  178 PRO A O     1 
ATOM   971  C CB    . PRO A 1 123 ? -19.592 -2.435  0.960   1.00 19.80  ?  178 PRO A CB    1 
ATOM   972  C CG    . PRO A 1 123 ? -19.203 -3.745  0.367   1.00 21.29  ?  178 PRO A CG    1 
ATOM   973  C CD    . PRO A 1 123 ? -17.797 -3.991  0.831   1.00 22.94  ?  178 PRO A CD    1 
ATOM   974  N N     . GLY A 1 124 ? -18.397 0.617   1.852   1.00 18.34  ?  179 GLY A N     1 
ATOM   975  C CA    . GLY A 1 124 ? -18.283 1.617   2.899   1.00 19.93  ?  179 GLY A CA    1 
ATOM   976  C C     . GLY A 1 124 ? -16.944 2.323   2.963   1.00 18.25  ?  179 GLY A C     1 
ATOM   977  O O     . GLY A 1 124 ? -16.843 3.384   3.583   1.00 17.44  ?  179 GLY A O     1 
ATOM   978  N N     . THR A 1 125 ? -15.922 1.779   2.300   1.00 16.02  ?  180 THR A N     1 
ATOM   979  C CA    . THR A 1 125 ? -14.595 2.409   2.320   1.00 15.86  ?  180 THR A CA    1 
ATOM   980  C C     . THR A 1 125 ? -14.575 3.752   1.584   1.00 13.51  ?  180 THR A C     1 
ATOM   981  O O     . THR A 1 125 ? -14.939 3.842   0.405   1.00 17.19  ?  180 THR A O     1 
ATOM   982  C CB    . THR A 1 125 ? -13.532 1.482   1.704   1.00 14.08  ?  180 THR A CB    1 
ATOM   983  O OG1   . THR A 1 125 ? -13.531 0.236   2.417   1.00 16.03  ?  180 THR A OG1   1 
ATOM   984  C CG2   . THR A 1 125 ? -12.124 2.121   1.780   1.00 14.73  ?  180 THR A CG2   1 
ATOM   985  N N     . VAL A 1 126 ? -14.110 4.793   2.270   1.00 15.22  ?  181 VAL A N     1 
ATOM   986  C CA    . VAL A 1 126 ? -13.938 6.095   1.645   1.00 18.10  ?  181 VAL A CA    1 
ATOM   987  C C     . VAL A 1 126 ? -12.676 6.071   0.812   1.00 14.90  ?  181 VAL A C     1 
ATOM   988  O O     . VAL A 1 126 ? -11.579 5.884   1.346   1.00 19.60  ?  181 VAL A O     1 
ATOM   989  C CB    . VAL A 1 126 ? -13.857 7.191   2.710   1.00 18.70  ?  181 VAL A CB    1 
ATOM   990  C CG1   . VAL A 1 126 ? -13.596 8.564   2.074   1.00 19.94  ?  181 VAL A CG1   1 
ATOM   991  C CG2   . VAL A 1 126 ? -15.132 7.203   3.520   1.00 20.83  ?  181 VAL A CG2   1 
ATOM   992  N N     . LEU A 1 127 ? -12.837 6.232   -0.497  1.00 17.75  ?  182 LEU A N     1 
ATOM   993  C CA    . LEU A 1 127 ? -11.704 6.143   -1.413  1.00 16.50  ?  182 LEU A CA    1 
ATOM   994  C C     . LEU A 1 127 ? -11.074 7.515   -1.576  1.00 19.37  ?  182 LEU A C     1 
ATOM   995  O O     . LEU A 1 127 ? -11.777 8.520   -1.659  1.00 22.05  ?  182 LEU A O     1 
ATOM   996  C CB    . LEU A 1 127 ? -12.161 5.610   -2.772  1.00 18.36  ?  182 LEU A CB    1 
ATOM   997  C CG    . LEU A 1 127 ? -12.805 4.226   -2.748  1.00 18.17  ?  182 LEU A CG    1 
ATOM   998  C CD1   . LEU A 1 127 ? -13.482 3.908   -4.069  1.00 22.43  ?  182 LEU A CD1   1 
ATOM   999  C CD2   . LEU A 1 127 ? -11.756 3.179   -2.430  1.00 17.94  ?  182 LEU A CD2   1 
ATOM   1000 N N     . PRO A 1 128 ? -9.736  7.563   -1.602  1.00 19.99  ?  183 PRO A N     1 
ATOM   1001 C CA    . PRO A 1 128 ? -9.042  8.850   -1.683  1.00 19.91  ?  183 PRO A CA    1 
ATOM   1002 C C     . PRO A 1 128 ? -9.181  9.429   -3.084  1.00 22.84  ?  183 PRO A C     1 
ATOM   1003 O O     . PRO A 1 128 ? -8.746  8.797   -4.052  1.00 22.91  ?  183 PRO A O     1 
ATOM   1004 C CB    . PRO A 1 128 ? -7.582  8.479   -1.393  1.00 19.77  ?  183 PRO A CB    1 
ATOM   1005 C CG    . PRO A 1 128 ? -7.461  7.032   -1.771  1.00 15.84  ?  183 PRO A CG    1 
ATOM   1006 C CD    . PRO A 1 128 ? -8.812  6.430   -1.431  1.00 18.05  ?  183 PRO A CD    1 
ATOM   1007 N N     . GLN A 1 129 ? -9.812  10.595  -3.200  1.00 24.82  ?  184 GLN A N     1 
ATOM   1008 C CA    . GLN A 1 129 ? -9.967  11.238  -4.498  1.00 27.56  ?  184 GLN A CA    1 
ATOM   1009 C C     . GLN A 1 129 ? -8.605  11.580  -5.093  1.00 28.63  ?  184 GLN A C     1 
ATOM   1010 O O     . GLN A 1 129 ? -7.683  11.954  -4.377  1.00 29.20  ?  184 GLN A O     1 
ATOM   1011 C CB    . GLN A 1 129 ? -10.797 12.508  -4.357  1.00 33.45  ?  184 GLN A CB    1 
ATOM   1012 C CG    . GLN A 1 129 ? -11.657 12.833  -5.559  1.00 39.18  ?  184 GLN A CG    1 
ATOM   1013 C CD    . GLN A 1 129 ? -12.839 13.707  -5.181  1.00 44.73  ?  184 GLN A CD    1 
ATOM   1014 O OE1   . GLN A 1 129 ? -13.956 13.215  -4.981  1.00 47.68  ?  184 GLN A OE1   1 
ATOM   1015 N NE2   . GLN A 1 129 ? -12.597 15.014  -5.066  1.00 45.79  ?  184 GLN A NE2   1 
ATOM   1016 N N     . GLY A 1 130 ? -8.486  11.428  -6.405  1.00 29.14  ?  185 GLY A N     1 
ATOM   1017 C CA    . GLY A 1 130 ? -7.271  11.791  -7.102  1.00 29.39  ?  185 GLY A CA    1 
ATOM   1018 C C     . GLY A 1 130 ? -6.288  10.647  -7.219  1.00 29.61  ?  185 GLY A C     1 
ATOM   1019 O O     . GLY A 1 130 ? -5.162  10.842  -7.660  1.00 29.26  ?  185 GLY A O     1 
ATOM   1020 N N     . TYR A 1 131 ? -6.723  9.455   -6.817  1.00 27.76  ?  186 TYR A N     1 
ATOM   1021 C CA    . TYR A 1 131 ? -5.892  8.260   -6.900  1.00 26.33  ?  186 TYR A CA    1 
ATOM   1022 C C     . TYR A 1 131 ? -6.630  7.176   -7.687  1.00 27.65  ?  186 TYR A C     1 
ATOM   1023 O O     . TYR A 1 131 ? -7.849  7.037   -7.568  1.00 29.08  ?  186 TYR A O     1 
ATOM   1024 C CB    . TYR A 1 131 ? -5.507  7.779   -5.489  1.00 23.28  ?  186 TYR A CB    1 
ATOM   1025 C CG    . TYR A 1 131 ? -4.546  8.718   -4.790  1.00 21.94  ?  186 TYR A CG    1 
ATOM   1026 C CD1   . TYR A 1 131 ? -4.996  9.880   -4.167  1.00 23.40  ?  186 TYR A CD1   1 
ATOM   1027 C CD2   . TYR A 1 131 ? -3.189  8.444   -4.757  1.00 21.13  ?  186 TYR A CD2   1 
ATOM   1028 C CE1   . TYR A 1 131 ? -4.113  10.742  -3.545  1.00 24.03  ?  186 TYR A CE1   1 
ATOM   1029 C CE2   . TYR A 1 131 ? -2.305  9.296   -4.135  1.00 20.74  ?  186 TYR A CE2   1 
ATOM   1030 C CZ    . TYR A 1 131 ? -2.774  10.437  -3.532  1.00 22.61  ?  186 TYR A CZ    1 
ATOM   1031 O OH    . TYR A 1 131 ? -1.862  11.272  -2.919  1.00 23.32  ?  186 TYR A OH    1 
ATOM   1032 N N     . TYR A 1 132 ? -5.893  6.439   -8.513  1.00 30.40  ?  187 TYR A N     1 
ATOM   1033 C CA    . TYR A 1 132 ? -6.468  5.353   -9.304  1.00 29.38  ?  187 TYR A CA    1 
ATOM   1034 C C     . TYR A 1 132 ? -5.972  4.010   -8.793  1.00 29.06  ?  187 TYR A C     1 
ATOM   1035 O O     . TYR A 1 132 ? -4.763  3.773   -8.709  1.00 27.71  ?  187 TYR A O     1 
ATOM   1036 C CB    . TYR A 1 132 ? -6.115  5.520   -10.787 1.00 33.72  ?  187 TYR A CB    1 
ATOM   1037 C CG    . TYR A 1 132 ? -6.463  4.310   -11.641 1.00 37.42  ?  187 TYR A CG    1 
ATOM   1038 C CD1   . TYR A 1 132 ? -7.787  3.989   -11.927 1.00 40.46  ?  187 TYR A CD1   1 
ATOM   1039 C CD2   . TYR A 1 132 ? -5.463  3.494   -12.163 1.00 38.91  ?  187 TYR A CD2   1 
ATOM   1040 C CE1   . TYR A 1 132 ? -8.103  2.881   -12.710 1.00 43.91  ?  187 TYR A CE1   1 
ATOM   1041 C CE2   . TYR A 1 132 ? -5.769  2.389   -12.939 1.00 41.81  ?  187 TYR A CE2   1 
ATOM   1042 C CZ    . TYR A 1 132 ? -7.084  2.090   -13.210 1.00 44.05  ?  187 TYR A CZ    1 
ATOM   1043 O OH    . TYR A 1 132 ? -7.383  0.991   -13.985 1.00 49.08  ?  187 TYR A OH    1 
ATOM   1044 N N     . ILE A 1 133 ? -6.903  3.131   -8.436  1.00 27.96  ?  188 ILE A N     1 
ATOM   1045 C CA    . ILE A 1 133 ? -6.508  1.806   -7.974  1.00 27.77  ?  188 ILE A CA    1 
ATOM   1046 C C     . ILE A 1 133 ? -6.201  0.927   -9.167  1.00 33.51  ?  188 ILE A C     1 
ATOM   1047 O O     . ILE A 1 133 ? -7.079  0.643   -9.984  1.00 34.90  ?  188 ILE A O     1 
ATOM   1048 C CB    . ILE A 1 133 ? -7.575  1.134   -7.086  1.00 24.33  ?  188 ILE A CB    1 
ATOM   1049 C CG1   . ILE A 1 133 ? -7.591  1.780   -5.697  1.00 21.91  ?  188 ILE A CG1   1 
ATOM   1050 C CG2   . ILE A 1 133 ? -7.234  -0.318  -6.888  1.00 26.25  ?  188 ILE A CG2   1 
ATOM   1051 C CD1   . ILE A 1 133 ? -8.592  2.877   -5.541  1.00 24.55  ?  188 ILE A CD1   1 
ATOM   1052 N N     . GLU A 1 134 ? -4.949  0.503   -9.273  1.00 26.28  ?  189 GLU A N     1 
ATOM   1053 C CA    . GLU A 1 134 ? -4.543  -0.315  -10.402 1.00 30.92  ?  189 GLU A CA    1 
ATOM   1054 C C     . GLU A 1 134 ? -5.290  -1.641  -10.393 1.00 33.31  ?  189 GLU A C     1 
ATOM   1055 O O     . GLU A 1 134 ? -5.545  -2.221  -9.335  1.00 29.23  ?  189 GLU A O     1 
ATOM   1056 C CB    . GLU A 1 134 ? -3.038  -0.521  -10.379 1.00 30.54  ?  189 GLU A CB    1 
ATOM   1057 C CG    . GLU A 1 134 ? -2.260  0.795   -10.421 1.00 31.83  ?  189 GLU A CG    1 
ATOM   1058 C CD    . GLU A 1 134 ? -2.194  1.404   -11.807 1.00 36.78  ?  189 GLU A CD    1 
ATOM   1059 O OE1   . GLU A 1 134 ? -1.773  2.573   -11.932 1.00 36.92  ?  189 GLU A OE1   1 
ATOM   1060 O OE2   . GLU A 1 134 ? -2.544  0.705   -12.778 1.00 41.44  ?  189 GLU A OE2   1 
ATOM   1061 N N     . GLY A 1 135 ? -5.666  -2.105  -11.580 1.00 41.69  ?  190 GLY A N     1 
ATOM   1062 C CA    . GLY A 1 135 ? -6.485  -3.294  -11.694 1.00 43.93  ?  190 GLY A CA    1 
ATOM   1063 C C     . GLY A 1 135 ? -7.961  -2.959  -11.832 1.00 47.12  ?  190 GLY A C     1 
ATOM   1064 O O     . GLY A 1 135 ? -8.722  -3.717  -12.437 1.00 53.15  ?  190 GLY A O     1 
ATOM   1065 N N     . SER A 1 136 ? -8.374  -1.822  -11.275 1.00 54.68  ?  191 SER A N     1 
ATOM   1066 C CA    . SER A 1 136 ? -9.787  -1.441  -11.268 1.00 53.98  ?  191 SER A CA    1 
ATOM   1067 C C     . SER A 1 136 ? -10.278 -1.022  -12.650 1.00 58.69  ?  191 SER A C     1 
ATOM   1068 O O     . SER A 1 136 ? -9.520  -1.005  -13.624 1.00 47.11  ?  191 SER A O     1 
ATOM   1069 C CB    . SER A 1 136 ? -10.041 -0.311  -10.264 1.00 50.83  ?  191 SER A CB    1 
ATOM   1070 O OG    . SER A 1 136 ? -9.430  0.899   -10.684 1.00 50.87  ?  191 SER A OG    1 
ATOM   1071 O OXT   . SER A 1 136 ? -11.453 -0.698  -12.824 1.00 62.10  ?  191 SER A OXT   1 
HETATM 1072 P P     . AMP B 2 .   ? 0.280   -2.344  -9.871  1.00 19.86  ?  201 AMP A P     1 
HETATM 1073 O O1P   . AMP B 2 .   ? -0.840  -3.264  -10.434 1.00 19.85  -1 201 AMP A O1P   1 
HETATM 1074 O O2P   . AMP B 2 .   ? -0.227  -1.054  -9.200  1.00 19.85  ?  201 AMP A O2P   1 
HETATM 1075 O O3P   . AMP B 2 .   ? 1.037   -1.925  -11.161 1.00 19.85  -1 201 AMP A O3P   1 
HETATM 1076 O "O5'" . AMP B 2 .   ? 1.426   -3.069  -9.003  1.00 19.85  ?  201 AMP A "O5'" 1 
HETATM 1077 C "C5'" . AMP B 2 .   ? 2.602   -3.514  -9.610  1.00 19.84  ?  201 AMP A "C5'" 1 
HETATM 1078 C "C4'" . AMP B 2 .   ? 2.827   -4.945  -9.399  1.00 19.84  ?  201 AMP A "C4'" 1 
HETATM 1079 O "O4'" . AMP B 2 .   ? 4.159   -5.305  -8.887  1.00 19.85  ?  201 AMP A "O4'" 1 
HETATM 1080 C "C3'" . AMP B 2 .   ? 1.891   -5.214  -8.386  1.00 19.84  ?  201 AMP A "C3'" 1 
HETATM 1081 O "O3'" . AMP B 2 .   ? 1.294   -6.423  -8.835  1.00 19.85  ?  201 AMP A "O3'" 1 
HETATM 1082 C "C2'" . AMP B 2 .   ? 2.734   -5.209  -7.210  1.00 19.84  ?  201 AMP A "C2'" 1 
HETATM 1083 O "O2'" . AMP B 2 .   ? 2.236   -5.827  -6.072  1.00 19.85  ?  201 AMP A "O2'" 1 
HETATM 1084 C "C1'" . AMP B 2 .   ? 3.984   -5.831  -7.609  1.00 19.84  ?  201 AMP A "C1'" 1 
HETATM 1085 N N9    . AMP B 2 .   ? 4.751   -5.249  -6.593  1.00 19.84  ?  201 AMP A N9    1 
HETATM 1086 C C8    . AMP B 2 .   ? 4.876   -5.655  -5.328  1.00 19.84  ?  201 AMP A C8    1 
HETATM 1087 N N7    . AMP B 2 .   ? 5.642   -4.778  -4.679  1.00 19.85  ?  201 AMP A N7    1 
HETATM 1088 C C5    . AMP B 2 .   ? 6.038   -3.796  -5.548  1.00 19.84  ?  201 AMP A C5    1 
HETATM 1089 C C6    . AMP B 2 .   ? 6.826   -2.648  -5.434  1.00 19.84  ?  201 AMP A C6    1 
HETATM 1090 N N6    . AMP B 2 .   ? 7.481   -2.264  -4.220  1.00 29.03  ?  201 AMP A N6    1 
HETATM 1091 N N1    . AMP B 2 .   ? 6.964   -1.910  -6.577  1.00 19.85  ?  201 AMP A N1    1 
HETATM 1092 C C2    . AMP B 2 .   ? 6.397   -2.209  -7.753  1.00 19.84  ?  201 AMP A C2    1 
HETATM 1093 N N3    . AMP B 2 .   ? 5.631   -3.302  -7.876  1.00 19.85  ?  201 AMP A N3    1 
HETATM 1094 C C4    . AMP B 2 .   ? 5.447   -4.091  -6.756  1.00 19.84  ?  201 AMP A C4    1 
HETATM 1095 O O     . HOH C 3 .   ? -0.229  -2.644  -3.113  1.00 19.24  ?  301 HOH A O     1 
HETATM 1096 O O     . HOH C 3 .   ? 5.823   -2.391  9.568   1.00 25.49  ?  302 HOH A O     1 
HETATM 1097 O O     . HOH C 3 .   ? 0.901   10.600  -3.407  1.00 26.63  ?  303 HOH A O     1 
HETATM 1098 O O     . HOH C 3 .   ? 11.749  5.016   8.640   1.00 37.12  ?  304 HOH A O     1 
HETATM 1099 O O     . HOH C 3 .   ? 1.882   9.413   4.458   1.00 31.17  ?  305 HOH A O     1 
HETATM 1100 O O     . HOH C 3 .   ? 7.241   -7.784  1.710   1.00 39.28  ?  306 HOH A O     1 
HETATM 1101 O O     . HOH C 3 .   ? 14.487  -9.979  -9.909  1.00 23.69  ?  307 HOH A O     1 
HETATM 1102 O O     . HOH C 3 .   ? 6.525   10.355  -8.178  1.00 26.17  ?  308 HOH A O     1 
HETATM 1103 O O     . HOH C 3 .   ? -6.473  -8.567  17.665  1.00 24.15  ?  309 HOH A O     1 
HETATM 1104 O O     . HOH C 3 .   ? -2.516  -13.475 1.459   1.00 42.09  ?  310 HOH A O     1 
HETATM 1105 O O     . HOH C 3 .   ? 0.243   7.360   8.644   1.00 24.82  ?  311 HOH A O     1 
HETATM 1106 O O     . HOH C 3 .   ? -7.410  12.485  -1.695  1.00 30.09  ?  312 HOH A O     1 
HETATM 1107 O O     . HOH C 3 .   ? -9.188  6.165   -5.140  1.00 35.23  ?  313 HOH A O     1 
HETATM 1108 O O     . HOH C 3 .   ? 8.397   13.202  -10.453 1.00 57.47  ?  314 HOH A O     1 
HETATM 1109 O O     . HOH C 3 .   ? -9.118  -8.584  -6.025  1.00 29.59  ?  315 HOH A O     1 
HETATM 1110 O O     . HOH C 3 .   ? 5.613   -4.915  13.647  1.00 32.24  ?  316 HOH A O     1 
HETATM 1111 O O     . HOH C 3 .   ? -5.276  4.660   9.362   1.00 28.37  ?  317 HOH A O     1 
HETATM 1112 O O     . HOH C 3 .   ? -6.519  15.992  -0.378  1.00 35.41  ?  318 HOH A O     1 
HETATM 1113 O O     . HOH C 3 .   ? 9.943   5.856   -3.313  1.00 32.37  ?  319 HOH A O     1 
HETATM 1114 O O     . HOH C 3 .   ? 3.601   8.242   8.705   1.00 27.25  ?  320 HOH A O     1 
HETATM 1115 O O     . HOH C 3 .   ? 1.582   -6.825  0.863   1.00 19.29  ?  321 HOH A O     1 
HETATM 1116 O O     . HOH C 3 .   ? -2.204  6.632   9.399   1.00 25.65  ?  322 HOH A O     1 
HETATM 1117 O O     . HOH C 3 .   ? -10.246 10.853  1.273   1.00 26.32  ?  323 HOH A O     1 
HETATM 1118 O O     . HOH C 3 .   ? -1.505  -6.553  22.937  1.00 35.77  ?  324 HOH A O     1 
HETATM 1119 O O     . HOH C 3 .   ? -19.116 -0.367  7.869   1.00 58.66  ?  325 HOH A O     1 
HETATM 1120 O O     . HOH C 3 .   ? -6.921  2.483   9.021   1.00 17.12  ?  326 HOH A O     1 
HETATM 1121 O O     . HOH C 3 .   ? -11.304 -0.346  3.974   1.00 21.58  ?  327 HOH A O     1 
HETATM 1122 O O     . HOH C 3 .   ? -10.193 -2.629  4.768   1.00 21.36  ?  328 HOH A O     1 
HETATM 1123 O O     . HOH C 3 .   ? -6.767  -1.550  15.257  1.00 28.36  ?  329 HOH A O     1 
HETATM 1124 O O     . HOH C 3 .   ? -4.349  -2.080  17.775  1.00 24.71  ?  330 HOH A O     1 
HETATM 1125 O O     . HOH C 3 .   ? 11.975  -1.524  15.501  1.00 30.88  ?  331 HOH A O     1 
HETATM 1126 O O     . HOH C 3 .   ? -4.820  10.776  7.372   1.00 36.03  ?  332 HOH A O     1 
HETATM 1127 O O     . HOH C 3 .   ? -6.978  1.595   12.399  1.00 32.15  ?  333 HOH A O     1 
HETATM 1128 O O     . HOH C 3 .   ? 16.988  12.565  -21.285 1.00 29.33  ?  334 HOH A O     1 
HETATM 1129 O O     . HOH C 3 .   ? 5.855   -14.959 8.791   1.00 51.72  ?  335 HOH A O     1 
HETATM 1130 O O     . HOH C 3 .   ? -8.472  -8.964  4.036   1.00 35.85  ?  336 HOH A O     1 
HETATM 1131 O O     . HOH C 3 .   ? 4.580   14.260  -6.802  1.00 49.58  ?  337 HOH A O     1 
HETATM 1132 O O     . HOH C 3 .   ? 3.945   -1.449  15.561  1.00 28.59  ?  338 HOH A O     1 
HETATM 1133 O O     . HOH C 3 .   ? 4.413   13.727  -3.129  1.00 36.60  ?  339 HOH A O     1 
HETATM 1134 O O     . HOH C 3 .   ? 17.632  8.881   -17.920 1.00 38.69  ?  340 HOH A O     1 
HETATM 1135 O O     . HOH C 3 .   ? -4.083  -15.809 12.855  1.00 53.87  ?  341 HOH A O     1 
HETATM 1136 O O     . HOH C 3 .   ? 4.103   10.688  4.085   1.00 33.55  ?  342 HOH A O     1 
HETATM 1137 O O     . HOH C 3 .   ? -18.062 3.553   6.373   1.00 40.74  ?  343 HOH A O     1 
HETATM 1138 O O     . HOH C 3 .   ? -18.167 -3.425  4.684   1.00 35.13  ?  344 HOH A O     1 
HETATM 1139 O O     . HOH C 3 .   ? 5.141   13.802  2.119   1.00 42.29  ?  345 HOH A O     1 
HETATM 1140 O O     . HOH C 3 .   ? -10.774 -1.806  -6.450  1.00 30.30  ?  346 HOH A O     1 
HETATM 1141 O O     . HOH C 3 .   ? -8.086  -12.637 -5.438  1.00 58.55  ?  347 HOH A O     1 
HETATM 1142 O O     . HOH C 3 .   ? 8.071   -2.863  -13.174 1.00 50.00  ?  348 HOH A O     1 
HETATM 1143 O O     . HOH C 3 .   ? -0.206  10.448  3.362   1.00 30.99  ?  349 HOH A O     1 
HETATM 1144 O O     . HOH C 3 .   ? 1.368   6.693   -14.223 1.00 45.49  ?  350 HOH A O     1 
HETATM 1145 O O     . HOH C 3 .   ? -1.806  4.424   -13.891 1.00 61.84  ?  351 HOH A O     1 
HETATM 1146 O O     . HOH C 3 .   ? -10.856 10.520  -8.187  1.00 36.08  ?  352 HOH A O     1 
HETATM 1147 O O     . HOH C 3 .   ? -9.280  -2.015  6.867   1.00 42.78  ?  353 HOH A O     1 
HETATM 1148 O O     . HOH C 3 .   ? -11.181 4.353   -6.505  1.00 48.45  ?  354 HOH A O     1 
HETATM 1149 O O     . HOH C 3 .   ? 2.593   11.905  -1.767  1.00 35.49  ?  355 HOH A O     1 
HETATM 1150 O O     . HOH C 3 .   ? 5.599   0.421   -9.820  1.00 43.66  ?  356 HOH A O     1 
HETATM 1151 O O     . HOH C 3 .   ? 9.379   -8.179  4.361   1.00 35.24  ?  357 HOH A O     1 
HETATM 1152 O O     . HOH C 3 .   ? 10.389  -2.139  -1.378  1.00 35.46  ?  358 HOH A O     1 
HETATM 1153 O O     . HOH C 3 .   ? -0.786  -10.628 14.312  1.00 35.02  ?  359 HOH A O     1 
HETATM 1154 O O     . HOH C 3 .   ? 6.598   3.336   -13.098 1.00 48.90  ?  360 HOH A O     1 
HETATM 1155 O O     . HOH C 3 .   ? -4.087  -8.489  15.560  1.00 34.38  ?  361 HOH A O     1 
HETATM 1156 O O     . HOH C 3 .   ? 10.753  2.605   -15.965 1.00 54.65  ?  362 HOH A O     1 
HETATM 1157 O O     . HOH C 3 .   ? 13.847  5.457   7.263   1.00 44.24  ?  363 HOH A O     1 
HETATM 1158 O O     . HOH C 3 .   ? -3.025  -14.235 -11.870 1.00 50.71  ?  364 HOH A O     1 
HETATM 1159 O O     . HOH C 3 .   ? -12.423 -4.327  9.902   1.00 40.22  ?  365 HOH A O     1 
HETATM 1160 O O     . HOH C 3 .   ? 9.455   -9.293  7.464   1.00 49.61  ?  366 HOH A O     1 
HETATM 1161 O O     . HOH C 3 .   ? 2.515   14.197  -5.317  1.00 44.70  ?  367 HOH A O     1 
HETATM 1162 O O     . HOH C 3 .   ? -9.205  8.341   13.668  1.00 51.14  ?  368 HOH A O     1 
HETATM 1163 O O     . HOH C 3 .   ? 12.452  -4.433  -11.266 1.00 44.83  ?  369 HOH A O     1 
HETATM 1164 O O     . HOH C 3 .   ? -11.114 -11.452 3.454   1.00 43.50  ?  370 HOH A O     1 
HETATM 1165 O O     . HOH C 3 .   ? 0.847   9.699   7.284   1.00 41.45  ?  371 HOH A O     1 
HETATM 1166 O O     . HOH C 3 .   ? -1.301  -16.033 -10.917 1.00 63.89  ?  372 HOH A O     1 
HETATM 1167 O O     . HOH C 3 .   ? 12.747  -5.801  5.359   1.00 57.58  ?  373 HOH A O     1 
HETATM 1168 O O     . HOH C 3 .   ? -0.169  12.205  0.368   1.00 44.78  ?  374 HOH A O     1 
HETATM 1169 O O     . HOH C 3 .   ? 6.068   -13.010 11.796  1.00 57.26  ?  375 HOH A O     1 
HETATM 1170 O O     . HOH C 3 .   ? -9.523  -9.635  -2.806  1.00 41.68  ?  376 HOH A O     1 
HETATM 1171 O O     . HOH C 3 .   ? -6.971  7.011   -13.916 1.00 52.13  ?  377 HOH A O     1 
HETATM 1172 O O     . HOH C 3 .   ? 7.399   2.952   -16.180 1.00 49.07  ?  378 HOH A O     1 
HETATM 1173 O O     . HOH C 3 .   ? 8.613   15.056  2.446   1.00 40.47  ?  379 HOH A O     1 
HETATM 1174 O O     . HOH C 3 .   ? -1.772  -8.195  24.407  1.00 35.23  ?  380 HOH A O     1 
HETATM 1175 O O     . HOH C 3 .   ? 7.602   -2.426  12.961  1.00 39.93  ?  381 HOH A O     1 
HETATM 1176 O O     . HOH C 3 .   ? -10.086 -4.879  -9.404  1.00 35.97  ?  382 HOH A O     1 
HETATM 1177 O O     . HOH C 3 .   ? -16.519 -0.480  7.649   1.00 47.35  ?  383 HOH A O     1 
HETATM 1178 O O     . HOH C 3 .   ? 9.462   -9.471  -0.083  1.00 40.38  ?  384 HOH A O     1 
HETATM 1179 O O     . HOH C 3 .   ? -11.016 11.945  -1.000  1.00 30.66  ?  385 HOH A O     1 
HETATM 1180 O O     . HOH C 3 .   ? -1.401  6.272   12.186  1.00 32.14  ?  386 HOH A O     1 
HETATM 1181 O O     . HOH C 3 .   ? -2.414  5.345   14.869  1.00 50.86  ?  387 HOH A O     1 
HETATM 1182 O O     . HOH C 3 .   ? -1.109  3.654   16.933  1.00 29.38  ?  388 HOH A O     1 
HETATM 1183 O O     . HOH C 3 .   ? 14.660  -1.901  3.848   1.00 43.36  ?  389 HOH A O     1 
HETATM 1184 O O     . HOH C 3 .   ? -2.599  -4.330  24.025  1.00 34.21  ?  390 HOH A O     1 
HETATM 1185 O O     . HOH C 3 .   ? -3.699  2.881   16.607  1.00 43.59  ?  391 HOH A O     1 
HETATM 1186 O O     . HOH C 3 .   ? -5.224  0.514   16.887  1.00 35.70  ?  392 HOH A O     1 
HETATM 1187 O O     . HOH C 3 .   ? -16.592 -0.054  5.437   1.00 40.52  ?  393 HOH A O     1 
HETATM 1188 O O     . HOH C 3 .   ? -13.603 10.423  -0.985  1.00 29.01  ?  394 HOH A O     1 
HETATM 1189 O O     . HOH C 3 .   ? -14.763 -4.488  -3.219  1.00 37.42  ?  395 HOH A O     1 
HETATM 1190 O O     . HOH C 3 .   ? -9.284  -6.313  4.170   1.00 32.53  ?  396 HOH A O     1 
HETATM 1191 O O     . HOH C 3 .   ? 16.909  10.989  -16.012 1.00 36.20  ?  397 HOH A O     1 
HETATM 1192 O O     . HOH C 3 .   ? -4.406  -17.495 -9.104  1.00 70.36  ?  398 HOH A O     1 
HETATM 1193 O O     . HOH C 3 .   ? -14.222 -2.867  7.791   1.00 54.26  ?  399 HOH A O     1 
HETATM 1194 O O     . HOH C 3 .   ? -1.808  -16.316 -8.130  1.00 47.78  ?  400 HOH A O     1 
HETATM 1195 O O     . HOH C 3 .   ? 3.074   10.928  8.459   1.00 39.83  ?  401 HOH A O     1 
HETATM 1196 O O     . HOH C 3 .   ? -2.302  -14.258 -6.331  1.00 47.79  ?  402 HOH A O     1 
HETATM 1197 O O     . HOH C 3 .   ? 9.316   20.558  -25.914 1.00 35.98  ?  403 HOH A O     1 
HETATM 1198 O O     . HOH C 3 .   ? 12.859  6.440   -13.425 1.00 34.93  ?  404 HOH A O     1 
HETATM 1199 O O     . HOH C 3 .   ? -6.835  11.957  7.043   1.00 46.79  ?  405 HOH A O     1 
HETATM 1200 O O     . HOH C 3 .   ? -10.093 9.579   4.609   1.00 25.62  ?  406 HOH A O     1 
HETATM 1201 O O     . HOH C 3 .   ? 8.249   -1.294  17.528  1.00 41.17  ?  407 HOH A O     1 
HETATM 1202 O O     . HOH C 3 .   ? -4.842  3.457   12.177  1.00 33.32  ?  408 HOH A O     1 
HETATM 1203 O O     . HOH C 3 .   ? 8.259   -0.913  -2.187  1.00 41.44  ?  409 HOH A O     1 
HETATM 1204 O O     . HOH C 3 .   ? 4.854   9.171   15.686  1.00 32.89  ?  410 HOH A O     1 
HETATM 1205 O O     . HOH C 3 .   ? 17.535  9.692   -20.787 1.00 36.13  ?  411 HOH A O     1 
HETATM 1206 O O     . HOH C 3 .   ? -12.173 -1.674  10.734  1.00 25.45  ?  412 HOH A O     1 
HETATM 1207 O O     . HOH C 3 .   ? -11.143 5.199   4.002   1.00 19.69  ?  413 HOH A O     1 
HETATM 1208 O O     . HOH C 3 .   ? -9.829  8.097   1.778   1.00 23.75  ?  414 HOH A O     1 
HETATM 1209 O O     . HOH C 3 .   ? -7.523  -6.466  -2.612  1.00 19.65  ?  415 HOH A O     1 
HETATM 1210 O O     . HOH C 3 .   ? -5.797  -8.220  3.814   1.00 24.93  ?  416 HOH A O     1 
HETATM 1211 O O     . HOH C 3 .   ? 3.348   -7.722  2.949   1.00 21.53  ?  417 HOH A O     1 
HETATM 1212 O O     . HOH C 3 .   ? -8.095  -3.401  -8.482  1.00 25.15  ?  418 HOH A O     1 
HETATM 1213 O O     . HOH C 3 .   ? 14.745  1.240   -6.973  1.00 35.36  ?  419 HOH A O     1 
HETATM 1214 O O     . HOH C 3 .   ? 13.539  -0.831  -4.504  1.00 31.87  ?  420 HOH A O     1 
HETATM 1215 O O     . HOH C 3 .   ? 11.580  4.882   2.952   1.00 44.78  ?  421 HOH A O     1 
HETATM 1216 O O     . HOH C 3 .   ? -12.503 11.189  7.686   1.00 31.28  ?  422 HOH A O     1 
HETATM 1217 O O     . HOH C 3 .   ? -8.680  10.049  7.135   1.00 30.40  ?  423 HOH A O     1 
HETATM 1218 O O     . HOH C 3 .   ? -10.628 10.532  8.998   1.00 35.44  ?  424 HOH A O     1 
HETATM 1219 O O     . HOH C 3 .   ? -12.911 9.140   -4.419  1.00 36.41  ?  425 HOH A O     1 
HETATM 1220 O O     . HOH C 3 .   ? -9.191  8.048   -12.931 1.00 47.20  ?  426 HOH A O     1 
# 
loop_
_pdbx_poly_seq_scheme.asym_id 
_pdbx_poly_seq_scheme.entity_id 
_pdbx_poly_seq_scheme.seq_id 
_pdbx_poly_seq_scheme.mon_id 
_pdbx_poly_seq_scheme.ndb_seq_num 
_pdbx_poly_seq_scheme.pdb_seq_num 
_pdbx_poly_seq_scheme.auth_seq_num 
_pdbx_poly_seq_scheme.pdb_mon_id 
_pdbx_poly_seq_scheme.auth_mon_id 
_pdbx_poly_seq_scheme.pdb_strand_id 
_pdbx_poly_seq_scheme.pdb_ins_code 
_pdbx_poly_seq_scheme.hetero 
A 1 1   GLU 1   56  56  GLU GLU A . n 
A 1 2   PHE 2   57  57  PHE PHE A . n 
A 1 3   ASN 3   58  58  ASN ASN A . n 
A 1 4   VAL 4   59  59  VAL VAL A . n 
A 1 5   VAL 5   60  60  VAL VAL A . n 
A 1 6   PRO 6   61  61  PRO PRO A . n 
A 1 7   TYR 7   62  62  TYR TYR A . n 
A 1 8   TYR 8   63  63  TYR TYR A . n 
A 1 9   SER 9   64  64  SER SER A . n 
A 1 10  TRP 10  65  65  TRP TRP A . n 
A 1 11  PHE 11  66  66  PHE PHE A . n 
A 1 12  SER 12  67  67  SER SER A . n 
A 1 13  GLY 13  68  68  GLY GLY A . n 
A 1 14  ILE 14  69  69  ILE ILE A . n 
A 1 15  THR 15  70  70  THR THR A . n 
A 1 16  GLN 16  71  71  GLN GLN A . n 
A 1 17  PHE 17  72  72  PHE PHE A . n 
A 1 18  GLN 18  73  73  GLN GLN A . n 
A 1 19  LYS 19  74  74  LYS LYS A . n 
A 1 20  GLY 20  75  75  GLY GLY A . n 
A 1 21  LYS 21  76  76  LYS LYS A . n 
A 1 22  GLU 22  77  77  GLU GLU A . n 
A 1 23  PHE 23  78  78  PHE PHE A . n 
A 1 24  GLU 24  79  79  GLU GLU A . n 
A 1 25  PHE 25  80  80  PHE PHE A . n 
A 1 26  VAL 26  81  81  VAL VAL A . n 
A 1 27  GLU 27  82  82  GLU GLU A . n 
A 1 28  GLY 28  83  83  GLY GLY A . n 
A 1 29  GLN 29  84  84  GLN GLN A . n 
A 1 30  GLY 30  85  85  GLY GLY A . n 
A 1 31  VAL 31  86  86  VAL VAL A . n 
A 1 32  PRO 32  87  87  PRO PRO A . n 
A 1 33  ILE 33  88  88  ILE ILE A . n 
A 1 34  ALA 34  89  89  ALA ALA A . n 
A 1 35  PRO 35  90  90  PRO PRO A . n 
A 1 36  GLY 36  91  91  GLY GLY A . n 
A 1 37  VAL 37  92  92  VAL VAL A . n 
A 1 38  PRO 38  93  93  PRO PRO A . n 
A 1 39  ALA 39  94  94  ALA ALA A . n 
A 1 40  THR 40  95  95  THR THR A . n 
A 1 41  GLU 41  96  96  GLU GLU A . n 
A 1 42  ALA 42  97  97  ALA ALA A . n 
A 1 43  LYS 43  98  98  LYS LYS A . n 
A 1 44  GLY 44  99  99  GLY GLY A . n 
A 1 45  TYR 45  100 100 TYR TYR A . n 
A 1 46  TRP 46  101 101 TRP TRP A . n 
A 1 47  TYR 47  102 102 TYR TYR A . n 
A 1 48  ARG 48  103 103 ARG ARG A . n 
A 1 49  HIS 49  104 104 HIS HIS A . n 
A 1 50  ASN 50  105 105 ASN ASN A . n 
A 1 51  ARG 51  106 106 ARG ARG A . n 
A 1 52  ARG 52  107 107 ARG ARG A . n 
A 1 53  SER 53  108 108 SER SER A . n 
A 1 54  PHE 54  109 109 PHE PHE A . n 
A 1 55  LYS 55  110 110 LYS LYS A . n 
A 1 56  THR 56  111 111 THR THR A . n 
A 1 57  ALA 57  112 112 ALA ALA A . n 
A 1 58  ASP 58  113 113 ASP ASP A . n 
A 1 59  GLY 59  114 114 GLY GLY A . n 
A 1 60  ASN 60  115 ?   ?   ?   A . n 
A 1 61  GLN 61  116 ?   ?   ?   A . n 
A 1 62  ARG 62  117 ?   ?   ?   A . n 
A 1 63  GLN 63  118 118 GLN GLN A . n 
A 1 64  LEU 64  119 119 LEU LEU A . n 
A 1 65  LEU 65  120 120 LEU LEU A . n 
A 1 66  PRO 66  121 121 PRO PRO A . n 
A 1 67  ARG 67  122 122 ARG ARG A . n 
A 1 68  TRP 68  123 123 TRP TRP A . n 
A 1 69  TYR 69  124 124 TYR TYR A . n 
A 1 70  PHE 70  125 125 PHE PHE A . n 
A 1 71  TYR 71  126 126 TYR TYR A . n 
A 1 72  TYR 72  127 127 TYR TYR A . n 
A 1 73  LEU 73  128 128 LEU LEU A . n 
A 1 74  GLY 74  129 129 GLY GLY A . n 
A 1 75  THR 75  130 130 THR THR A . n 
A 1 76  GLY 76  131 131 GLY GLY A . n 
A 1 77  PRO 77  132 132 PRO PRO A . n 
A 1 78  HIS 78  133 133 HIS HIS A . n 
A 1 79  ALA 79  134 134 ALA ALA A . n 
A 1 80  LYS 80  135 135 LYS LYS A . n 
A 1 81  ASP 81  136 136 ASP ASP A . n 
A 1 82  GLN 82  137 137 GLN GLN A . n 
A 1 83  TYR 83  138 138 TYR TYR A . n 
A 1 84  GLY 84  139 139 GLY GLY A . n 
A 1 85  THR 85  140 140 THR THR A . n 
A 1 86  ASP 86  141 141 ASP ASP A . n 
A 1 87  ILE 87  142 142 ILE ILE A . n 
A 1 88  ASP 88  143 143 ASP ASP A . n 
A 1 89  GLY 89  144 144 GLY GLY A . n 
A 1 90  VAL 90  145 145 VAL VAL A . n 
A 1 91  TYR 91  146 146 TYR TYR A . n 
A 1 92  TRP 92  147 147 TRP TRP A . n 
A 1 93  VAL 93  148 148 VAL VAL A . n 
A 1 94  ALA 94  149 149 ALA ALA A . n 
A 1 95  SER 95  150 150 SER SER A . n 
A 1 96  ASN 96  151 151 ASN ASN A . n 
A 1 97  GLN 97  152 152 GLN GLN A . n 
A 1 98  ALA 98  153 153 ALA ALA A . n 
A 1 99  ASP 99  154 154 ASP ASP A . n 
A 1 100 VAL 100 155 155 VAL VAL A . n 
A 1 101 ASN 101 156 156 ASN ASN A . n 
A 1 102 THR 102 157 157 THR THR A . n 
A 1 103 PRO 103 158 158 PRO PRO A . n 
A 1 104 ALA 104 159 159 ALA ALA A . n 
A 1 105 ASP 105 160 160 ASP ASP A . n 
A 1 106 ILE 106 161 161 ILE ILE A . n 
A 1 107 VAL 107 162 162 VAL VAL A . n 
A 1 108 ASP 108 163 163 ASP ASP A . n 
A 1 109 ARG 109 164 164 ARG ARG A . n 
A 1 110 ASP 110 165 165 ASP ASP A . n 
A 1 111 PRO 111 166 166 PRO PRO A . n 
A 1 112 SER 112 167 167 SER SER A . n 
A 1 113 SER 113 168 168 SER SER A . n 
A 1 114 ASP 114 169 169 ASP ASP A . n 
A 1 115 GLU 115 170 170 GLU GLU A . n 
A 1 116 ALA 116 171 171 ALA ALA A . n 
A 1 117 ILE 117 172 172 ILE ILE A . n 
A 1 118 PRO 118 173 173 PRO PRO A . n 
A 1 119 THR 119 174 174 THR THR A . n 
A 1 120 ARG 120 175 175 ARG ARG A . n 
A 1 121 PHE 121 176 176 PHE PHE A . n 
A 1 122 PRO 122 177 177 PRO PRO A . n 
A 1 123 PRO 123 178 178 PRO PRO A . n 
A 1 124 GLY 124 179 179 GLY GLY A . n 
A 1 125 THR 125 180 180 THR THR A . n 
A 1 126 VAL 126 181 181 VAL VAL A . n 
A 1 127 LEU 127 182 182 LEU LEU A . n 
A 1 128 PRO 128 183 183 PRO PRO A . n 
A 1 129 GLN 129 184 184 GLN GLN A . n 
A 1 130 GLY 130 185 185 GLY GLY A . n 
A 1 131 TYR 131 186 186 TYR TYR A . n 
A 1 132 TYR 132 187 187 TYR TYR A . n 
A 1 133 ILE 133 188 188 ILE ILE A . n 
A 1 134 GLU 134 189 189 GLU GLU A . n 
A 1 135 GLY 135 190 190 GLY GLY A . n 
A 1 136 SER 136 191 191 SER SER A . n 
# 
loop_
_pdbx_nonpoly_scheme.asym_id 
_pdbx_nonpoly_scheme.entity_id 
_pdbx_nonpoly_scheme.mon_id 
_pdbx_nonpoly_scheme.ndb_seq_num 
_pdbx_nonpoly_scheme.pdb_seq_num 
_pdbx_nonpoly_scheme.auth_seq_num 
_pdbx_nonpoly_scheme.pdb_mon_id 
_pdbx_nonpoly_scheme.auth_mon_id 
_pdbx_nonpoly_scheme.pdb_strand_id 
_pdbx_nonpoly_scheme.pdb_ins_code 
B 2 AMP 1   201 1   AMP AMP A . 
C 3 HOH 1   301 1   HOH HOH A . 
C 3 HOH 2   302 2   HOH HOH A . 
C 3 HOH 3   303 3   HOH HOH A . 
C 3 HOH 4   304 4   HOH HOH A . 
C 3 HOH 5   305 5   HOH HOH A . 
C 3 HOH 6   306 6   HOH HOH A . 
C 3 HOH 7   307 7   HOH HOH A . 
C 3 HOH 8   308 8   HOH HOH A . 
C 3 HOH 9   309 9   HOH HOH A . 
C 3 HOH 10  310 10  HOH HOH A . 
C 3 HOH 11  311 11  HOH HOH A . 
C 3 HOH 12  312 12  HOH HOH A . 
C 3 HOH 13  313 13  HOH HOH A . 
C 3 HOH 14  314 14  HOH HOH A . 
C 3 HOH 15  315 15  HOH HOH A . 
C 3 HOH 16  316 16  HOH HOH A . 
C 3 HOH 17  317 17  HOH HOH A . 
C 3 HOH 18  318 18  HOH HOH A . 
C 3 HOH 19  319 19  HOH HOH A . 
C 3 HOH 20  320 20  HOH HOH A . 
C 3 HOH 21  321 21  HOH HOH A . 
C 3 HOH 22  322 22  HOH HOH A . 
C 3 HOH 23  323 23  HOH HOH A . 
C 3 HOH 24  324 24  HOH HOH A . 
C 3 HOH 25  325 25  HOH HOH A . 
C 3 HOH 26  326 26  HOH HOH A . 
C 3 HOH 27  327 27  HOH HOH A . 
C 3 HOH 28  328 28  HOH HOH A . 
C 3 HOH 29  329 29  HOH HOH A . 
C 3 HOH 30  330 30  HOH HOH A . 
C 3 HOH 31  331 31  HOH HOH A . 
C 3 HOH 32  332 32  HOH HOH A . 
C 3 HOH 33  333 33  HOH HOH A . 
C 3 HOH 34  334 34  HOH HOH A . 
C 3 HOH 35  335 35  HOH HOH A . 
C 3 HOH 36  336 36  HOH HOH A . 
C 3 HOH 37  337 37  HOH HOH A . 
C 3 HOH 38  338 38  HOH HOH A . 
C 3 HOH 39  339 39  HOH HOH A . 
C 3 HOH 40  340 40  HOH HOH A . 
C 3 HOH 41  341 41  HOH HOH A . 
C 3 HOH 42  342 42  HOH HOH A . 
C 3 HOH 43  343 43  HOH HOH A . 
C 3 HOH 44  344 44  HOH HOH A . 
C 3 HOH 45  345 45  HOH HOH A . 
C 3 HOH 46  346 46  HOH HOH A . 
C 3 HOH 47  347 47  HOH HOH A . 
C 3 HOH 48  348 48  HOH HOH A . 
C 3 HOH 49  349 49  HOH HOH A . 
C 3 HOH 50  350 50  HOH HOH A . 
C 3 HOH 51  351 51  HOH HOH A . 
C 3 HOH 52  352 52  HOH HOH A . 
C 3 HOH 53  353 53  HOH HOH A . 
C 3 HOH 54  354 54  HOH HOH A . 
C 3 HOH 55  355 55  HOH HOH A . 
C 3 HOH 56  356 56  HOH HOH A . 
C 3 HOH 57  357 57  HOH HOH A . 
C 3 HOH 58  358 58  HOH HOH A . 
C 3 HOH 59  359 59  HOH HOH A . 
C 3 HOH 60  360 60  HOH HOH A . 
C 3 HOH 61  361 61  HOH HOH A . 
C 3 HOH 62  362 62  HOH HOH A . 
C 3 HOH 63  363 63  HOH HOH A . 
C 3 HOH 64  364 64  HOH HOH A . 
C 3 HOH 65  365 65  HOH HOH A . 
C 3 HOH 66  366 66  HOH HOH A . 
C 3 HOH 67  367 67  HOH HOH A . 
C 3 HOH 68  368 68  HOH HOH A . 
C 3 HOH 69  369 69  HOH HOH A . 
C 3 HOH 70  370 70  HOH HOH A . 
C 3 HOH 71  371 71  HOH HOH A . 
C 3 HOH 72  372 72  HOH HOH A . 
C 3 HOH 73  373 73  HOH HOH A . 
C 3 HOH 74  374 74  HOH HOH A . 
C 3 HOH 75  375 75  HOH HOH A . 
C 3 HOH 76  376 76  HOH HOH A . 
C 3 HOH 77  377 77  HOH HOH A . 
C 3 HOH 78  378 78  HOH HOH A . 
C 3 HOH 79  379 79  HOH HOH A . 
C 3 HOH 80  380 80  HOH HOH A . 
C 3 HOH 81  381 81  HOH HOH A . 
C 3 HOH 82  382 82  HOH HOH A . 
C 3 HOH 83  383 83  HOH HOH A . 
C 3 HOH 84  384 84  HOH HOH A . 
C 3 HOH 85  385 85  HOH HOH A . 
C 3 HOH 86  386 86  HOH HOH A . 
C 3 HOH 87  387 87  HOH HOH A . 
C 3 HOH 88  388 88  HOH HOH A . 
C 3 HOH 89  389 89  HOH HOH A . 
C 3 HOH 90  390 90  HOH HOH A . 
C 3 HOH 91  391 91  HOH HOH A . 
C 3 HOH 92  392 92  HOH HOH A . 
C 3 HOH 93  393 93  HOH HOH A . 
C 3 HOH 94  394 94  HOH HOH A . 
C 3 HOH 95  395 95  HOH HOH A . 
C 3 HOH 96  396 96  HOH HOH A . 
C 3 HOH 97  397 97  HOH HOH A . 
C 3 HOH 98  398 98  HOH HOH A . 
C 3 HOH 99  399 99  HOH HOH A . 
C 3 HOH 100 400 100 HOH HOH A . 
C 3 HOH 101 401 101 HOH HOH A . 
C 3 HOH 102 402 102 HOH HOH A . 
C 3 HOH 103 403 103 HOH HOH A . 
C 3 HOH 104 404 104 HOH HOH A . 
C 3 HOH 105 405 105 HOH HOH A . 
C 3 HOH 106 406 106 HOH HOH A . 
C 3 HOH 107 407 107 HOH HOH A . 
C 3 HOH 108 408 108 HOH HOH A . 
C 3 HOH 109 409 109 HOH HOH A . 
C 3 HOH 110 410 110 HOH HOH A . 
C 3 HOH 111 411 111 HOH HOH A . 
C 3 HOH 112 412 112 HOH HOH A . 
C 3 HOH 113 413 113 HOH HOH A . 
C 3 HOH 114 414 114 HOH HOH A . 
C 3 HOH 115 415 115 HOH HOH A . 
C 3 HOH 116 416 116 HOH HOH A . 
C 3 HOH 117 417 117 HOH HOH A . 
C 3 HOH 118 418 118 HOH HOH A . 
C 3 HOH 119 419 119 HOH HOH A . 
C 3 HOH 120 420 120 HOH HOH A . 
C 3 HOH 121 421 121 HOH HOH A . 
C 3 HOH 122 422 122 HOH HOH A . 
C 3 HOH 123 423 123 HOH HOH A . 
C 3 HOH 124 424 124 HOH HOH A . 
C 3 HOH 125 425 125 HOH HOH A . 
C 3 HOH 126 426 126 HOH HOH A . 
# 
_pdbx_struct_assembly.id                   1 
_pdbx_struct_assembly.details              author_and_software_defined_assembly 
_pdbx_struct_assembly.method_details       PISA 
_pdbx_struct_assembly.oligomeric_details   monomeric 
_pdbx_struct_assembly.oligomeric_count     1 
# 
_pdbx_struct_assembly_gen.assembly_id       1 
_pdbx_struct_assembly_gen.oper_expression   1 
_pdbx_struct_assembly_gen.asym_id_list      A,B,C 
# 
_pdbx_struct_oper_list.id                   1 
_pdbx_struct_oper_list.type                 'identity operation' 
_pdbx_struct_oper_list.name                 1_555 
_pdbx_struct_oper_list.symmetry_operation   x,y,z 
_pdbx_struct_oper_list.matrix[1][1]         1.0000000000 
_pdbx_struct_oper_list.matrix[1][2]         0.0000000000 
_pdbx_struct_oper_list.matrix[1][3]         0.0000000000 
_pdbx_struct_oper_list.vector[1]            0.0000000000 
_pdbx_struct_oper_list.matrix[2][1]         0.0000000000 
_pdbx_struct_oper_list.matrix[2][2]         1.0000000000 
_pdbx_struct_oper_list.matrix[2][3]         0.0000000000 
_pdbx_struct_oper_list.vector[2]            0.0000000000 
_pdbx_struct_oper_list.matrix[3][1]         0.0000000000 
_pdbx_struct_oper_list.matrix[3][2]         0.0000000000 
_pdbx_struct_oper_list.matrix[3][3]         1.0000000000 
_pdbx_struct_oper_list.vector[3]            0.0000000000 
# 
loop_
_pdbx_audit_revision_history.ordinal 
_pdbx_audit_revision_history.data_content_type 
_pdbx_audit_revision_history.major_revision 
_pdbx_audit_revision_history.minor_revision 
_pdbx_audit_revision_history.revision_date 
1 'Structure model' 1 0 2014-05-28 
2 'Structure model' 1 1 2023-11-08 
# 
_pdbx_audit_revision_details.ordinal             1 
_pdbx_audit_revision_details.revision_ordinal    1 
_pdbx_audit_revision_details.data_content_type   'Structure model' 
_pdbx_audit_revision_details.provider            repository 
_pdbx_audit_revision_details.type                'Initial release' 
_pdbx_audit_revision_details.description         ? 
_pdbx_audit_revision_details.details             ? 
# 
loop_
_pdbx_audit_revision_group.ordinal 
_pdbx_audit_revision_group.revision_ordinal 
_pdbx_audit_revision_group.data_content_type 
_pdbx_audit_revision_group.group 
1 2 'Structure model' 'Data collection'        
2 2 'Structure model' 'Database references'    
3 2 'Structure model' 'Derived calculations'   
4 2 'Structure model' 'Refinement description' 
# 
loop_
_pdbx_audit_revision_category.ordinal 
_pdbx_audit_revision_category.revision_ordinal 
_pdbx_audit_revision_category.data_content_type 
_pdbx_audit_revision_category.category 
1 2 'Structure model' chem_comp_atom                
2 2 'Structure model' chem_comp_bond                
3 2 'Structure model' database_2                    
4 2 'Structure model' pdbx_initial_refinement_model 
5 2 'Structure model' struct_ref_seq_dif            
6 2 'Structure model' struct_site                   
# 
loop_
_pdbx_audit_revision_item.ordinal 
_pdbx_audit_revision_item.revision_ordinal 
_pdbx_audit_revision_item.data_content_type 
_pdbx_audit_revision_item.item 
1 2 'Structure model' '_database_2.pdbx_DOI'                
2 2 'Structure model' '_database_2.pdbx_database_accession' 
3 2 'Structure model' '_struct_ref_seq_dif.details'         
4 2 'Structure model' '_struct_site.pdbx_auth_asym_id'      
5 2 'Structure model' '_struct_site.pdbx_auth_comp_id'      
6 2 'Structure model' '_struct_site.pdbx_auth_seq_id'       
# 
loop_
_software.name 
_software.classification 
_software.version 
_software.citation_id 
_software.pdbx_ordinal 
HKL-2000 'data collection' .                             ? 1 
CNS      refinement        .                             ? 2 
PHENIX   refinement        '(phenix.refine: 1.8.1_1168)' ? 3 
HKL-2000 'data reduction'  .                             ? 4 
HKL-2000 'data scaling'    .                             ? 5 
CNS      phasing           .                             ? 6 
# 
_pdbx_validate_close_contact.id               1 
_pdbx_validate_close_contact.PDB_model_num    1 
_pdbx_validate_close_contact.auth_atom_id_1   O 
_pdbx_validate_close_contact.auth_asym_id_1   A 
_pdbx_validate_close_contact.auth_comp_id_1   ASP 
_pdbx_validate_close_contact.auth_seq_id_1    113 
_pdbx_validate_close_contact.PDB_ins_code_1   ? 
_pdbx_validate_close_contact.label_alt_id_1   ? 
_pdbx_validate_close_contact.auth_atom_id_2   O 
_pdbx_validate_close_contact.auth_asym_id_2   A 
_pdbx_validate_close_contact.auth_comp_id_2   HOH 
_pdbx_validate_close_contact.auth_seq_id_2    403 
_pdbx_validate_close_contact.PDB_ins_code_2   ? 
_pdbx_validate_close_contact.label_alt_id_2   ? 
_pdbx_validate_close_contact.dist             2.17 
# 
_pdbx_validate_symm_contact.id                1 
_pdbx_validate_symm_contact.PDB_model_num     1 
_pdbx_validate_symm_contact.auth_atom_id_1    OD2 
_pdbx_validate_symm_contact.auth_asym_id_1    A 
_pdbx_validate_symm_contact.auth_comp_id_1    ASP 
_pdbx_validate_symm_contact.auth_seq_id_1     113 
_pdbx_validate_symm_contact.PDB_ins_code_1    ? 
_pdbx_validate_symm_contact.label_alt_id_1    ? 
_pdbx_validate_symm_contact.site_symmetry_1   1_555 
_pdbx_validate_symm_contact.auth_atom_id_2    O 
_pdbx_validate_symm_contact.auth_asym_id_2    A 
_pdbx_validate_symm_contact.auth_comp_id_2    HOH 
_pdbx_validate_symm_contact.auth_seq_id_2     370 
_pdbx_validate_symm_contact.PDB_ins_code_2    ? 
_pdbx_validate_symm_contact.label_alt_id_2    ? 
_pdbx_validate_symm_contact.site_symmetry_2   5_554 
_pdbx_validate_symm_contact.dist              1.65 
# 
loop_
_pdbx_validate_torsion.id 
_pdbx_validate_torsion.PDB_model_num 
_pdbx_validate_torsion.auth_comp_id 
_pdbx_validate_torsion.auth_asym_id 
_pdbx_validate_torsion.auth_seq_id 
_pdbx_validate_torsion.PDB_ins_code 
_pdbx_validate_torsion.label_alt_id 
_pdbx_validate_torsion.phi 
_pdbx_validate_torsion.psi 
1 1 ARG A 107 ? ? 54.18  128.39  
2 1 ASP A 113 ? ? -97.20 -95.95  
3 1 ASP A 165 ? ? 110.34 157.86  
4 1 PRO A 166 ? ? -65.61 -135.20 
5 1 SER A 168 ? ? -3.43  -57.24  
# 
_pdbx_validate_polymer_linkage.id               1 
_pdbx_validate_polymer_linkage.PDB_model_num    1 
_pdbx_validate_polymer_linkage.auth_atom_id_1   C 
_pdbx_validate_polymer_linkage.auth_asym_id_1   A 
_pdbx_validate_polymer_linkage.auth_comp_id_1   GLN 
_pdbx_validate_polymer_linkage.auth_seq_id_1    118 
_pdbx_validate_polymer_linkage.PDB_ins_code_1   ? 
_pdbx_validate_polymer_linkage.label_alt_id_1   ? 
_pdbx_validate_polymer_linkage.auth_atom_id_2   N 
_pdbx_validate_polymer_linkage.auth_asym_id_2   A 
_pdbx_validate_polymer_linkage.auth_comp_id_2   LEU 
_pdbx_validate_polymer_linkage.auth_seq_id_2    119 
_pdbx_validate_polymer_linkage.PDB_ins_code_2   ? 
_pdbx_validate_polymer_linkage.label_alt_id_2   ? 
_pdbx_validate_polymer_linkage.dist             1.68 
# 
loop_
_pdbx_unobs_or_zero_occ_residues.id 
_pdbx_unobs_or_zero_occ_residues.PDB_model_num 
_pdbx_unobs_or_zero_occ_residues.polymer_flag 
_pdbx_unobs_or_zero_occ_residues.occupancy_flag 
_pdbx_unobs_or_zero_occ_residues.auth_asym_id 
_pdbx_unobs_or_zero_occ_residues.auth_comp_id 
_pdbx_unobs_or_zero_occ_residues.auth_seq_id 
_pdbx_unobs_or_zero_occ_residues.PDB_ins_code 
_pdbx_unobs_or_zero_occ_residues.label_asym_id 
_pdbx_unobs_or_zero_occ_residues.label_comp_id 
_pdbx_unobs_or_zero_occ_residues.label_seq_id 
1 1 Y 1 A ASN 115 ? A ASN 60 
2 1 Y 1 A GLN 116 ? A GLN 61 
3 1 Y 1 A ARG 117 ? A ARG 62 
# 
loop_
_chem_comp_atom.comp_id 
_chem_comp_atom.atom_id 
_chem_comp_atom.type_symbol 
_chem_comp_atom.pdbx_aromatic_flag 
_chem_comp_atom.pdbx_stereo_config 
_chem_comp_atom.pdbx_ordinal 
ALA N      N N N 1   
ALA CA     C N S 2   
ALA C      C N N 3   
ALA O      O N N 4   
ALA CB     C N N 5   
ALA OXT    O N N 6   
ALA H      H N N 7   
ALA H2     H N N 8   
ALA HA     H N N 9   
ALA HB1    H N N 10  
ALA HB2    H N N 11  
ALA HB3    H N N 12  
ALA HXT    H N N 13  
AMP P      P N N 14  
AMP O1P    O N N 15  
AMP O2P    O N N 16  
AMP O3P    O N N 17  
AMP "O5'"  O N N 18  
AMP "C5'"  C N N 19  
AMP "C4'"  C N R 20  
AMP "O4'"  O N N 21  
AMP "C3'"  C N S 22  
AMP "O3'"  O N N 23  
AMP "C2'"  C N R 24  
AMP "O2'"  O N N 25  
AMP "C1'"  C N R 26  
AMP N9     N Y N 27  
AMP C8     C Y N 28  
AMP N7     N Y N 29  
AMP C5     C Y N 30  
AMP C6     C Y N 31  
AMP N6     N N N 32  
AMP N1     N Y N 33  
AMP C2     C Y N 34  
AMP N3     N Y N 35  
AMP C4     C Y N 36  
AMP HOP2   H N N 37  
AMP HOP3   H N N 38  
AMP "H5'1" H N N 39  
AMP "H5'2" H N N 40  
AMP "H4'"  H N N 41  
AMP "H3'"  H N N 42  
AMP "HO3'" H N N 43  
AMP "H2'"  H N N 44  
AMP "HO2'" H N N 45  
AMP "H1'"  H N N 46  
AMP H8     H N N 47  
AMP HN61   H N N 48  
AMP HN62   H N N 49  
AMP H2     H N N 50  
ARG N      N N N 51  
ARG CA     C N S 52  
ARG C      C N N 53  
ARG O      O N N 54  
ARG CB     C N N 55  
ARG CG     C N N 56  
ARG CD     C N N 57  
ARG NE     N N N 58  
ARG CZ     C N N 59  
ARG NH1    N N N 60  
ARG NH2    N N N 61  
ARG OXT    O N N 62  
ARG H      H N N 63  
ARG H2     H N N 64  
ARG HA     H N N 65  
ARG HB2    H N N 66  
ARG HB3    H N N 67  
ARG HG2    H N N 68  
ARG HG3    H N N 69  
ARG HD2    H N N 70  
ARG HD3    H N N 71  
ARG HE     H N N 72  
ARG HH11   H N N 73  
ARG HH12   H N N 74  
ARG HH21   H N N 75  
ARG HH22   H N N 76  
ARG HXT    H N N 77  
ASN N      N N N 78  
ASN CA     C N S 79  
ASN C      C N N 80  
ASN O      O N N 81  
ASN CB     C N N 82  
ASN CG     C N N 83  
ASN OD1    O N N 84  
ASN ND2    N N N 85  
ASN OXT    O N N 86  
ASN H      H N N 87  
ASN H2     H N N 88  
ASN HA     H N N 89  
ASN HB2    H N N 90  
ASN HB3    H N N 91  
ASN HD21   H N N 92  
ASN HD22   H N N 93  
ASN HXT    H N N 94  
ASP N      N N N 95  
ASP CA     C N S 96  
ASP C      C N N 97  
ASP O      O N N 98  
ASP CB     C N N 99  
ASP CG     C N N 100 
ASP OD1    O N N 101 
ASP OD2    O N N 102 
ASP OXT    O N N 103 
ASP H      H N N 104 
ASP H2     H N N 105 
ASP HA     H N N 106 
ASP HB2    H N N 107 
ASP HB3    H N N 108 
ASP HD2    H N N 109 
ASP HXT    H N N 110 
GLN N      N N N 111 
GLN CA     C N S 112 
GLN C      C N N 113 
GLN O      O N N 114 
GLN CB     C N N 115 
GLN CG     C N N 116 
GLN CD     C N N 117 
GLN OE1    O N N 118 
GLN NE2    N N N 119 
GLN OXT    O N N 120 
GLN H      H N N 121 
GLN H2     H N N 122 
GLN HA     H N N 123 
GLN HB2    H N N 124 
GLN HB3    H N N 125 
GLN HG2    H N N 126 
GLN HG3    H N N 127 
GLN HE21   H N N 128 
GLN HE22   H N N 129 
GLN HXT    H N N 130 
GLU N      N N N 131 
GLU CA     C N S 132 
GLU C      C N N 133 
GLU O      O N N 134 
GLU CB     C N N 135 
GLU CG     C N N 136 
GLU CD     C N N 137 
GLU OE1    O N N 138 
GLU OE2    O N N 139 
GLU OXT    O N N 140 
GLU H      H N N 141 
GLU H2     H N N 142 
GLU HA     H N N 143 
GLU HB2    H N N 144 
GLU HB3    H N N 145 
GLU HG2    H N N 146 
GLU HG3    H N N 147 
GLU HE2    H N N 148 
GLU HXT    H N N 149 
GLY N      N N N 150 
GLY CA     C N N 151 
GLY C      C N N 152 
GLY O      O N N 153 
GLY OXT    O N N 154 
GLY H      H N N 155 
GLY H2     H N N 156 
GLY HA2    H N N 157 
GLY HA3    H N N 158 
GLY HXT    H N N 159 
HIS N      N N N 160 
HIS CA     C N S 161 
HIS C      C N N 162 
HIS O      O N N 163 
HIS CB     C N N 164 
HIS CG     C Y N 165 
HIS ND1    N Y N 166 
HIS CD2    C Y N 167 
HIS CE1    C Y N 168 
HIS NE2    N Y N 169 
HIS OXT    O N N 170 
HIS H      H N N 171 
HIS H2     H N N 172 
HIS HA     H N N 173 
HIS HB2    H N N 174 
HIS HB3    H N N 175 
HIS HD1    H N N 176 
HIS HD2    H N N 177 
HIS HE1    H N N 178 
HIS HE2    H N N 179 
HIS HXT    H N N 180 
HOH O      O N N 181 
HOH H1     H N N 182 
HOH H2     H N N 183 
ILE N      N N N 184 
ILE CA     C N S 185 
ILE C      C N N 186 
ILE O      O N N 187 
ILE CB     C N S 188 
ILE CG1    C N N 189 
ILE CG2    C N N 190 
ILE CD1    C N N 191 
ILE OXT    O N N 192 
ILE H      H N N 193 
ILE H2     H N N 194 
ILE HA     H N N 195 
ILE HB     H N N 196 
ILE HG12   H N N 197 
ILE HG13   H N N 198 
ILE HG21   H N N 199 
ILE HG22   H N N 200 
ILE HG23   H N N 201 
ILE HD11   H N N 202 
ILE HD12   H N N 203 
ILE HD13   H N N 204 
ILE HXT    H N N 205 
LEU N      N N N 206 
LEU CA     C N S 207 
LEU C      C N N 208 
LEU O      O N N 209 
LEU CB     C N N 210 
LEU CG     C N N 211 
LEU CD1    C N N 212 
LEU CD2    C N N 213 
LEU OXT    O N N 214 
LEU H      H N N 215 
LEU H2     H N N 216 
LEU HA     H N N 217 
LEU HB2    H N N 218 
LEU HB3    H N N 219 
LEU HG     H N N 220 
LEU HD11   H N N 221 
LEU HD12   H N N 222 
LEU HD13   H N N 223 
LEU HD21   H N N 224 
LEU HD22   H N N 225 
LEU HD23   H N N 226 
LEU HXT    H N N 227 
LYS N      N N N 228 
LYS CA     C N S 229 
LYS C      C N N 230 
LYS O      O N N 231 
LYS CB     C N N 232 
LYS CG     C N N 233 
LYS CD     C N N 234 
LYS CE     C N N 235 
LYS NZ     N N N 236 
LYS OXT    O N N 237 
LYS H      H N N 238 
LYS H2     H N N 239 
LYS HA     H N N 240 
LYS HB2    H N N 241 
LYS HB3    H N N 242 
LYS HG2    H N N 243 
LYS HG3    H N N 244 
LYS HD2    H N N 245 
LYS HD3    H N N 246 
LYS HE2    H N N 247 
LYS HE3    H N N 248 
LYS HZ1    H N N 249 
LYS HZ2    H N N 250 
LYS HZ3    H N N 251 
LYS HXT    H N N 252 
PHE N      N N N 253 
PHE CA     C N S 254 
PHE C      C N N 255 
PHE O      O N N 256 
PHE CB     C N N 257 
PHE CG     C Y N 258 
PHE CD1    C Y N 259 
PHE CD2    C Y N 260 
PHE CE1    C Y N 261 
PHE CE2    C Y N 262 
PHE CZ     C Y N 263 
PHE OXT    O N N 264 
PHE H      H N N 265 
PHE H2     H N N 266 
PHE HA     H N N 267 
PHE HB2    H N N 268 
PHE HB3    H N N 269 
PHE HD1    H N N 270 
PHE HD2    H N N 271 
PHE HE1    H N N 272 
PHE HE2    H N N 273 
PHE HZ     H N N 274 
PHE HXT    H N N 275 
PRO N      N N N 276 
PRO CA     C N S 277 
PRO C      C N N 278 
PRO O      O N N 279 
PRO CB     C N N 280 
PRO CG     C N N 281 
PRO CD     C N N 282 
PRO OXT    O N N 283 
PRO H      H N N 284 
PRO HA     H N N 285 
PRO HB2    H N N 286 
PRO HB3    H N N 287 
PRO HG2    H N N 288 
PRO HG3    H N N 289 
PRO HD2    H N N 290 
PRO HD3    H N N 291 
PRO HXT    H N N 292 
SER N      N N N 293 
SER CA     C N S 294 
SER C      C N N 295 
SER O      O N N 296 
SER CB     C N N 297 
SER OG     O N N 298 
SER OXT    O N N 299 
SER H      H N N 300 
SER H2     H N N 301 
SER HA     H N N 302 
SER HB2    H N N 303 
SER HB3    H N N 304 
SER HG     H N N 305 
SER HXT    H N N 306 
THR N      N N N 307 
THR CA     C N S 308 
THR C      C N N 309 
THR O      O N N 310 
THR CB     C N R 311 
THR OG1    O N N 312 
THR CG2    C N N 313 
THR OXT    O N N 314 
THR H      H N N 315 
THR H2     H N N 316 
THR HA     H N N 317 
THR HB     H N N 318 
THR HG1    H N N 319 
THR HG21   H N N 320 
THR HG22   H N N 321 
THR HG23   H N N 322 
THR HXT    H N N 323 
TRP N      N N N 324 
TRP CA     C N S 325 
TRP C      C N N 326 
TRP O      O N N 327 
TRP CB     C N N 328 
TRP CG     C Y N 329 
TRP CD1    C Y N 330 
TRP CD2    C Y N 331 
TRP NE1    N Y N 332 
TRP CE2    C Y N 333 
TRP CE3    C Y N 334 
TRP CZ2    C Y N 335 
TRP CZ3    C Y N 336 
TRP CH2    C Y N 337 
TRP OXT    O N N 338 
TRP H      H N N 339 
TRP H2     H N N 340 
TRP HA     H N N 341 
TRP HB2    H N N 342 
TRP HB3    H N N 343 
TRP HD1    H N N 344 
TRP HE1    H N N 345 
TRP HE3    H N N 346 
TRP HZ2    H N N 347 
TRP HZ3    H N N 348 
TRP HH2    H N N 349 
TRP HXT    H N N 350 
TYR N      N N N 351 
TYR CA     C N S 352 
TYR C      C N N 353 
TYR O      O N N 354 
TYR CB     C N N 355 
TYR CG     C Y N 356 
TYR CD1    C Y N 357 
TYR CD2    C Y N 358 
TYR CE1    C Y N 359 
TYR CE2    C Y N 360 
TYR CZ     C Y N 361 
TYR OH     O N N 362 
TYR OXT    O N N 363 
TYR H      H N N 364 
TYR H2     H N N 365 
TYR HA     H N N 366 
TYR HB2    H N N 367 
TYR HB3    H N N 368 
TYR HD1    H N N 369 
TYR HD2    H N N 370 
TYR HE1    H N N 371 
TYR HE2    H N N 372 
TYR HH     H N N 373 
TYR HXT    H N N 374 
VAL N      N N N 375 
VAL CA     C N S 376 
VAL C      C N N 377 
VAL O      O N N 378 
VAL CB     C N N 379 
VAL CG1    C N N 380 
VAL CG2    C N N 381 
VAL OXT    O N N 382 
VAL H      H N N 383 
VAL H2     H N N 384 
VAL HA     H N N 385 
VAL HB     H N N 386 
VAL HG11   H N N 387 
VAL HG12   H N N 388 
VAL HG13   H N N 389 
VAL HG21   H N N 390 
VAL HG22   H N N 391 
VAL HG23   H N N 392 
VAL HXT    H N N 393 
# 
loop_
_chem_comp_bond.comp_id 
_chem_comp_bond.atom_id_1 
_chem_comp_bond.atom_id_2 
_chem_comp_bond.value_order 
_chem_comp_bond.pdbx_aromatic_flag 
_chem_comp_bond.pdbx_stereo_config 
_chem_comp_bond.pdbx_ordinal 
ALA N     CA     sing N N 1   
ALA N     H      sing N N 2   
ALA N     H2     sing N N 3   
ALA CA    C      sing N N 4   
ALA CA    CB     sing N N 5   
ALA CA    HA     sing N N 6   
ALA C     O      doub N N 7   
ALA C     OXT    sing N N 8   
ALA CB    HB1    sing N N 9   
ALA CB    HB2    sing N N 10  
ALA CB    HB3    sing N N 11  
ALA OXT   HXT    sing N N 12  
AMP P     O1P    doub N N 13  
AMP P     O2P    sing N N 14  
AMP P     O3P    sing N N 15  
AMP P     "O5'"  sing N N 16  
AMP O2P   HOP2   sing N N 17  
AMP O3P   HOP3   sing N N 18  
AMP "O5'" "C5'"  sing N N 19  
AMP "C5'" "C4'"  sing N N 20  
AMP "C5'" "H5'1" sing N N 21  
AMP "C5'" "H5'2" sing N N 22  
AMP "C4'" "O4'"  sing N N 23  
AMP "C4'" "C3'"  sing N N 24  
AMP "C4'" "H4'"  sing N N 25  
AMP "O4'" "C1'"  sing N N 26  
AMP "C3'" "O3'"  sing N N 27  
AMP "C3'" "C2'"  sing N N 28  
AMP "C3'" "H3'"  sing N N 29  
AMP "O3'" "HO3'" sing N N 30  
AMP "C2'" "O2'"  sing N N 31  
AMP "C2'" "C1'"  sing N N 32  
AMP "C2'" "H2'"  sing N N 33  
AMP "O2'" "HO2'" sing N N 34  
AMP "C1'" N9     sing N N 35  
AMP "C1'" "H1'"  sing N N 36  
AMP N9    C8     sing Y N 37  
AMP N9    C4     sing Y N 38  
AMP C8    N7     doub Y N 39  
AMP C8    H8     sing N N 40  
AMP N7    C5     sing Y N 41  
AMP C5    C6     sing Y N 42  
AMP C5    C4     doub Y N 43  
AMP C6    N6     sing N N 44  
AMP C6    N1     doub Y N 45  
AMP N6    HN61   sing N N 46  
AMP N6    HN62   sing N N 47  
AMP N1    C2     sing Y N 48  
AMP C2    N3     doub Y N 49  
AMP C2    H2     sing N N 50  
AMP N3    C4     sing Y N 51  
ARG N     CA     sing N N 52  
ARG N     H      sing N N 53  
ARG N     H2     sing N N 54  
ARG CA    C      sing N N 55  
ARG CA    CB     sing N N 56  
ARG CA    HA     sing N N 57  
ARG C     O      doub N N 58  
ARG C     OXT    sing N N 59  
ARG CB    CG     sing N N 60  
ARG CB    HB2    sing N N 61  
ARG CB    HB3    sing N N 62  
ARG CG    CD     sing N N 63  
ARG CG    HG2    sing N N 64  
ARG CG    HG3    sing N N 65  
ARG CD    NE     sing N N 66  
ARG CD    HD2    sing N N 67  
ARG CD    HD3    sing N N 68  
ARG NE    CZ     sing N N 69  
ARG NE    HE     sing N N 70  
ARG CZ    NH1    sing N N 71  
ARG CZ    NH2    doub N N 72  
ARG NH1   HH11   sing N N 73  
ARG NH1   HH12   sing N N 74  
ARG NH2   HH21   sing N N 75  
ARG NH2   HH22   sing N N 76  
ARG OXT   HXT    sing N N 77  
ASN N     CA     sing N N 78  
ASN N     H      sing N N 79  
ASN N     H2     sing N N 80  
ASN CA    C      sing N N 81  
ASN CA    CB     sing N N 82  
ASN CA    HA     sing N N 83  
ASN C     O      doub N N 84  
ASN C     OXT    sing N N 85  
ASN CB    CG     sing N N 86  
ASN CB    HB2    sing N N 87  
ASN CB    HB3    sing N N 88  
ASN CG    OD1    doub N N 89  
ASN CG    ND2    sing N N 90  
ASN ND2   HD21   sing N N 91  
ASN ND2   HD22   sing N N 92  
ASN OXT   HXT    sing N N 93  
ASP N     CA     sing N N 94  
ASP N     H      sing N N 95  
ASP N     H2     sing N N 96  
ASP CA    C      sing N N 97  
ASP CA    CB     sing N N 98  
ASP CA    HA     sing N N 99  
ASP C     O      doub N N 100 
ASP C     OXT    sing N N 101 
ASP CB    CG     sing N N 102 
ASP CB    HB2    sing N N 103 
ASP CB    HB3    sing N N 104 
ASP CG    OD1    doub N N 105 
ASP CG    OD2    sing N N 106 
ASP OD2   HD2    sing N N 107 
ASP OXT   HXT    sing N N 108 
GLN N     CA     sing N N 109 
GLN N     H      sing N N 110 
GLN N     H2     sing N N 111 
GLN CA    C      sing N N 112 
GLN CA    CB     sing N N 113 
GLN CA    HA     sing N N 114 
GLN C     O      doub N N 115 
GLN C     OXT    sing N N 116 
GLN CB    CG     sing N N 117 
GLN CB    HB2    sing N N 118 
GLN CB    HB3    sing N N 119 
GLN CG    CD     sing N N 120 
GLN CG    HG2    sing N N 121 
GLN CG    HG3    sing N N 122 
GLN CD    OE1    doub N N 123 
GLN CD    NE2    sing N N 124 
GLN NE2   HE21   sing N N 125 
GLN NE2   HE22   sing N N 126 
GLN OXT   HXT    sing N N 127 
GLU N     CA     sing N N 128 
GLU N     H      sing N N 129 
GLU N     H2     sing N N 130 
GLU CA    C      sing N N 131 
GLU CA    CB     sing N N 132 
GLU CA    HA     sing N N 133 
GLU C     O      doub N N 134 
GLU C     OXT    sing N N 135 
GLU CB    CG     sing N N 136 
GLU CB    HB2    sing N N 137 
GLU CB    HB3    sing N N 138 
GLU CG    CD     sing N N 139 
GLU CG    HG2    sing N N 140 
GLU CG    HG3    sing N N 141 
GLU CD    OE1    doub N N 142 
GLU CD    OE2    sing N N 143 
GLU OE2   HE2    sing N N 144 
GLU OXT   HXT    sing N N 145 
GLY N     CA     sing N N 146 
GLY N     H      sing N N 147 
GLY N     H2     sing N N 148 
GLY CA    C      sing N N 149 
GLY CA    HA2    sing N N 150 
GLY CA    HA3    sing N N 151 
GLY C     O      doub N N 152 
GLY C     OXT    sing N N 153 
GLY OXT   HXT    sing N N 154 
HIS N     CA     sing N N 155 
HIS N     H      sing N N 156 
HIS N     H2     sing N N 157 
HIS CA    C      sing N N 158 
HIS CA    CB     sing N N 159 
HIS CA    HA     sing N N 160 
HIS C     O      doub N N 161 
HIS C     OXT    sing N N 162 
HIS CB    CG     sing N N 163 
HIS CB    HB2    sing N N 164 
HIS CB    HB3    sing N N 165 
HIS CG    ND1    sing Y N 166 
HIS CG    CD2    doub Y N 167 
HIS ND1   CE1    doub Y N 168 
HIS ND1   HD1    sing N N 169 
HIS CD2   NE2    sing Y N 170 
HIS CD2   HD2    sing N N 171 
HIS CE1   NE2    sing Y N 172 
HIS CE1   HE1    sing N N 173 
HIS NE2   HE2    sing N N 174 
HIS OXT   HXT    sing N N 175 
HOH O     H1     sing N N 176 
HOH O     H2     sing N N 177 
ILE N     CA     sing N N 178 
ILE N     H      sing N N 179 
ILE N     H2     sing N N 180 
ILE CA    C      sing N N 181 
ILE CA    CB     sing N N 182 
ILE CA    HA     sing N N 183 
ILE C     O      doub N N 184 
ILE C     OXT    sing N N 185 
ILE CB    CG1    sing N N 186 
ILE CB    CG2    sing N N 187 
ILE CB    HB     sing N N 188 
ILE CG1   CD1    sing N N 189 
ILE CG1   HG12   sing N N 190 
ILE CG1   HG13   sing N N 191 
ILE CG2   HG21   sing N N 192 
ILE CG2   HG22   sing N N 193 
ILE CG2   HG23   sing N N 194 
ILE CD1   HD11   sing N N 195 
ILE CD1   HD12   sing N N 196 
ILE CD1   HD13   sing N N 197 
ILE OXT   HXT    sing N N 198 
LEU N     CA     sing N N 199 
LEU N     H      sing N N 200 
LEU N     H2     sing N N 201 
LEU CA    C      sing N N 202 
LEU CA    CB     sing N N 203 
LEU CA    HA     sing N N 204 
LEU C     O      doub N N 205 
LEU C     OXT    sing N N 206 
LEU CB    CG     sing N N 207 
LEU CB    HB2    sing N N 208 
LEU CB    HB3    sing N N 209 
LEU CG    CD1    sing N N 210 
LEU CG    CD2    sing N N 211 
LEU CG    HG     sing N N 212 
LEU CD1   HD11   sing N N 213 
LEU CD1   HD12   sing N N 214 
LEU CD1   HD13   sing N N 215 
LEU CD2   HD21   sing N N 216 
LEU CD2   HD22   sing N N 217 
LEU CD2   HD23   sing N N 218 
LEU OXT   HXT    sing N N 219 
LYS N     CA     sing N N 220 
LYS N     H      sing N N 221 
LYS N     H2     sing N N 222 
LYS CA    C      sing N N 223 
LYS CA    CB     sing N N 224 
LYS CA    HA     sing N N 225 
LYS C     O      doub N N 226 
LYS C     OXT    sing N N 227 
LYS CB    CG     sing N N 228 
LYS CB    HB2    sing N N 229 
LYS CB    HB3    sing N N 230 
LYS CG    CD     sing N N 231 
LYS CG    HG2    sing N N 232 
LYS CG    HG3    sing N N 233 
LYS CD    CE     sing N N 234 
LYS CD    HD2    sing N N 235 
LYS CD    HD3    sing N N 236 
LYS CE    NZ     sing N N 237 
LYS CE    HE2    sing N N 238 
LYS CE    HE3    sing N N 239 
LYS NZ    HZ1    sing N N 240 
LYS NZ    HZ2    sing N N 241 
LYS NZ    HZ3    sing N N 242 
LYS OXT   HXT    sing N N 243 
PHE N     CA     sing N N 244 
PHE N     H      sing N N 245 
PHE N     H2     sing N N 246 
PHE CA    C      sing N N 247 
PHE CA    CB     sing N N 248 
PHE CA    HA     sing N N 249 
PHE C     O      doub N N 250 
PHE C     OXT    sing N N 251 
PHE CB    CG     sing N N 252 
PHE CB    HB2    sing N N 253 
PHE CB    HB3    sing N N 254 
PHE CG    CD1    doub Y N 255 
PHE CG    CD2    sing Y N 256 
PHE CD1   CE1    sing Y N 257 
PHE CD1   HD1    sing N N 258 
PHE CD2   CE2    doub Y N 259 
PHE CD2   HD2    sing N N 260 
PHE CE1   CZ     doub Y N 261 
PHE CE1   HE1    sing N N 262 
PHE CE2   CZ     sing Y N 263 
PHE CE2   HE2    sing N N 264 
PHE CZ    HZ     sing N N 265 
PHE OXT   HXT    sing N N 266 
PRO N     CA     sing N N 267 
PRO N     CD     sing N N 268 
PRO N     H      sing N N 269 
PRO CA    C      sing N N 270 
PRO CA    CB     sing N N 271 
PRO CA    HA     sing N N 272 
PRO C     O      doub N N 273 
PRO C     OXT    sing N N 274 
PRO CB    CG     sing N N 275 
PRO CB    HB2    sing N N 276 
PRO CB    HB3    sing N N 277 
PRO CG    CD     sing N N 278 
PRO CG    HG2    sing N N 279 
PRO CG    HG3    sing N N 280 
PRO CD    HD2    sing N N 281 
PRO CD    HD3    sing N N 282 
PRO OXT   HXT    sing N N 283 
SER N     CA     sing N N 284 
SER N     H      sing N N 285 
SER N     H2     sing N N 286 
SER CA    C      sing N N 287 
SER CA    CB     sing N N 288 
SER CA    HA     sing N N 289 
SER C     O      doub N N 290 
SER C     OXT    sing N N 291 
SER CB    OG     sing N N 292 
SER CB    HB2    sing N N 293 
SER CB    HB3    sing N N 294 
SER OG    HG     sing N N 295 
SER OXT   HXT    sing N N 296 
THR N     CA     sing N N 297 
THR N     H      sing N N 298 
THR N     H2     sing N N 299 
THR CA    C      sing N N 300 
THR CA    CB     sing N N 301 
THR CA    HA     sing N N 302 
THR C     O      doub N N 303 
THR C     OXT    sing N N 304 
THR CB    OG1    sing N N 305 
THR CB    CG2    sing N N 306 
THR CB    HB     sing N N 307 
THR OG1   HG1    sing N N 308 
THR CG2   HG21   sing N N 309 
THR CG2   HG22   sing N N 310 
THR CG2   HG23   sing N N 311 
THR OXT   HXT    sing N N 312 
TRP N     CA     sing N N 313 
TRP N     H      sing N N 314 
TRP N     H2     sing N N 315 
TRP CA    C      sing N N 316 
TRP CA    CB     sing N N 317 
TRP CA    HA     sing N N 318 
TRP C     O      doub N N 319 
TRP C     OXT    sing N N 320 
TRP CB    CG     sing N N 321 
TRP CB    HB2    sing N N 322 
TRP CB    HB3    sing N N 323 
TRP CG    CD1    doub Y N 324 
TRP CG    CD2    sing Y N 325 
TRP CD1   NE1    sing Y N 326 
TRP CD1   HD1    sing N N 327 
TRP CD2   CE2    doub Y N 328 
TRP CD2   CE3    sing Y N 329 
TRP NE1   CE2    sing Y N 330 
TRP NE1   HE1    sing N N 331 
TRP CE2   CZ2    sing Y N 332 
TRP CE3   CZ3    doub Y N 333 
TRP CE3   HE3    sing N N 334 
TRP CZ2   CH2    doub Y N 335 
TRP CZ2   HZ2    sing N N 336 
TRP CZ3   CH2    sing Y N 337 
TRP CZ3   HZ3    sing N N 338 
TRP CH2   HH2    sing N N 339 
TRP OXT   HXT    sing N N 340 
TYR N     CA     sing N N 341 
TYR N     H      sing N N 342 
TYR N     H2     sing N N 343 
TYR CA    C      sing N N 344 
TYR CA    CB     sing N N 345 
TYR CA    HA     sing N N 346 
TYR C     O      doub N N 347 
TYR C     OXT    sing N N 348 
TYR CB    CG     sing N N 349 
TYR CB    HB2    sing N N 350 
TYR CB    HB3    sing N N 351 
TYR CG    CD1    doub Y N 352 
TYR CG    CD2    sing Y N 353 
TYR CD1   CE1    sing Y N 354 
TYR CD1   HD1    sing N N 355 
TYR CD2   CE2    doub Y N 356 
TYR CD2   HD2    sing N N 357 
TYR CE1   CZ     doub Y N 358 
TYR CE1   HE1    sing N N 359 
TYR CE2   CZ     sing Y N 360 
TYR CE2   HE2    sing N N 361 
TYR CZ    OH     sing N N 362 
TYR OH    HH     sing N N 363 
TYR OXT   HXT    sing N N 364 
VAL N     CA     sing N N 365 
VAL N     H      sing N N 366 
VAL N     H2     sing N N 367 
VAL CA    C      sing N N 368 
VAL CA    CB     sing N N 369 
VAL CA    HA     sing N N 370 
VAL C     O      doub N N 371 
VAL C     OXT    sing N N 372 
VAL CB    CG1    sing N N 373 
VAL CB    CG2    sing N N 374 
VAL CB    HB     sing N N 375 
VAL CG1   HG11   sing N N 376 
VAL CG1   HG12   sing N N 377 
VAL CG1   HG13   sing N N 378 
VAL CG2   HG21   sing N N 379 
VAL CG2   HG22   sing N N 380 
VAL CG2   HG23   sing N N 381 
VAL OXT   HXT    sing N N 382 
# 
loop_
_pdbx_entity_nonpoly.entity_id 
_pdbx_entity_nonpoly.name 
_pdbx_entity_nonpoly.comp_id 
2 'ADENOSINE MONOPHOSPHATE' AMP 
3 water                     HOH 
# 
_pdbx_initial_refinement_model.id               1 
_pdbx_initial_refinement_model.entity_id_list   ? 
_pdbx_initial_refinement_model.type             'experimental model' 
_pdbx_initial_refinement_model.source_name      PDB 
_pdbx_initial_refinement_model.accession_code   4J3K 
_pdbx_initial_refinement_model.details          ? 
# 
